data_9ITG
#
_entry.id   9ITG
#
_cell.length_a   1.00
_cell.length_b   1.00
_cell.length_c   1.00
_cell.angle_alpha   90.00
_cell.angle_beta   90.00
_cell.angle_gamma   90.00
#
_symmetry.space_group_name_H-M   'P 1'
#
loop_
_entity.id
_entity.type
_entity.pdbx_description
1 polymer 'Solute carrier family 53 member 1'
2 non-polymer 'PHOSPHATE ION'
3 non-polymer 'INOSITOL HEXAKISPHOSPHATE'
4 non-polymer CHOLESTEROL
5 non-polymer 1,2-Distearoyl-sn-glycerophosphoethanolamine
6 non-polymer 'CHOLESTEROL HEMISUCCINATE'
7 non-polymer 'PALMITIC ACID'
8 non-polymer '(2S,3R,4E)-3-hydroxy-2-(octanoylamino)octadec-4-en-1-yl dihydrogen phosphate'
9 water water
#
_entity_poly.entity_id   1
_entity_poly.type   'polypeptide(L)'
_entity_poly.pdbx_seq_one_letter_code
;MKFAEHLSAHITPEWRKQYIQYEAFKDMLYSAQDQAPSVEVTDEDTVKRYFAKFEEKFFQTCEKELAKINTFYSEKLAEA
QRRFATLQNELQSSLDAQKESTGVTTLRQRRKPVFHLSHEERVQHRNIKDLKLAFSEFYLSLILLQNYQNLNFTGFRKIL
KKHDKILETSRGADWRVAHVEVAPFYTCKKINQLISETEAVVTNELEDGDRQKAMKRLRVPPLGAAQPAPAWTTFRVGLF
CGIFIVLNITLVLAAVFKLETDRSIWPLIRIYRGGFLLIEFLFLLGINTYGWRQAGVNHVLIFELNPRSNLSHQHLFEIA
GFLGILWCLSLLACFFAPISVIPTYVYPLALYGFMVFFLINPTKTFYYKSRFWLLKLLFRVFTAPFHKVGFADFWLADQL
NSLSVILMDLEYMICFYSLELKWDESKGLLPNNSEESGICHKYTYGVRAIVQCIPAWLRFIQCLRRYRDTKRAFPHLVNA
GKYSTTFFMVTFAALYSTHKERGHSDTMVFFYLWIVFYIISSCYTLIWDLKMDWGLFDKNAGENTFLREEIVYPQKAYYY
CAIIEDVILRFAWTIQISITSTTLLPHSGDIIATVFAPLEVFRRFVWNFFRLENEHLNNCGAARAVRDISVAPLNADDQT
LLEQMMDQDDGVRNRQKNRSWKYNQSISLRRPRLASQSKARDTKVLIEDTDDEANTSRENLYFQ
;
_entity_poly.pdbx_strand_id   A,B
#
loop_
_chem_comp.id
_chem_comp.type
_chem_comp.name
_chem_comp.formula
1T9 non-polymer '(2S,3R,4E)-3-hydroxy-2-(octanoylamino)octadec-4-en-1-yl dihydrogen phosphate' 'C26 H52 N O6 P'
3PE non-polymer 1,2-Distearoyl-sn-glycerophosphoethanolamine 'C41 H82 N O8 P'
CLR non-polymer CHOLESTEROL 'C27 H46 O'
IHP non-polymer 'INOSITOL HEXAKISPHOSPHATE' 'C6 H18 O24 P6'
PLM non-polymer 'PALMITIC ACID' 'C16 H32 O2'
PO4 non-polymer 'PHOSPHATE ION' 'O4 P -3'
Y01 non-polymer 'CHOLESTEROL HEMISUCCINATE' 'C31 H50 O4'
#
# COMPACT_ATOMS: atom_id res chain seq x y z
N MET A 1 15.83 0.14 -14.82
CA MET A 1 16.78 -0.66 -15.63
C MET A 1 16.02 -1.83 -16.27
N LYS A 2 14.74 -1.98 -15.93
CA LYS A 2 13.92 -3.01 -16.60
C LYS A 2 13.06 -2.29 -17.63
N PHE A 3 13.60 -2.01 -18.82
CA PHE A 3 12.83 -1.21 -19.78
C PHE A 3 11.64 -2.05 -20.27
N ALA A 4 11.91 -3.29 -20.64
CA ALA A 4 10.82 -4.17 -21.11
C ALA A 4 9.58 -3.87 -20.28
N GLU A 5 9.66 -3.97 -18.95
CA GLU A 5 8.44 -3.77 -18.12
C GLU A 5 8.03 -2.30 -18.13
N HIS A 6 8.98 -1.38 -18.26
CA HIS A 6 8.69 0.08 -18.28
C HIS A 6 7.82 0.41 -19.49
N LEU A 7 8.18 -0.09 -20.67
CA LEU A 7 7.44 0.17 -21.92
C LEU A 7 6.10 -0.58 -21.86
N SER A 8 6.08 -1.78 -21.25
CA SER A 8 4.86 -2.62 -21.17
C SER A 8 3.80 -1.95 -20.31
N ALA A 9 4.17 -0.99 -19.45
CA ALA A 9 3.23 -0.31 -18.54
C ALA A 9 3.04 1.16 -18.94
N HIS A 10 3.82 1.67 -19.89
CA HIS A 10 3.76 3.10 -20.29
C HIS A 10 3.41 3.22 -21.76
N ILE A 11 2.66 2.26 -22.32
CA ILE A 11 2.26 2.25 -23.75
C ILE A 11 0.75 2.49 -23.84
N THR A 12 0.28 3.35 -24.74
CA THR A 12 -1.17 3.55 -24.99
C THR A 12 -1.66 2.23 -25.57
N PRO A 13 -2.55 1.48 -24.88
CA PRO A 13 -2.93 0.14 -25.36
C PRO A 13 -3.48 0.15 -26.80
N GLU A 14 -4.19 1.20 -27.20
CA GLU A 14 -4.75 1.32 -28.57
C GLU A 14 -3.60 1.36 -29.60
N TRP A 15 -2.47 1.99 -29.28
CA TRP A 15 -1.32 2.15 -30.20
C TRP A 15 -0.24 1.13 -29.89
N ARG A 16 -0.56 0.03 -29.23
CA ARG A 16 0.46 -0.95 -28.82
C ARG A 16 1.29 -1.47 -29.98
N LYS A 17 0.79 -1.38 -31.18
CA LYS A 17 1.46 -1.98 -32.37
C LYS A 17 2.29 -0.92 -33.10
N GLN A 18 2.25 0.34 -32.66
CA GLN A 18 3.06 1.44 -33.25
C GLN A 18 4.34 1.60 -32.42
N TYR A 19 4.49 0.85 -31.33
CA TYR A 19 5.64 0.96 -30.41
C TYR A 19 6.70 -0.07 -30.79
N ILE A 20 7.99 0.29 -30.72
CA ILE A 20 9.13 -0.60 -31.08
C ILE A 20 8.91 -1.96 -30.42
N GLN A 21 9.30 -3.04 -31.08
CA GLN A 21 9.18 -4.42 -30.53
C GLN A 21 10.47 -4.72 -29.77
N TYR A 22 10.54 -4.39 -28.47
CA TYR A 22 11.76 -4.54 -27.65
C TYR A 22 12.04 -6.02 -27.37
N GLU A 23 11.04 -6.78 -26.91
CA GLU A 23 11.23 -8.21 -26.51
C GLU A 23 11.70 -9.04 -27.71
N ALA A 24 11.09 -8.85 -28.89
CA ALA A 24 11.46 -9.60 -30.11
C ALA A 24 12.93 -9.36 -30.43
N PHE A 25 13.39 -8.10 -30.39
CA PHE A 25 14.79 -7.74 -30.68
C PHE A 25 15.70 -8.47 -29.70
N LYS A 26 15.36 -8.43 -28.41
CA LYS A 26 16.16 -9.13 -27.36
C LYS A 26 16.25 -10.60 -27.76
N ASP A 27 15.12 -11.22 -28.10
CA ASP A 27 15.08 -12.64 -28.50
C ASP A 27 16.05 -12.82 -29.67
N MET A 28 16.01 -11.94 -30.67
CA MET A 28 16.89 -12.02 -31.85
C MET A 28 18.35 -11.99 -31.41
N LEU A 29 18.75 -10.99 -30.61
CA LEU A 29 20.15 -10.82 -30.16
C LEU A 29 20.59 -12.06 -29.38
N TYR A 30 19.83 -12.48 -28.37
CA TYR A 30 20.15 -13.63 -27.50
C TYR A 30 20.00 -14.96 -28.25
N SER A 31 19.32 -14.96 -29.39
CA SER A 31 19.17 -16.16 -30.25
C SER A 31 20.46 -16.32 -31.06
N ALA A 32 20.84 -15.29 -31.82
CA ALA A 32 22.10 -15.30 -32.61
C ALA A 32 23.27 -15.41 -31.64
N GLN A 33 23.10 -14.96 -30.39
CA GLN A 33 24.17 -14.98 -29.36
C GLN A 33 24.30 -16.40 -28.81
N ASP A 34 23.20 -17.04 -28.44
CA ASP A 34 23.19 -18.42 -27.86
C ASP A 34 23.60 -19.39 -28.97
N GLN A 35 23.28 -19.09 -30.24
CA GLN A 35 23.59 -19.99 -31.38
C GLN A 35 24.60 -19.33 -32.32
N ALA A 36 25.81 -19.89 -32.45
CA ALA A 36 26.86 -19.37 -33.37
C ALA A 36 27.77 -20.52 -33.79
N PRO A 37 28.59 -20.38 -34.85
CA PRO A 37 29.43 -21.46 -35.37
C PRO A 37 30.69 -21.71 -34.53
N SER A 38 30.77 -21.16 -33.31
CA SER A 38 31.93 -21.34 -32.40
C SER A 38 32.99 -22.24 -33.05
N ASP A 45 36.29 -17.67 -39.40
CA ASP A 45 35.73 -17.54 -40.78
C ASP A 45 34.26 -17.92 -40.76
N THR A 46 33.92 -19.10 -40.22
CA THR A 46 32.51 -19.58 -40.13
C THR A 46 31.69 -18.59 -39.28
N VAL A 47 32.18 -18.23 -38.09
CA VAL A 47 31.49 -17.25 -37.20
C VAL A 47 31.67 -15.86 -37.79
N LYS A 48 32.79 -15.61 -38.47
CA LYS A 48 33.10 -14.29 -39.07
C LYS A 48 32.01 -13.95 -40.09
N ARG A 49 31.56 -14.93 -40.87
CA ARG A 49 30.51 -14.73 -41.90
C ARG A 49 29.14 -14.88 -41.23
N TYR A 50 29.06 -15.67 -40.16
CA TYR A 50 27.79 -15.95 -39.45
C TYR A 50 27.17 -14.64 -38.95
N PHE A 51 27.95 -13.80 -38.27
CA PHE A 51 27.45 -12.53 -37.69
C PHE A 51 27.46 -11.47 -38.79
N ALA A 52 28.09 -11.76 -39.93
CA ALA A 52 28.06 -10.86 -41.10
C ALA A 52 26.68 -11.01 -41.72
N LYS A 53 25.92 -12.03 -41.31
CA LYS A 53 24.55 -12.28 -41.83
C LYS A 53 23.51 -11.93 -40.76
N PHE A 54 23.83 -12.14 -39.47
CA PHE A 54 22.90 -11.84 -38.35
C PHE A 54 22.69 -10.33 -38.25
N GLU A 55 23.76 -9.54 -38.24
CA GLU A 55 23.74 -8.05 -38.17
C GLU A 55 22.93 -7.52 -39.34
N GLU A 56 23.10 -8.08 -40.54
CA GLU A 56 22.33 -7.66 -41.73
C GLU A 56 20.85 -7.73 -41.39
N LYS A 57 20.38 -8.87 -40.89
CA LYS A 57 18.95 -9.06 -40.52
C LYS A 57 18.57 -8.11 -39.39
N PHE A 58 19.40 -8.00 -38.35
CA PHE A 58 19.10 -7.16 -37.17
C PHE A 58 18.90 -5.72 -37.61
N PHE A 59 19.86 -5.16 -38.34
CA PHE A 59 19.81 -3.73 -38.77
C PHE A 59 18.69 -3.58 -39.79
N GLN A 60 18.37 -4.64 -40.54
CA GLN A 60 17.26 -4.63 -41.52
C GLN A 60 15.94 -4.42 -40.77
N THR A 61 15.70 -5.20 -39.71
CA THR A 61 14.47 -5.09 -38.87
C THR A 61 14.39 -3.69 -38.27
N CYS A 62 15.51 -3.13 -37.81
CA CYS A 62 15.56 -1.79 -37.19
C CYS A 62 15.05 -0.74 -38.19
N GLU A 63 15.43 -0.86 -39.47
CA GLU A 63 15.03 0.11 -40.51
C GLU A 63 13.50 0.10 -40.66
N LYS A 64 12.89 -1.09 -40.70
CA LYS A 64 11.41 -1.22 -40.84
C LYS A 64 10.70 -0.59 -39.65
N GLU A 65 11.16 -0.88 -38.43
CA GLU A 65 10.50 -0.39 -37.19
C GLU A 65 10.55 1.14 -37.17
N LEU A 66 11.67 1.75 -37.54
CA LEU A 66 11.82 3.23 -37.53
C LEU A 66 10.87 3.82 -38.58
N ALA A 67 10.70 3.13 -39.71
CA ALA A 67 9.77 3.57 -40.78
C ALA A 67 8.34 3.61 -40.24
N LYS A 68 7.93 2.59 -39.49
CA LYS A 68 6.56 2.50 -38.90
C LYS A 68 6.33 3.67 -37.94
N ILE A 69 7.29 3.96 -37.06
CA ILE A 69 7.13 5.01 -36.01
C ILE A 69 7.02 6.37 -36.70
N ASN A 70 7.78 6.58 -37.78
CA ASN A 70 7.78 7.87 -38.52
C ASN A 70 6.44 8.04 -39.25
N THR A 71 5.92 6.97 -39.85
CA THR A 71 4.62 7.00 -40.58
C THR A 71 3.49 7.25 -39.59
N PHE A 72 3.43 6.51 -38.47
CA PHE A 72 2.36 6.66 -37.45
C PHE A 72 2.43 8.08 -36.89
N TYR A 73 3.65 8.57 -36.61
CA TYR A 73 3.85 9.91 -36.01
C TYR A 73 3.30 10.99 -36.96
N SER A 74 3.60 10.89 -38.26
CA SER A 74 3.16 11.89 -39.27
C SER A 74 1.64 11.96 -39.32
N GLU A 75 0.97 10.80 -39.33
CA GLU A 75 -0.52 10.73 -39.41
C GLU A 75 -1.14 11.48 -38.22
N LYS A 76 -0.69 11.21 -36.99
CA LYS A 76 -1.28 11.81 -35.77
C LYS A 76 -1.11 13.33 -35.77
N LEU A 77 0.05 13.84 -36.18
CA LEU A 77 0.33 15.30 -36.16
C LEU A 77 -0.67 16.00 -37.09
N ALA A 78 -0.92 15.45 -38.27
CA ALA A 78 -1.87 16.03 -39.24
C ALA A 78 -3.24 16.14 -38.57
N GLU A 79 -3.71 15.07 -37.93
CA GLU A 79 -5.01 15.05 -37.21
C GLU A 79 -4.99 16.12 -36.11
N ALA A 80 -3.86 16.29 -35.42
CA ALA A 80 -3.71 17.28 -34.33
C ALA A 80 -3.90 18.70 -34.88
N GLN A 81 -3.29 18.99 -36.03
CA GLN A 81 -3.41 20.33 -36.67
C GLN A 81 -4.87 20.55 -37.07
N ARG A 82 -5.54 19.55 -37.62
CA ARG A 82 -6.93 19.68 -38.00
C ARG A 82 -7.84 19.95 -36.80
N ARG A 83 -7.74 19.14 -35.76
CA ARG A 83 -8.57 19.35 -34.58
C ARG A 83 -8.31 20.71 -33.94
N PHE A 84 -7.06 21.15 -33.97
CA PHE A 84 -6.70 22.47 -33.43
C PHE A 84 -7.47 23.55 -34.20
N ALA A 85 -7.39 23.54 -35.53
CA ALA A 85 -8.08 24.51 -36.39
C ALA A 85 -9.59 24.43 -36.10
N THR A 86 -10.12 23.21 -35.98
CA THR A 86 -11.57 22.99 -35.72
C THR A 86 -12.00 23.73 -34.45
N LEU A 87 -11.40 23.43 -33.30
CA LEU A 87 -11.79 24.04 -32.01
C LEU A 87 -11.55 25.55 -32.09
N GLN A 88 -10.46 25.98 -32.72
CA GLN A 88 -10.11 27.43 -32.83
C GLN A 88 -11.30 28.18 -33.41
N ASN A 89 -11.83 27.71 -34.54
CA ASN A 89 -12.98 28.36 -35.22
C ASN A 89 -14.21 28.36 -34.30
N GLU A 90 -14.52 27.23 -33.68
CA GLU A 90 -15.71 27.10 -32.79
C GLU A 90 -15.64 28.16 -31.69
N LEU A 91 -14.48 28.32 -31.05
CA LEU A 91 -14.31 29.30 -29.94
C LEU A 91 -14.47 30.70 -30.51
N GLN A 92 -13.74 31.00 -31.58
CA GLN A 92 -13.82 32.33 -32.24
C GLN A 92 -15.29 32.63 -32.50
N SER A 93 -16.00 31.68 -33.13
CA SER A 93 -17.43 31.83 -33.46
C SER A 93 -18.23 32.01 -32.17
N SER A 94 -17.91 31.24 -31.14
CA SER A 94 -18.62 31.31 -29.83
C SER A 94 -18.46 32.70 -29.23
N LEU A 95 -17.22 33.21 -29.17
CA LEU A 95 -16.95 34.57 -28.63
C LEU A 95 -17.64 35.59 -29.53
N ASP A 96 -17.56 35.40 -30.85
CA ASP A 96 -18.17 36.33 -31.84
C ASP A 96 -19.69 36.34 -31.61
N ALA A 97 -20.28 35.18 -31.34
CA ALA A 97 -21.75 35.05 -31.12
C ALA A 97 -22.13 35.72 -29.80
N GLN A 98 -21.43 35.41 -28.71
CA GLN A 98 -21.73 35.97 -27.37
C GLN A 98 -21.51 37.50 -27.42
N LYS A 99 -20.41 37.94 -28.02
CA LYS A 99 -20.08 39.40 -28.13
C LYS A 99 -21.09 40.04 -29.09
N GLU A 100 -21.49 39.34 -30.15
CA GLU A 100 -22.44 39.87 -31.16
C GLU A 100 -23.84 39.89 -30.54
N SER A 101 -24.09 39.07 -29.51
CA SER A 101 -25.42 38.98 -28.84
C SER A 101 -25.45 39.89 -27.62
N HIS A 119 -32.26 31.97 -21.62
CA HIS A 119 -32.14 30.68 -22.34
C HIS A 119 -30.82 30.69 -23.10
N GLU A 120 -30.45 31.84 -23.66
CA GLU A 120 -29.18 31.99 -24.42
C GLU A 120 -28.02 31.81 -23.44
N GLU A 121 -28.16 32.34 -22.22
CA GLU A 121 -27.09 32.24 -21.23
C GLU A 121 -26.83 30.81 -20.82
N ARG A 122 -27.89 30.04 -20.58
CA ARG A 122 -27.75 28.64 -20.16
C ARG A 122 -27.14 27.81 -21.25
N VAL A 123 -27.63 27.99 -22.47
CA VAL A 123 -27.11 27.21 -23.64
C VAL A 123 -25.67 27.66 -23.89
N GLN A 124 -25.41 28.97 -23.82
CA GLN A 124 -24.05 29.53 -24.08
C GLN A 124 -23.14 29.09 -22.93
N HIS A 125 -23.68 28.93 -21.72
CA HIS A 125 -22.90 28.44 -20.56
C HIS A 125 -22.39 27.04 -20.90
N ARG A 126 -23.27 26.18 -21.42
CA ARG A 126 -22.85 24.86 -21.83
C ARG A 126 -21.87 25.02 -22.95
N ASN A 127 -22.16 25.91 -23.88
CA ASN A 127 -21.25 26.16 -25.04
C ASN A 127 -19.85 26.39 -24.50
N ILE A 128 -19.70 27.24 -23.47
CA ILE A 128 -18.38 27.52 -22.84
C ILE A 128 -17.84 26.19 -22.27
N LYS A 129 -18.67 25.48 -21.51
CA LYS A 129 -18.27 24.21 -20.87
C LYS A 129 -17.86 23.21 -21.95
N ASP A 130 -18.56 23.21 -23.08
CA ASP A 130 -18.27 22.28 -24.19
C ASP A 130 -16.90 22.63 -24.78
N LEU A 131 -16.63 23.90 -25.01
CA LEU A 131 -15.34 24.37 -25.57
C LEU A 131 -14.22 23.99 -24.59
N LYS A 132 -14.47 24.12 -23.28
CA LYS A 132 -13.43 23.85 -22.24
C LYS A 132 -13.05 22.36 -22.25
N LEU A 133 -14.02 21.44 -22.33
CA LEU A 133 -13.74 19.98 -22.36
C LEU A 133 -13.02 19.64 -23.65
N ALA A 134 -13.32 20.34 -24.74
CA ALA A 134 -12.70 20.08 -26.06
C ALA A 134 -11.20 20.37 -25.98
N PHE A 135 -10.81 21.54 -25.44
CA PHE A 135 -9.38 21.95 -25.35
C PHE A 135 -8.65 21.05 -24.37
N SER A 136 -9.27 20.66 -23.25
CA SER A 136 -8.67 19.73 -22.26
C SER A 136 -8.39 18.38 -22.95
N GLU A 137 -9.35 17.85 -23.70
CA GLU A 137 -9.20 16.55 -24.41
C GLU A 137 -8.11 16.67 -25.48
N PHE A 138 -8.03 17.79 -26.20
CA PHE A 138 -7.01 18.02 -27.24
C PHE A 138 -5.63 17.99 -26.60
N TYR A 139 -5.44 18.68 -25.47
CA TYR A 139 -4.14 18.76 -24.77
C TYR A 139 -3.69 17.34 -24.42
N LEU A 140 -4.56 16.52 -23.83
CA LEU A 140 -4.24 15.13 -23.44
C LEU A 140 -3.68 14.38 -24.66
N SER A 141 -4.23 14.60 -25.86
CA SER A 141 -3.81 13.92 -27.09
C SER A 141 -2.39 14.35 -27.47
N LEU A 142 -2.06 15.63 -27.34
CA LEU A 142 -0.72 16.16 -27.68
C LEU A 142 0.31 15.55 -26.73
N ILE A 143 -0.03 15.41 -25.45
CA ILE A 143 0.88 14.82 -24.41
C ILE A 143 1.10 13.35 -24.73
N LEU A 144 0.05 12.62 -25.10
CA LEU A 144 0.14 11.18 -25.47
C LEU A 144 1.11 11.03 -26.65
N LEU A 145 1.05 11.94 -27.63
CA LEU A 145 1.93 11.87 -28.83
C LEU A 145 3.37 12.22 -28.45
N GLN A 146 3.59 13.16 -27.52
CA GLN A 146 4.95 13.49 -27.03
C GLN A 146 5.56 12.27 -26.34
N ASN A 147 4.82 11.61 -25.46
CA ASN A 147 5.30 10.43 -24.70
C ASN A 147 5.58 9.28 -25.67
N TYR A 148 4.93 9.26 -26.83
CA TYR A 148 5.15 8.23 -27.88
C TYR A 148 6.58 8.33 -28.36
N GLN A 149 6.98 9.51 -28.87
CA GLN A 149 8.34 9.76 -29.40
C GLN A 149 9.39 9.52 -28.32
N ASN A 150 9.13 9.95 -27.08
CA ASN A 150 10.09 9.83 -25.96
C ASN A 150 10.40 8.37 -25.64
N LEU A 151 9.41 7.47 -25.60
CA LEU A 151 9.62 6.06 -25.19
C LEU A 151 10.12 5.23 -26.38
N ASN A 152 9.96 5.72 -27.61
CA ASN A 152 10.37 4.99 -28.83
C ASN A 152 11.86 5.24 -29.06
N PHE A 153 12.37 6.42 -28.69
CA PHE A 153 13.80 6.80 -28.79
C PHE A 153 14.59 6.11 -27.67
N THR A 154 14.02 6.03 -26.47
CA THR A 154 14.66 5.35 -25.31
C THR A 154 14.85 3.87 -25.66
N GLY A 155 13.84 3.23 -26.26
CA GLY A 155 13.90 1.81 -26.63
C GLY A 155 14.98 1.58 -27.67
N PHE A 156 15.09 2.45 -28.66
CA PHE A 156 16.12 2.35 -29.72
C PHE A 156 17.52 2.40 -29.09
N ARG A 157 17.76 3.37 -28.22
CA ARG A 157 19.05 3.50 -27.55
C ARG A 157 19.39 2.34 -26.62
N LYS A 158 18.42 1.87 -25.86
CA LYS A 158 18.65 0.78 -24.87
C LYS A 158 18.90 -0.56 -25.58
N ILE A 159 18.20 -0.82 -26.69
CA ILE A 159 18.35 -2.10 -27.47
C ILE A 159 19.66 -2.04 -28.26
N LEU A 160 19.97 -0.90 -28.87
CA LEU A 160 21.21 -0.74 -29.69
C LEU A 160 22.42 -0.97 -28.78
N LYS A 161 22.39 -0.48 -27.53
CA LYS A 161 23.47 -0.69 -26.54
C LYS A 161 23.57 -2.18 -26.21
N LYS A 162 22.45 -2.89 -26.08
CA LYS A 162 22.40 -4.36 -25.84
C LYS A 162 22.97 -5.09 -27.05
N HIS A 163 22.80 -4.55 -28.26
CA HIS A 163 23.34 -5.16 -29.51
C HIS A 163 24.87 -5.04 -29.50
N ASP A 164 25.40 -3.84 -29.28
CA ASP A 164 26.86 -3.61 -29.26
C ASP A 164 27.46 -4.39 -28.08
N LYS A 165 26.72 -4.50 -26.98
CA LYS A 165 27.20 -5.18 -25.75
C LYS A 165 27.16 -6.70 -25.95
N ILE A 166 26.28 -7.19 -26.83
CA ILE A 166 26.14 -8.66 -27.11
C ILE A 166 27.06 -9.04 -28.28
N LEU A 167 27.12 -8.20 -29.32
CA LEU A 167 27.93 -8.50 -30.53
C LEU A 167 29.34 -7.92 -30.36
N GLU A 168 29.61 -7.23 -29.24
CA GLU A 168 30.94 -6.66 -28.95
C GLU A 168 31.42 -5.85 -30.15
N THR A 169 30.55 -5.00 -30.73
CA THR A 169 30.89 -4.16 -31.91
C THR A 169 30.43 -2.73 -31.64
N SER A 170 30.65 -1.80 -32.59
CA SER A 170 30.26 -0.37 -32.44
C SER A 170 29.28 0.02 -33.55
N ARG A 171 28.68 -0.95 -34.23
CA ARG A 171 27.75 -0.63 -35.30
C ARG A 171 26.47 0.00 -34.77
N GLY A 172 25.98 -0.49 -33.63
CA GLY A 172 24.76 0.07 -33.02
C GLY A 172 24.88 1.57 -32.84
N ALA A 173 26.00 2.03 -32.28
CA ALA A 173 26.26 3.48 -32.07
C ALA A 173 26.21 4.19 -33.43
N ASP A 174 26.88 3.64 -34.44
CA ASP A 174 26.91 4.23 -35.80
C ASP A 174 25.47 4.31 -36.32
N TRP A 175 24.72 3.21 -36.27
CA TRP A 175 23.32 3.13 -36.76
C TRP A 175 22.50 4.26 -36.10
N ARG A 176 22.53 4.37 -34.78
CA ARG A 176 21.70 5.35 -34.05
C ARG A 176 22.02 6.77 -34.47
N VAL A 177 23.29 7.16 -34.48
CA VAL A 177 23.71 8.57 -34.75
C VAL A 177 23.39 8.97 -36.19
N ALA A 178 23.34 8.02 -37.13
CA ALA A 178 23.13 8.33 -38.57
C ALA A 178 21.66 8.12 -38.97
N HIS A 179 20.85 7.44 -38.14
CA HIS A 179 19.45 7.10 -38.51
C HIS A 179 18.44 7.61 -37.49
N VAL A 180 18.36 7.01 -36.29
CA VAL A 180 17.31 7.36 -35.29
C VAL A 180 17.54 8.80 -34.81
N GLU A 181 18.79 9.20 -34.58
CA GLU A 181 19.12 10.54 -34.05
C GLU A 181 18.68 11.61 -35.05
N VAL A 182 18.50 11.25 -36.32
CA VAL A 182 18.08 12.19 -37.40
C VAL A 182 16.64 11.90 -37.78
N ALA A 183 16.05 10.79 -37.32
CA ALA A 183 14.67 10.37 -37.68
C ALA A 183 13.68 11.49 -37.35
N PRO A 184 12.68 11.76 -38.22
CA PRO A 184 11.70 12.82 -37.98
C PRO A 184 10.89 12.61 -36.69
N PHE A 185 10.58 11.36 -36.33
CA PHE A 185 9.83 11.04 -35.09
C PHE A 185 10.62 11.53 -33.89
N TYR A 186 11.93 11.74 -34.03
CA TYR A 186 12.83 12.18 -32.93
C TYR A 186 13.36 13.59 -33.20
N THR A 187 13.17 14.12 -34.41
CA THR A 187 13.73 15.45 -34.81
C THR A 187 12.63 16.51 -34.86
N CYS A 188 11.40 16.15 -35.22
CA CYS A 188 10.27 17.11 -35.35
C CYS A 188 10.11 17.90 -34.05
N LYS A 189 9.71 19.17 -34.12
CA LYS A 189 9.51 20.03 -32.92
C LYS A 189 8.26 20.89 -33.10
N LYS A 190 7.11 20.28 -33.41
CA LYS A 190 5.83 21.02 -33.64
C LYS A 190 4.83 20.68 -32.54
N ILE A 191 4.87 19.47 -31.99
CA ILE A 191 3.97 19.05 -30.89
C ILE A 191 4.18 20.03 -29.73
N ASN A 192 5.44 20.37 -29.41
CA ASN A 192 5.78 21.27 -28.28
C ASN A 192 5.11 22.63 -28.50
N GLN A 193 5.20 23.16 -29.73
CA GLN A 193 4.59 24.47 -30.09
C GLN A 193 3.07 24.38 -29.94
N LEU A 194 2.47 23.28 -30.43
CA LEU A 194 1.00 23.10 -30.38
C LEU A 194 0.54 23.09 -28.92
N ILE A 195 1.25 22.36 -28.06
CA ILE A 195 0.91 22.25 -26.61
C ILE A 195 0.95 23.63 -25.98
N SER A 196 1.98 24.43 -26.26
CA SER A 196 2.14 25.81 -25.72
C SER A 196 1.05 26.71 -26.30
N GLU A 197 0.71 26.56 -27.58
CA GLU A 197 -0.33 27.39 -28.24
C GLU A 197 -1.68 27.15 -27.54
N THR A 198 -2.04 25.89 -27.30
CA THR A 198 -3.35 25.54 -26.69
C THR A 198 -3.43 26.14 -25.29
N GLU A 199 -2.41 25.95 -24.45
CA GLU A 199 -2.42 26.42 -23.04
C GLU A 199 -2.53 27.95 -23.04
N ALA A 200 -1.87 28.63 -23.97
CA ALA A 200 -1.92 30.10 -24.10
C ALA A 200 -3.35 30.52 -24.44
N VAL A 201 -4.01 29.83 -25.37
CA VAL A 201 -5.39 30.17 -25.82
C VAL A 201 -6.37 29.90 -24.67
N VAL A 202 -6.25 28.76 -23.98
CA VAL A 202 -7.18 28.37 -22.88
C VAL A 202 -7.05 29.41 -21.76
N THR A 203 -5.87 30.00 -21.55
CA THR A 203 -5.62 30.96 -20.45
C THR A 203 -6.05 32.37 -20.85
N ASN A 204 -5.94 32.74 -22.13
CA ASN A 204 -6.24 34.11 -22.59
C ASN A 204 -7.68 34.21 -23.13
N GLU A 205 -8.41 33.10 -23.21
CA GLU A 205 -9.77 33.09 -23.80
C GLU A 205 -10.80 32.58 -22.78
N LEU A 206 -10.57 31.42 -22.16
CA LEU A 206 -11.56 30.78 -21.26
C LEU A 206 -11.35 31.21 -19.81
N GLU A 207 -10.16 30.95 -19.26
CA GLU A 207 -9.84 31.30 -17.83
C GLU A 207 -9.90 32.82 -17.67
N ASP A 208 -9.88 33.58 -18.77
CA ASP A 208 -9.88 35.06 -18.72
C ASP A 208 -8.60 35.47 -17.98
N GLY A 209 -7.49 34.75 -18.13
CA GLY A 209 -6.20 35.22 -17.60
C GLY A 209 -5.81 34.64 -16.25
N ASP A 210 -5.47 33.36 -16.19
CA ASP A 210 -4.95 32.72 -14.95
C ASP A 210 -4.33 31.40 -15.38
N ARG A 211 -3.00 31.31 -15.45
CA ARG A 211 -2.32 30.10 -15.89
C ARG A 211 -2.36 29.06 -14.79
N GLN A 212 -2.64 29.50 -13.58
CA GLN A 212 -2.68 28.59 -12.42
C GLN A 212 -3.95 27.77 -12.52
N LYS A 213 -5.05 28.37 -12.97
CA LYS A 213 -6.35 27.66 -13.17
C LYS A 213 -6.31 26.87 -14.48
N ALA A 214 -5.79 27.47 -15.54
CA ALA A 214 -5.72 26.83 -16.88
C ALA A 214 -4.87 25.58 -16.80
N MET A 215 -3.68 25.66 -16.20
CA MET A 215 -2.74 24.52 -16.10
C MET A 215 -3.37 23.46 -15.18
N LYS A 216 -4.05 23.89 -14.12
CA LYS A 216 -4.72 22.97 -13.17
C LYS A 216 -5.78 22.17 -13.92
N ARG A 217 -6.35 22.74 -14.99
CA ARG A 217 -7.40 22.08 -15.80
C ARG A 217 -6.76 21.23 -16.89
N LEU A 218 -5.74 21.73 -17.60
CA LEU A 218 -5.16 21.02 -18.77
C LEU A 218 -3.94 20.16 -18.40
N ARG A 219 -3.65 19.93 -17.12
CA ARG A 219 -2.46 19.16 -16.72
C ARG A 219 -2.76 17.68 -16.63
N VAL A 220 -1.96 16.85 -17.26
CA VAL A 220 -2.21 15.38 -17.35
C VAL A 220 -1.32 14.66 -16.33
N PRO A 221 -1.90 13.97 -15.31
CA PRO A 221 -1.10 13.22 -14.33
C PRO A 221 -0.78 11.81 -14.84
N PRO A 222 -0.11 10.94 -14.05
CA PRO A 222 0.15 9.56 -14.47
C PRO A 222 -1.16 8.77 -14.66
N LEU A 223 -1.36 8.11 -15.80
CA LEU A 223 -2.62 7.39 -16.10
C LEU A 223 -2.31 5.94 -16.51
N GLY A 224 -3.31 5.04 -16.42
CA GLY A 224 -3.15 3.65 -16.88
C GLY A 224 -2.76 2.69 -15.77
N ALA A 225 -1.76 1.84 -15.99
CA ALA A 225 -1.25 0.87 -14.99
C ALA A 225 0.09 1.38 -14.47
N ALA A 226 0.40 2.67 -14.63
CA ALA A 226 1.68 3.26 -14.22
C ALA A 226 1.51 4.13 -12.97
N GLN A 227 0.32 4.14 -12.36
CA GLN A 227 0.03 4.96 -11.15
C GLN A 227 -0.49 4.05 -10.04
N PRO A 228 0.04 4.14 -8.79
CA PRO A 228 -0.38 3.28 -7.69
C PRO A 228 -1.51 3.90 -6.85
N ALA A 229 -1.94 3.23 -5.77
CA ALA A 229 -3.01 3.73 -4.87
C ALA A 229 -2.41 4.09 -3.51
N PRO A 230 -3.06 4.94 -2.71
CA PRO A 230 -2.58 5.27 -1.37
C PRO A 230 -2.49 4.02 -0.50
N ALA A 231 -1.50 3.94 0.40
CA ALA A 231 -1.32 2.79 1.31
C ALA A 231 -2.44 2.82 2.36
N TRP A 232 -3.05 3.99 2.60
CA TRP A 232 -4.20 4.08 3.54
C TRP A 232 -5.36 3.29 2.93
N THR A 233 -5.50 3.32 1.60
CA THR A 233 -6.56 2.57 0.87
C THR A 233 -6.28 1.07 1.01
N THR A 234 -5.03 0.64 0.78
CA THR A 234 -4.64 -0.78 0.91
C THR A 234 -4.87 -1.24 2.33
N PHE A 235 -4.56 -0.42 3.33
CA PHE A 235 -4.71 -0.75 4.75
C PHE A 235 -6.19 -0.87 5.10
N ARG A 236 -6.99 0.14 4.81
CA ARG A 236 -8.41 0.09 5.09
C ARG A 236 -9.03 -1.11 4.42
N VAL A 237 -8.74 -1.31 3.14
CA VAL A 237 -9.30 -2.46 2.37
C VAL A 237 -9.02 -3.73 3.19
N GLY A 238 -7.77 -3.95 3.59
CA GLY A 238 -7.38 -5.16 4.34
C GLY A 238 -8.05 -5.21 5.71
N LEU A 239 -8.19 -4.06 6.38
CA LEU A 239 -8.78 -3.99 7.73
C LEU A 239 -10.25 -4.44 7.67
N PHE A 240 -11.05 -3.84 6.79
CA PHE A 240 -12.49 -4.16 6.65
C PHE A 240 -12.63 -5.66 6.35
N CYS A 241 -11.76 -6.20 5.50
CA CYS A 241 -11.78 -7.65 5.12
C CYS A 241 -11.58 -8.53 6.36
N GLY A 242 -10.56 -8.24 7.18
CA GLY A 242 -10.23 -9.03 8.38
C GLY A 242 -11.37 -9.08 9.38
N ILE A 243 -12.04 -7.94 9.62
CA ILE A 243 -13.21 -7.87 10.54
C ILE A 243 -14.33 -8.70 9.92
N PHE A 244 -14.57 -8.57 8.62
CA PHE A 244 -15.64 -9.32 7.90
C PHE A 244 -15.42 -10.83 8.07
N ILE A 245 -14.19 -11.31 7.88
CA ILE A 245 -13.87 -12.77 7.97
C ILE A 245 -14.22 -13.27 9.37
N VAL A 246 -13.92 -12.50 10.41
CA VAL A 246 -14.15 -12.94 11.83
C VAL A 246 -15.65 -12.88 12.14
N LEU A 247 -16.35 -11.84 11.69
CA LEU A 247 -17.80 -11.67 11.94
C LEU A 247 -18.58 -12.74 11.16
N ASN A 248 -17.95 -13.45 10.22
CA ASN A 248 -18.59 -14.55 9.45
C ASN A 248 -18.48 -15.87 10.20
N ILE A 249 -17.31 -16.23 10.72
CA ILE A 249 -17.11 -17.48 11.51
C ILE A 249 -18.07 -17.43 12.71
N THR A 250 -18.25 -16.25 13.31
CA THR A 250 -19.15 -16.06 14.47
C THR A 250 -20.59 -16.38 14.05
N LEU A 251 -21.03 -15.91 12.89
CA LEU A 251 -22.43 -16.10 12.40
C LEU A 251 -22.70 -17.58 12.17
N VAL A 252 -21.67 -18.37 11.81
CA VAL A 252 -21.80 -19.84 11.62
C VAL A 252 -22.04 -20.50 12.98
N LEU A 253 -21.16 -20.25 13.96
CA LEU A 253 -21.29 -20.85 15.32
C LEU A 253 -22.60 -20.42 15.95
N ALA A 254 -22.89 -19.11 15.97
CA ALA A 254 -24.12 -18.57 16.58
C ALA A 254 -25.34 -19.17 15.86
N ALA A 255 -25.25 -19.39 14.55
CA ALA A 255 -26.35 -19.98 13.74
C ALA A 255 -26.48 -21.47 14.08
N VAL A 256 -25.46 -22.06 14.70
CA VAL A 256 -25.45 -23.51 15.04
C VAL A 256 -25.77 -23.67 16.53
N PHE A 257 -25.96 -22.59 17.29
CA PHE A 257 -26.18 -22.69 18.76
C PHE A 257 -27.41 -21.89 19.22
N LYS A 258 -27.33 -20.56 19.24
CA LYS A 258 -28.42 -19.71 19.81
C LYS A 258 -29.74 -19.88 19.05
N LEU A 259 -29.72 -20.19 17.76
CA LEU A 259 -30.96 -20.29 16.94
C LEU A 259 -31.85 -21.41 17.44
N GLU A 260 -33.18 -21.30 17.27
CA GLU A 260 -34.16 -22.33 17.72
C GLU A 260 -34.86 -22.93 16.51
N THR A 261 -35.43 -24.14 16.64
CA THR A 261 -36.10 -24.85 15.51
C THR A 261 -37.60 -24.58 15.56
N ASP A 262 -38.11 -24.13 16.70
CA ASP A 262 -39.56 -23.84 16.87
C ASP A 262 -40.00 -22.83 15.80
N ARG A 263 -39.13 -21.88 15.44
CA ARG A 263 -39.45 -20.83 14.44
C ARG A 263 -38.74 -21.13 13.12
N SER A 264 -39.15 -20.51 12.02
CA SER A 264 -38.55 -20.73 10.68
C SER A 264 -37.36 -19.79 10.46
N ILE A 265 -36.64 -19.93 9.35
CA ILE A 265 -35.48 -19.06 9.01
C ILE A 265 -35.63 -18.61 7.56
N TRP A 266 -36.82 -18.69 6.97
CA TRP A 266 -37.04 -18.37 5.54
C TRP A 266 -37.36 -16.89 5.34
N PRO A 267 -38.30 -16.27 6.08
CA PRO A 267 -38.53 -14.84 5.95
C PRO A 267 -37.18 -14.11 6.11
N LEU A 268 -36.30 -14.62 6.97
CA LEU A 268 -34.96 -14.03 7.22
C LEU A 268 -34.08 -14.25 5.99
N ILE A 269 -33.84 -15.51 5.59
CA ILE A 269 -32.99 -15.84 4.42
C ILE A 269 -33.50 -15.03 3.22
N ARG A 270 -34.79 -14.73 3.16
CA ARG A 270 -35.40 -13.99 2.03
C ARG A 270 -34.93 -12.53 2.00
N ILE A 271 -34.95 -11.85 3.15
CA ILE A 271 -34.62 -10.39 3.22
C ILE A 271 -33.10 -10.21 3.14
N TYR A 272 -32.32 -10.98 3.89
CA TYR A 272 -30.84 -10.81 3.96
C TYR A 272 -30.13 -11.39 2.73
N ARG A 273 -30.74 -12.31 1.97
CA ARG A 273 -30.14 -12.87 0.73
C ARG A 273 -29.82 -11.75 -0.26
N GLY A 274 -30.70 -10.75 -0.37
CA GLY A 274 -30.51 -9.63 -1.31
C GLY A 274 -29.21 -8.87 -1.06
N GLY A 275 -28.93 -8.54 0.20
CA GLY A 275 -27.71 -7.80 0.56
C GLY A 275 -26.46 -8.57 0.19
N PHE A 276 -26.46 -9.89 0.36
CA PHE A 276 -25.28 -10.73 0.04
C PHE A 276 -24.92 -10.59 -1.44
N LEU A 277 -25.92 -10.54 -2.32
CA LEU A 277 -25.70 -10.43 -3.78
C LEU A 277 -25.06 -9.07 -4.12
N LEU A 278 -25.58 -7.97 -3.56
CA LEU A 278 -25.07 -6.61 -3.87
C LEU A 278 -23.61 -6.49 -3.45
N ILE A 279 -23.23 -7.08 -2.32
CA ILE A 279 -21.84 -6.99 -1.79
C ILE A 279 -20.95 -7.85 -2.69
N GLU A 280 -21.42 -9.01 -3.12
CA GLU A 280 -20.67 -9.92 -4.02
C GLU A 280 -20.46 -9.21 -5.36
N PHE A 281 -21.44 -8.45 -5.83
CA PHE A 281 -21.35 -7.71 -7.12
C PHE A 281 -20.20 -6.69 -7.03
N LEU A 282 -20.19 -5.84 -5.99
CA LEU A 282 -19.17 -4.76 -5.85
C LEU A 282 -17.79 -5.41 -5.70
N PHE A 283 -17.67 -6.54 -5.00
CA PHE A 283 -16.38 -7.25 -4.80
C PHE A 283 -15.89 -7.84 -6.12
N LEU A 284 -16.75 -8.55 -6.85
CA LEU A 284 -16.39 -9.20 -8.13
C LEU A 284 -16.15 -8.11 -9.20
N LEU A 285 -16.80 -6.95 -9.07
CA LEU A 285 -16.66 -5.83 -10.04
C LEU A 285 -15.29 -5.18 -9.88
N GLY A 286 -14.77 -5.09 -8.66
CA GLY A 286 -13.41 -4.57 -8.42
C GLY A 286 -12.37 -5.48 -9.03
N ILE A 287 -12.62 -6.79 -9.04
CA ILE A 287 -11.69 -7.79 -9.64
C ILE A 287 -11.75 -7.65 -11.17
N ASN A 288 -12.84 -7.10 -11.71
CA ASN A 288 -12.95 -6.83 -13.16
C ASN A 288 -12.11 -5.59 -13.48
N THR A 289 -12.29 -4.49 -12.74
CA THR A 289 -11.52 -3.24 -12.94
C THR A 289 -10.04 -3.60 -12.94
N TYR A 290 -9.62 -4.51 -12.07
CA TYR A 290 -8.20 -4.95 -11.96
C TYR A 290 -7.77 -5.64 -13.25
N GLY A 291 -8.53 -6.61 -13.74
CA GLY A 291 -8.18 -7.37 -14.97
C GLY A 291 -8.17 -6.49 -16.20
N TRP A 292 -9.12 -5.57 -16.31
CA TRP A 292 -9.20 -4.63 -17.46
C TRP A 292 -7.97 -3.74 -17.47
N ARG A 293 -7.51 -3.27 -16.30
CA ARG A 293 -6.35 -2.35 -16.17
C ARG A 293 -5.04 -3.08 -16.47
N GLN A 294 -4.87 -4.31 -16.02
CA GLN A 294 -3.61 -5.07 -16.17
C GLN A 294 -3.52 -5.71 -17.56
N ALA A 295 -4.64 -5.86 -18.27
CA ALA A 295 -4.69 -6.50 -19.61
C ALA A 295 -4.48 -5.44 -20.71
N GLY A 296 -4.97 -4.21 -20.50
CA GLY A 296 -4.81 -3.11 -21.47
C GLY A 296 -6.14 -2.64 -22.03
N VAL A 297 -7.26 -3.12 -21.49
CA VAL A 297 -8.62 -2.72 -21.94
C VAL A 297 -8.90 -1.34 -21.34
N ASN A 298 -8.92 -0.29 -22.17
CA ASN A 298 -9.12 1.11 -21.70
C ASN A 298 -10.61 1.29 -21.39
N HIS A 299 -11.06 0.84 -20.22
CA HIS A 299 -12.48 0.94 -19.81
C HIS A 299 -12.80 2.39 -19.43
N VAL A 300 -11.79 3.26 -19.37
CA VAL A 300 -11.97 4.69 -19.02
C VAL A 300 -12.38 5.45 -20.28
N LEU A 301 -12.23 4.85 -21.47
CA LEU A 301 -12.66 5.46 -22.75
C LEU A 301 -13.98 4.80 -23.17
N ILE A 302 -14.18 3.52 -22.84
CA ILE A 302 -15.42 2.77 -23.18
C ILE A 302 -16.57 3.32 -22.33
N PHE A 303 -16.32 3.64 -21.06
CA PHE A 303 -17.36 4.14 -20.11
C PHE A 303 -17.29 5.66 -20.02
N GLU A 304 -16.42 6.31 -20.80
CA GLU A 304 -16.30 7.79 -20.82
C GLU A 304 -16.14 8.29 -19.38
N LEU A 305 -15.05 7.93 -18.71
CA LEU A 305 -14.75 8.36 -17.31
C LEU A 305 -13.56 9.32 -17.35
N ASN A 306 -13.59 10.39 -16.55
CA ASN A 306 -12.51 11.41 -16.52
C ASN A 306 -11.16 10.71 -16.69
N PRO A 307 -10.38 11.02 -17.74
CA PRO A 307 -9.11 10.34 -18.00
C PRO A 307 -8.05 10.56 -16.93
N ARG A 308 -8.13 11.65 -16.15
CA ARG A 308 -7.09 12.02 -15.16
C ARG A 308 -7.58 11.77 -13.73
N SER A 309 -8.89 11.69 -13.49
CA SER A 309 -9.47 11.46 -12.14
C SER A 309 -10.52 10.34 -12.18
N ASN A 310 -10.16 9.11 -11.80
CA ASN A 310 -11.06 7.93 -11.84
C ASN A 310 -10.73 7.00 -10.67
N LEU A 311 -11.70 6.21 -10.18
CA LEU A 311 -11.51 5.28 -9.02
C LEU A 311 -10.64 4.10 -9.44
N SER A 312 -10.16 3.30 -8.50
CA SER A 312 -9.31 2.10 -8.78
C SER A 312 -9.97 0.85 -8.19
N HIS A 313 -9.42 -0.32 -8.47
CA HIS A 313 -9.97 -1.60 -7.94
C HIS A 313 -9.99 -1.54 -6.41
N GLN A 314 -9.03 -0.83 -5.79
CA GLN A 314 -8.90 -0.75 -4.32
C GLN A 314 -10.13 -0.05 -3.72
N HIS A 315 -10.64 0.99 -4.36
CA HIS A 315 -11.79 1.77 -3.82
C HIS A 315 -13.03 0.89 -3.78
N LEU A 316 -13.22 0.01 -4.77
CA LEU A 316 -14.38 -0.92 -4.83
C LEU A 316 -14.22 -1.98 -3.76
N PHE A 317 -13.04 -2.59 -3.64
CA PHE A 317 -12.75 -3.62 -2.60
C PHE A 317 -13.02 -3.02 -1.22
N GLU A 318 -12.81 -1.72 -1.05
CA GLU A 318 -13.01 -1.00 0.24
C GLU A 318 -14.49 -0.88 0.56
N ILE A 319 -15.32 -0.48 -0.41
CA ILE A 319 -16.78 -0.31 -0.20
C ILE A 319 -17.43 -1.69 0.00
N ALA A 320 -16.91 -2.74 -0.64
CA ALA A 320 -17.41 -4.12 -0.48
C ALA A 320 -17.23 -4.54 0.99
N GLY A 321 -16.05 -4.32 1.56
CA GLY A 321 -15.74 -4.70 2.95
C GLY A 321 -16.59 -3.91 3.94
N PHE A 322 -16.77 -2.61 3.72
CA PHE A 322 -17.55 -1.74 4.63
C PHE A 322 -18.96 -2.27 4.76
N LEU A 323 -19.65 -2.48 3.65
CA LEU A 323 -21.06 -2.95 3.64
C LEU A 323 -21.10 -4.40 4.09
N GLY A 324 -20.01 -5.13 3.92
CA GLY A 324 -19.92 -6.53 4.39
C GLY A 324 -20.08 -6.59 5.89
N ILE A 325 -19.29 -5.80 6.63
CA ILE A 325 -19.35 -5.76 8.12
C ILE A 325 -20.75 -5.28 8.54
N LEU A 326 -21.27 -4.24 7.90
CA LEU A 326 -22.62 -3.69 8.24
C LEU A 326 -23.66 -4.81 8.15
N TRP A 327 -23.60 -5.65 7.13
CA TRP A 327 -24.54 -6.78 6.95
C TRP A 327 -24.38 -7.79 8.09
N CYS A 328 -23.16 -8.30 8.32
CA CYS A 328 -22.90 -9.34 9.35
C CYS A 328 -23.38 -8.91 10.73
N LEU A 329 -23.08 -7.68 11.15
CA LEU A 329 -23.47 -7.17 12.49
C LEU A 329 -24.99 -7.16 12.62
N SER A 330 -25.71 -6.73 11.59
CA SER A 330 -27.20 -6.65 11.60
C SER A 330 -27.81 -8.04 11.79
N LEU A 331 -27.31 -9.04 11.06
CA LEU A 331 -27.86 -10.42 11.13
C LEU A 331 -27.48 -11.04 12.48
N LEU A 332 -26.27 -10.76 12.98
CA LEU A 332 -25.79 -11.32 14.27
C LEU A 332 -26.62 -10.72 15.41
N ALA A 333 -27.05 -9.46 15.29
CA ALA A 333 -27.90 -8.79 16.29
C ALA A 333 -29.29 -9.40 16.26
N CYS A 334 -29.65 -10.10 15.18
CA CYS A 334 -30.97 -10.77 15.02
C CYS A 334 -30.90 -12.14 15.68
N PHE A 335 -29.78 -12.86 15.53
CA PHE A 335 -29.57 -14.17 16.16
C PHE A 335 -29.48 -13.95 17.67
N PHE A 336 -28.78 -12.90 18.11
CA PHE A 336 -28.67 -12.53 19.55
C PHE A 336 -29.75 -11.49 19.84
N ALA A 337 -29.74 -10.90 21.04
CA ALA A 337 -30.70 -9.84 21.42
C ALA A 337 -29.90 -8.69 22.05
N PRO A 338 -28.99 -8.03 21.30
CA PRO A 338 -28.13 -6.99 21.87
C PRO A 338 -28.99 -6.01 22.68
N ILE A 339 -30.23 -5.77 22.26
CA ILE A 339 -31.17 -4.85 22.96
C ILE A 339 -32.49 -5.61 23.15
N SER A 340 -33.18 -5.41 24.28
CA SER A 340 -34.47 -6.09 24.57
C SER A 340 -35.62 -5.08 24.44
N VAL A 341 -35.32 -3.82 24.17
CA VAL A 341 -36.36 -2.75 23.97
C VAL A 341 -36.52 -2.53 22.47
N ILE A 342 -35.60 -3.04 21.66
CA ILE A 342 -35.61 -2.85 20.17
C ILE A 342 -36.26 -4.08 19.52
N PRO A 343 -37.40 -3.95 18.80
CA PRO A 343 -37.99 -5.08 18.12
C PRO A 343 -37.01 -5.65 17.09
N THR A 344 -36.89 -6.97 16.99
CA THR A 344 -35.94 -7.65 16.05
C THR A 344 -36.18 -7.17 14.61
N TYR A 345 -37.37 -6.68 14.29
CA TYR A 345 -37.72 -6.28 12.91
C TYR A 345 -37.29 -4.83 12.65
N VAL A 346 -36.13 -4.42 13.16
CA VAL A 346 -35.58 -3.05 12.89
C VAL A 346 -34.14 -3.15 12.39
N TYR A 347 -33.40 -4.19 12.75
CA TYR A 347 -32.00 -4.42 12.31
C TYR A 347 -31.95 -4.46 10.77
N PRO A 348 -32.79 -5.29 10.10
CA PRO A 348 -32.79 -5.37 8.64
C PRO A 348 -33.22 -4.05 8.02
N LEU A 349 -34.18 -3.35 8.63
CA LEU A 349 -34.72 -2.07 8.09
C LEU A 349 -33.64 -0.99 8.12
N ALA A 350 -32.83 -0.94 9.17
CA ALA A 350 -31.73 0.04 9.34
C ALA A 350 -30.63 -0.25 8.31
N LEU A 351 -30.32 -1.51 8.04
CA LEU A 351 -29.24 -1.89 7.09
C LEU A 351 -29.54 -1.31 5.71
N TYR A 352 -30.74 -1.56 5.17
CA TYR A 352 -31.12 -1.11 3.81
C TYR A 352 -31.29 0.41 3.84
N GLY A 353 -31.77 0.95 4.95
CA GLY A 353 -31.89 2.41 5.10
C GLY A 353 -30.52 3.06 5.01
N PHE A 354 -29.52 2.45 5.65
CA PHE A 354 -28.13 2.98 5.65
C PHE A 354 -27.55 2.90 4.24
N MET A 355 -27.64 1.73 3.59
CA MET A 355 -27.06 1.53 2.24
C MET A 355 -27.67 2.57 1.31
N VAL A 356 -28.97 2.84 1.45
CA VAL A 356 -29.69 3.82 0.59
C VAL A 356 -29.08 5.22 0.78
N PHE A 357 -28.81 5.62 2.02
CA PHE A 357 -28.25 6.96 2.34
C PHE A 357 -26.83 7.10 1.80
N PHE A 358 -25.99 6.07 1.95
CA PHE A 358 -24.58 6.09 1.51
C PHE A 358 -24.52 6.33 0.00
N LEU A 359 -25.61 6.10 -0.71
CA LEU A 359 -25.67 6.26 -2.19
C LEU A 359 -26.33 7.60 -2.56
N ILE A 360 -27.12 8.20 -1.67
CA ILE A 360 -27.88 9.45 -1.97
C ILE A 360 -27.37 10.59 -1.08
N ASN A 361 -26.21 10.43 -0.45
CA ASN A 361 -25.60 11.48 0.43
C ASN A 361 -25.46 12.78 -0.38
N PRO A 362 -26.15 13.87 0.00
CA PRO A 362 -26.05 15.14 -0.73
C PRO A 362 -24.80 15.93 -0.32
N THR A 363 -23.96 15.37 0.55
CA THR A 363 -22.72 16.03 1.04
C THR A 363 -21.56 15.71 0.09
N LYS A 364 -20.51 16.54 0.09
CA LYS A 364 -19.31 16.32 -0.76
C LYS A 364 -18.35 15.40 -0.01
N THR A 365 -18.74 14.16 0.25
CA THR A 365 -17.90 13.19 1.01
C THR A 365 -18.10 11.77 0.49
N PHE A 366 -17.22 10.83 0.85
CA PHE A 366 -17.35 9.39 0.49
C PHE A 366 -17.59 9.20 -1.00
N TYR A 367 -16.69 9.69 -1.86
CA TYR A 367 -16.77 9.46 -3.34
C TYR A 367 -17.97 10.20 -3.95
N TYR A 368 -18.35 11.36 -3.41
CA TYR A 368 -19.51 12.13 -3.91
C TYR A 368 -19.50 12.17 -5.44
N LYS A 369 -18.37 12.48 -6.06
CA LYS A 369 -18.26 12.58 -7.55
C LYS A 369 -18.60 11.24 -8.20
N SER A 370 -18.00 10.13 -7.72
CA SER A 370 -18.27 8.77 -8.26
C SER A 370 -19.75 8.43 -8.08
N ARG A 371 -20.34 8.75 -6.95
CA ARG A 371 -21.74 8.45 -6.72
C ARG A 371 -22.63 9.31 -7.59
N PHE A 372 -22.25 10.55 -7.83
CA PHE A 372 -23.03 11.47 -8.69
C PHE A 372 -23.14 10.87 -10.09
N TRP A 373 -22.06 10.29 -10.62
CA TRP A 373 -22.08 9.64 -11.95
C TRP A 373 -23.07 8.48 -11.95
N LEU A 374 -23.01 7.59 -10.95
CA LEU A 374 -23.90 6.40 -10.87
C LEU A 374 -25.36 6.86 -10.75
N LEU A 375 -25.64 7.91 -9.96
CA LEU A 375 -27.02 8.41 -9.75
C LEU A 375 -27.54 8.99 -11.08
N LYS A 376 -26.71 9.68 -11.84
CA LYS A 376 -27.10 10.26 -13.15
C LYS A 376 -27.38 9.13 -14.14
N LEU A 377 -26.46 8.17 -14.28
CA LEU A 377 -26.61 7.03 -15.23
C LEU A 377 -27.90 6.27 -14.92
N LEU A 378 -28.12 5.91 -13.66
CA LEU A 378 -29.32 5.11 -13.26
C LEU A 378 -30.58 5.85 -13.74
N PHE A 379 -30.67 7.15 -13.54
CA PHE A 379 -31.84 7.97 -13.98
C PHE A 379 -32.03 7.80 -15.48
N ARG A 380 -30.97 8.01 -16.27
CA ARG A 380 -31.03 7.92 -17.76
C ARG A 380 -31.40 6.49 -18.18
N VAL A 381 -31.02 5.48 -17.39
CA VAL A 381 -31.27 4.05 -17.73
C VAL A 381 -32.66 3.65 -17.23
N PHE A 382 -33.32 4.49 -16.42
CA PHE A 382 -34.70 4.23 -15.93
C PHE A 382 -35.65 5.16 -16.67
N THR A 383 -35.15 5.94 -17.62
CA THR A 383 -35.98 6.81 -18.50
C THR A 383 -35.51 6.49 -19.92
N ALA A 384 -35.22 5.21 -20.21
CA ALA A 384 -34.64 4.74 -21.49
C ALA A 384 -35.22 5.41 -22.74
N PRO A 385 -36.54 5.42 -22.97
CA PRO A 385 -37.08 5.93 -24.24
C PRO A 385 -36.83 7.41 -24.55
N PHE A 386 -36.46 8.22 -23.55
CA PHE A 386 -36.31 9.69 -23.74
C PHE A 386 -34.85 10.12 -23.91
N HIS A 387 -33.88 9.21 -23.74
CA HIS A 387 -32.44 9.55 -23.81
C HIS A 387 -31.72 8.60 -24.77
N LYS A 388 -30.59 9.04 -25.35
CA LYS A 388 -29.78 8.19 -26.26
C LYS A 388 -29.07 7.12 -25.42
N VAL A 389 -28.55 6.07 -26.04
CA VAL A 389 -27.93 4.92 -25.31
C VAL A 389 -26.43 4.86 -25.59
N GLY A 390 -25.59 4.84 -24.55
CA GLY A 390 -24.13 4.72 -24.70
C GLY A 390 -23.67 3.45 -24.01
N PHE A 391 -22.44 2.98 -24.26
CA PHE A 391 -21.96 1.70 -23.69
C PHE A 391 -22.27 1.67 -22.20
N ALA A 392 -21.99 2.75 -21.46
CA ALA A 392 -22.21 2.81 -20.00
C ALA A 392 -23.69 2.60 -19.68
N ASP A 393 -24.60 3.29 -20.38
CA ASP A 393 -26.06 3.22 -20.08
C ASP A 393 -26.58 1.80 -20.33
N PHE A 394 -26.30 1.21 -21.50
CA PHE A 394 -26.84 -0.13 -21.82
C PHE A 394 -26.15 -1.18 -20.96
N TRP A 395 -24.87 -0.97 -20.65
CA TRP A 395 -24.09 -1.97 -19.88
C TRP A 395 -24.69 -2.14 -18.47
N LEU A 396 -25.10 -1.03 -17.85
CA LEU A 396 -25.68 -1.09 -16.48
C LEU A 396 -27.01 -1.85 -16.51
N ALA A 397 -27.84 -1.58 -17.52
CA ALA A 397 -29.16 -2.25 -17.60
C ALA A 397 -28.92 -3.75 -17.76
N ASP A 398 -27.81 -4.15 -18.35
CA ASP A 398 -27.48 -5.60 -18.44
C ASP A 398 -26.92 -6.03 -17.09
N GLN A 399 -26.33 -5.09 -16.32
CA GLN A 399 -25.87 -5.42 -14.94
C GLN A 399 -27.10 -5.58 -14.05
N LEU A 400 -28.12 -4.73 -14.23
CA LEU A 400 -29.35 -4.74 -13.40
C LEU A 400 -30.28 -5.85 -13.90
N ASN A 401 -29.89 -6.59 -14.94
CA ASN A 401 -30.70 -7.69 -15.51
C ASN A 401 -30.25 -9.00 -14.86
N SER A 402 -29.11 -8.99 -14.14
CA SER A 402 -28.61 -10.16 -13.40
C SER A 402 -28.71 -9.89 -11.90
N LEU A 403 -29.30 -8.75 -11.51
CA LEU A 403 -29.51 -8.36 -10.09
C LEU A 403 -31.00 -8.14 -9.88
N SER A 404 -31.84 -9.13 -10.22
CA SER A 404 -33.32 -9.05 -10.07
C SER A 404 -33.73 -9.79 -8.80
N VAL A 405 -32.92 -10.75 -8.34
CA VAL A 405 -33.20 -11.47 -7.05
C VAL A 405 -33.27 -10.40 -5.96
N ILE A 406 -32.42 -9.38 -6.06
CA ILE A 406 -32.39 -8.24 -5.09
C ILE A 406 -33.75 -7.52 -5.14
N LEU A 407 -34.31 -7.32 -6.33
CA LEU A 407 -35.61 -6.64 -6.51
C LEU A 407 -36.72 -7.53 -5.95
N MET A 408 -36.64 -8.85 -6.17
CA MET A 408 -37.68 -9.80 -5.70
C MET A 408 -37.60 -9.92 -4.18
N ASP A 409 -36.38 -9.96 -3.61
CA ASP A 409 -36.19 -10.02 -2.15
C ASP A 409 -36.80 -8.74 -1.55
N LEU A 410 -36.48 -7.58 -2.12
CA LEU A 410 -37.03 -6.29 -1.65
C LEU A 410 -38.55 -6.37 -1.75
N GLU A 411 -39.07 -7.01 -2.80
CA GLU A 411 -40.53 -7.16 -3.01
C GLU A 411 -41.13 -7.91 -1.81
N TYR A 412 -40.63 -9.12 -1.52
CA TYR A 412 -41.13 -9.94 -0.39
C TYR A 412 -41.08 -9.14 0.90
N MET A 413 -39.95 -8.50 1.19
CA MET A 413 -39.75 -7.73 2.44
C MET A 413 -40.89 -6.73 2.62
N ILE A 414 -41.18 -5.92 1.60
CA ILE A 414 -42.22 -4.86 1.69
C ILE A 414 -43.55 -5.49 2.12
N CYS A 415 -44.05 -6.50 1.40
CA CYS A 415 -45.34 -7.16 1.70
C CYS A 415 -45.26 -7.89 3.04
N PHE A 416 -44.12 -8.52 3.37
CA PHE A 416 -43.94 -9.29 4.61
C PHE A 416 -44.16 -8.38 5.83
N TYR A 417 -43.59 -7.17 5.80
CA TYR A 417 -43.70 -6.21 6.93
C TYR A 417 -45.04 -5.49 6.87
N SER A 418 -45.89 -5.79 5.88
CA SER A 418 -47.20 -5.11 5.69
C SER A 418 -48.37 -6.07 5.87
N LEU A 419 -48.22 -7.35 5.49
CA LEU A 419 -49.35 -8.32 5.51
C LEU A 419 -49.06 -9.50 6.45
N GLU A 420 -47.80 -9.91 6.62
CA GLU A 420 -47.46 -11.12 7.41
C GLU A 420 -46.69 -10.75 8.69
N LEU A 421 -46.59 -9.46 9.03
CA LEU A 421 -45.77 -9.01 10.19
C LEU A 421 -46.66 -8.69 11.39
N LYS A 422 -46.42 -9.32 12.54
CA LYS A 422 -47.19 -9.08 13.79
C LYS A 422 -46.39 -8.14 14.67
N TRP A 423 -46.62 -6.83 14.55
CA TRP A 423 -45.88 -5.81 15.35
C TRP A 423 -46.19 -6.02 16.84
N ASP A 424 -47.38 -6.51 17.19
CA ASP A 424 -47.76 -6.77 18.59
C ASP A 424 -46.70 -7.69 19.19
N GLU A 425 -46.13 -8.60 18.39
CA GLU A 425 -45.06 -9.52 18.85
C GLU A 425 -43.70 -8.90 18.51
N SER A 426 -42.97 -8.41 19.52
CA SER A 426 -41.62 -7.79 19.32
C SER A 426 -40.75 -8.75 18.52
N LYS A 427 -40.83 -10.05 18.80
CA LYS A 427 -40.04 -11.08 18.08
C LYS A 427 -40.87 -11.62 16.90
N GLY A 428 -41.43 -10.73 16.08
CA GLY A 428 -42.29 -11.12 14.94
C GLY A 428 -41.54 -11.07 13.63
N LEU A 429 -40.24 -10.75 13.65
CA LEU A 429 -39.43 -10.71 12.41
C LEU A 429 -39.26 -12.14 11.89
N LEU A 430 -38.88 -13.09 12.75
CA LEU A 430 -38.65 -14.50 12.35
C LEU A 430 -39.74 -15.38 12.96
N PRO A 431 -40.61 -16.03 12.15
CA PRO A 431 -41.71 -16.85 12.67
C PRO A 431 -41.18 -18.11 13.38
N SER A 437 -50.57 -16.71 3.72
CA SER A 437 -49.22 -17.08 4.23
C SER A 437 -48.29 -17.38 3.06
N GLY A 438 -47.20 -16.62 2.90
CA GLY A 438 -46.22 -16.81 1.81
C GLY A 438 -46.71 -16.14 0.53
N ILE A 439 -47.84 -15.43 0.61
CA ILE A 439 -48.44 -14.73 -0.54
C ILE A 439 -47.51 -13.58 -0.93
N CYS A 440 -46.73 -13.08 0.03
CA CYS A 440 -45.76 -11.98 -0.22
C CYS A 440 -44.60 -12.53 -1.05
N HIS A 441 -44.24 -13.82 -0.87
CA HIS A 441 -43.10 -14.44 -1.59
C HIS A 441 -43.60 -15.23 -2.79
N LYS A 442 -44.92 -15.23 -3.05
CA LYS A 442 -45.53 -15.99 -4.18
C LYS A 442 -45.99 -15.03 -5.27
N TYR A 443 -46.12 -15.51 -6.52
CA TYR A 443 -46.59 -14.69 -7.66
C TYR A 443 -48.11 -14.89 -7.78
N THR A 444 -48.81 -15.03 -6.66
CA THR A 444 -50.28 -15.21 -6.64
C THR A 444 -50.94 -14.07 -7.43
N TYR A 445 -50.35 -12.87 -7.39
CA TYR A 445 -50.89 -11.67 -8.08
C TYR A 445 -50.07 -11.36 -9.33
N GLY A 446 -48.91 -12.01 -9.50
CA GLY A 446 -48.02 -11.77 -10.65
C GLY A 446 -46.97 -10.74 -10.32
N VAL A 447 -46.93 -10.26 -9.07
CA VAL A 447 -45.92 -9.27 -8.60
C VAL A 447 -44.54 -9.87 -8.80
N ARG A 448 -44.40 -11.19 -8.66
CA ARG A 448 -43.12 -11.87 -8.82
C ARG A 448 -42.92 -12.27 -10.28
N ALA A 449 -43.70 -11.70 -11.18
CA ALA A 449 -43.58 -11.92 -12.63
C ALA A 449 -43.32 -10.57 -13.31
N ILE A 450 -44.16 -9.56 -13.05
CA ILE A 450 -43.99 -8.19 -13.63
C ILE A 450 -42.68 -7.61 -13.12
N VAL A 451 -42.37 -7.79 -11.83
CA VAL A 451 -41.11 -7.29 -11.22
C VAL A 451 -39.95 -8.04 -11.86
N GLN A 452 -40.16 -9.30 -12.25
CA GLN A 452 -39.10 -10.14 -12.86
C GLN A 452 -38.91 -9.71 -14.32
N CYS A 453 -39.83 -8.90 -14.87
CA CYS A 453 -39.77 -8.43 -16.28
C CYS A 453 -39.49 -6.93 -16.33
N ILE A 454 -38.92 -6.36 -15.27
CA ILE A 454 -38.55 -4.91 -15.23
C ILE A 454 -37.22 -4.71 -15.97
N PRO A 455 -36.13 -5.44 -15.63
CA PRO A 455 -34.83 -5.18 -16.27
C PRO A 455 -34.83 -5.55 -17.76
N ALA A 456 -35.54 -6.61 -18.15
CA ALA A 456 -35.65 -7.03 -19.57
C ALA A 456 -36.42 -5.98 -20.36
N TRP A 457 -37.47 -5.40 -19.77
CA TRP A 457 -38.27 -4.34 -20.42
C TRP A 457 -37.39 -3.12 -20.70
N LEU A 458 -36.48 -2.78 -19.78
CA LEU A 458 -35.54 -1.63 -19.95
C LEU A 458 -34.63 -1.89 -21.15
N ARG A 459 -34.00 -3.05 -21.23
CA ARG A 459 -33.13 -3.37 -22.36
C ARG A 459 -33.87 -3.49 -23.69
N PHE A 460 -35.09 -4.00 -23.67
CA PHE A 460 -35.94 -4.09 -24.89
C PHE A 460 -36.20 -2.70 -25.44
N ILE A 461 -36.66 -1.76 -24.60
CA ILE A 461 -37.03 -0.38 -25.05
C ILE A 461 -35.76 0.38 -25.44
N GLN A 462 -34.64 0.16 -24.77
CA GLN A 462 -33.34 0.83 -25.10
C GLN A 462 -32.89 0.38 -26.49
N CYS A 463 -33.08 -0.89 -26.85
CA CYS A 463 -32.69 -1.45 -28.18
C CYS A 463 -33.52 -0.80 -29.29
N LEU A 464 -34.84 -0.73 -29.14
CA LEU A 464 -35.73 -0.12 -30.15
C LEU A 464 -35.30 1.32 -30.38
N ARG A 465 -34.97 2.06 -29.32
CA ARG A 465 -34.49 3.44 -29.46
C ARG A 465 -33.28 3.49 -30.37
N ARG A 466 -32.33 2.60 -30.13
CA ARG A 466 -31.09 2.53 -30.95
C ARG A 466 -31.49 2.34 -32.41
N TYR A 467 -32.43 1.44 -32.69
CA TYR A 467 -32.91 1.17 -34.08
C TYR A 467 -33.50 2.43 -34.68
N ARG A 468 -34.38 3.13 -33.97
CA ARG A 468 -34.96 4.35 -34.49
C ARG A 468 -33.88 5.37 -34.78
N ASP A 469 -32.82 5.35 -34.00
CA ASP A 469 -31.73 6.36 -34.11
C ASP A 469 -30.71 5.93 -35.17
N THR A 470 -30.63 4.64 -35.49
CA THR A 470 -29.63 4.09 -36.45
C THR A 470 -30.31 3.68 -37.75
N LYS A 471 -31.63 3.46 -37.73
CA LYS A 471 -32.40 3.02 -38.93
C LYS A 471 -31.85 1.68 -39.42
N ARG A 472 -31.18 0.92 -38.56
CA ARG A 472 -30.63 -0.38 -38.93
C ARG A 472 -31.32 -1.47 -38.13
N ALA A 473 -31.93 -2.43 -38.79
CA ALA A 473 -32.73 -3.50 -38.12
C ALA A 473 -31.82 -4.62 -37.62
N PHE A 474 -30.54 -4.64 -37.98
CA PHE A 474 -29.58 -5.63 -37.46
C PHE A 474 -28.32 -4.92 -36.97
N PRO A 475 -28.03 -4.90 -35.65
CA PRO A 475 -28.55 -5.85 -34.68
C PRO A 475 -29.56 -5.24 -33.71
N HIS A 476 -30.02 -4.02 -33.97
CA HIS A 476 -30.91 -3.28 -33.03
C HIS A 476 -32.24 -4.01 -32.81
N LEU A 477 -32.86 -4.58 -33.85
CA LEU A 477 -34.20 -5.19 -33.73
C LEU A 477 -34.10 -6.70 -33.52
N VAL A 478 -33.07 -7.36 -34.04
CA VAL A 478 -32.86 -8.81 -33.80
C VAL A 478 -32.61 -9.01 -32.31
N ASN A 479 -31.83 -8.13 -31.67
CA ASN A 479 -31.47 -8.23 -30.23
C ASN A 479 -32.71 -7.94 -29.38
N ALA A 480 -33.58 -7.03 -29.81
CA ALA A 480 -34.81 -6.67 -29.07
C ALA A 480 -35.71 -7.91 -29.00
N GLY A 481 -35.44 -8.94 -29.79
CA GLY A 481 -36.18 -10.21 -29.74
C GLY A 481 -35.66 -11.09 -28.62
N LYS A 482 -34.35 -11.12 -28.38
CA LYS A 482 -33.73 -11.89 -27.28
C LYS A 482 -34.35 -11.45 -25.95
N TYR A 483 -34.75 -10.18 -25.82
CA TYR A 483 -35.29 -9.66 -24.53
C TYR A 483 -36.78 -10.00 -24.41
N SER A 484 -37.50 -10.10 -25.53
CA SER A 484 -38.95 -10.42 -25.51
C SER A 484 -39.16 -11.87 -25.06
N THR A 485 -38.30 -12.80 -25.50
CA THR A 485 -38.50 -14.24 -25.18
C THR A 485 -38.76 -14.41 -23.68
N THR A 486 -38.06 -13.66 -22.83
CA THR A 486 -38.24 -13.76 -21.36
C THR A 486 -39.71 -13.49 -21.00
N PHE A 487 -40.29 -12.41 -21.51
CA PHE A 487 -41.69 -12.04 -21.20
C PHE A 487 -42.57 -13.28 -21.33
N PHE A 488 -42.46 -14.04 -22.43
CA PHE A 488 -43.29 -15.24 -22.68
C PHE A 488 -42.97 -16.31 -21.65
N MET A 489 -41.70 -16.66 -21.46
CA MET A 489 -41.29 -17.75 -20.52
C MET A 489 -41.87 -17.45 -19.14
N VAL A 490 -41.73 -16.20 -18.66
CA VAL A 490 -42.21 -15.79 -17.31
C VAL A 490 -43.74 -15.91 -17.30
N THR A 491 -44.42 -15.41 -18.33
CA THR A 491 -45.90 -15.42 -18.41
C THR A 491 -46.43 -16.86 -18.39
N PHE A 492 -46.02 -17.69 -19.34
CA PHE A 492 -46.55 -19.08 -19.45
C PHE A 492 -46.25 -19.81 -18.14
N ALA A 493 -45.05 -19.61 -17.57
CA ALA A 493 -44.65 -20.24 -16.29
C ALA A 493 -45.66 -19.89 -15.21
N ALA A 494 -46.05 -18.62 -15.08
CA ALA A 494 -46.99 -18.15 -14.04
C ALA A 494 -48.40 -18.66 -14.32
N LEU A 495 -48.80 -18.77 -15.59
CA LEU A 495 -50.16 -19.22 -15.99
C LEU A 495 -50.34 -20.71 -15.69
N TYR A 496 -49.49 -21.57 -16.25
CA TYR A 496 -49.56 -23.04 -16.03
C TYR A 496 -49.71 -23.29 -14.53
N SER A 497 -48.87 -22.67 -13.71
CA SER A 497 -48.88 -22.87 -12.24
C SER A 497 -50.24 -22.48 -11.66
N THR A 498 -50.76 -21.30 -11.98
CA THR A 498 -52.03 -20.79 -11.40
C THR A 498 -53.19 -21.69 -11.84
N HIS A 499 -53.29 -22.03 -13.13
CA HIS A 499 -54.36 -22.93 -13.64
C HIS A 499 -54.27 -24.25 -12.89
N LYS A 500 -53.06 -24.80 -12.76
CA LYS A 500 -52.83 -26.09 -12.05
C LYS A 500 -53.21 -25.93 -10.57
N GLU A 501 -52.96 -24.76 -9.98
CA GLU A 501 -53.32 -24.47 -8.57
C GLU A 501 -54.85 -24.47 -8.45
N ARG A 502 -55.59 -24.12 -9.50
CA ARG A 502 -57.06 -24.17 -9.48
C ARG A 502 -57.53 -25.48 -10.06
N GLY A 503 -56.60 -26.36 -10.38
CA GLY A 503 -56.92 -27.70 -10.93
C GLY A 503 -57.69 -27.59 -12.23
N HIS A 504 -57.55 -26.50 -12.96
CA HIS A 504 -58.24 -26.31 -14.27
C HIS A 504 -57.77 -27.40 -15.23
N SER A 505 -58.34 -27.48 -16.44
CA SER A 505 -57.96 -28.50 -17.46
C SER A 505 -56.97 -27.90 -18.45
N ASP A 506 -56.42 -26.72 -18.17
CA ASP A 506 -55.40 -26.08 -19.04
C ASP A 506 -54.05 -26.10 -18.33
N THR A 507 -53.79 -27.12 -17.51
CA THR A 507 -52.53 -27.25 -16.74
C THR A 507 -51.41 -27.74 -17.66
N MET A 508 -51.56 -28.90 -18.30
CA MET A 508 -50.53 -29.47 -19.20
C MET A 508 -50.32 -28.54 -20.41
N VAL A 509 -51.39 -27.95 -20.95
CA VAL A 509 -51.29 -27.08 -22.16
C VAL A 509 -50.29 -25.96 -21.88
N PHE A 510 -50.51 -25.19 -20.81
CA PHE A 510 -49.63 -24.04 -20.47
C PHE A 510 -48.25 -24.59 -20.15
N PHE A 511 -48.17 -25.72 -19.43
CA PHE A 511 -46.87 -26.33 -19.03
C PHE A 511 -46.03 -26.57 -20.28
N TYR A 512 -46.61 -27.16 -21.33
CA TYR A 512 -45.90 -27.48 -22.60
C TYR A 512 -45.49 -26.19 -23.30
N LEU A 513 -46.43 -25.25 -23.44
CA LEU A 513 -46.14 -23.93 -24.08
C LEU A 513 -45.01 -23.26 -23.29
N TRP A 514 -45.06 -23.33 -21.97
CA TRP A 514 -44.05 -22.69 -21.10
C TRP A 514 -42.66 -23.30 -21.34
N ILE A 515 -42.52 -24.61 -21.22
CA ILE A 515 -41.20 -25.29 -21.37
C ILE A 515 -40.63 -24.95 -22.76
N VAL A 516 -41.49 -24.78 -23.77
CA VAL A 516 -41.05 -24.45 -25.15
C VAL A 516 -40.31 -23.10 -25.14
N PHE A 517 -40.93 -22.05 -24.60
CA PHE A 517 -40.33 -20.68 -24.57
C PHE A 517 -39.05 -20.72 -23.74
N TYR A 518 -39.00 -21.53 -22.69
CA TYR A 518 -37.81 -21.61 -21.80
C TYR A 518 -36.59 -22.00 -22.64
N ILE A 519 -36.66 -23.10 -23.39
CA ILE A 519 -35.50 -23.59 -24.20
C ILE A 519 -35.20 -22.56 -25.30
N ILE A 520 -36.23 -21.95 -25.88
CA ILE A 520 -36.07 -20.91 -26.94
C ILE A 520 -35.19 -19.79 -26.40
N SER A 521 -35.50 -19.25 -25.22
CA SER A 521 -34.76 -18.13 -24.59
C SER A 521 -33.35 -18.58 -24.22
N SER A 522 -33.19 -19.75 -23.63
CA SER A 522 -31.88 -20.27 -23.16
C SER A 522 -30.87 -20.30 -24.31
N CYS A 523 -31.32 -20.45 -25.56
CA CYS A 523 -30.41 -20.55 -26.74
C CYS A 523 -30.32 -19.22 -27.47
N TYR A 524 -31.36 -18.38 -27.42
CA TYR A 524 -31.40 -17.06 -28.10
C TYR A 524 -30.51 -16.08 -27.33
N THR A 525 -30.00 -16.48 -26.17
CA THR A 525 -29.13 -15.64 -25.31
C THR A 525 -27.71 -16.20 -25.32
N LEU A 526 -27.58 -17.52 -25.24
CA LEU A 526 -26.25 -18.18 -25.30
C LEU A 526 -25.58 -17.85 -26.63
N ILE A 527 -26.29 -17.99 -27.75
CA ILE A 527 -25.67 -17.74 -29.09
C ILE A 527 -25.31 -16.26 -29.22
N TRP A 528 -26.23 -15.34 -28.92
CA TRP A 528 -25.98 -13.90 -29.08
C TRP A 528 -24.87 -13.42 -28.14
N ASP A 529 -24.62 -14.11 -27.02
CA ASP A 529 -23.61 -13.65 -26.01
C ASP A 529 -22.27 -14.35 -26.30
N LEU A 530 -22.27 -15.40 -27.12
CA LEU A 530 -21.02 -16.13 -27.49
C LEU A 530 -20.66 -15.82 -28.94
N LYS A 531 -21.43 -14.96 -29.61
CA LYS A 531 -21.21 -14.61 -31.04
C LYS A 531 -21.32 -13.10 -31.25
N MET A 532 -22.35 -12.45 -30.73
CA MET A 532 -22.60 -11.00 -30.98
C MET A 532 -22.08 -10.14 -29.82
N ASP A 533 -21.66 -10.75 -28.71
CA ASP A 533 -21.15 -10.01 -27.52
C ASP A 533 -19.65 -10.28 -27.37
N TRP A 534 -19.26 -11.50 -26.96
CA TRP A 534 -17.83 -11.86 -26.82
C TRP A 534 -17.15 -11.70 -28.18
N GLY A 535 -17.74 -12.23 -29.25
CA GLY A 535 -17.19 -12.10 -30.61
C GLY A 535 -16.33 -13.28 -31.02
N LEU A 536 -16.47 -14.42 -30.33
CA LEU A 536 -15.66 -15.64 -30.62
C LEU A 536 -16.29 -16.41 -31.77
N PHE A 537 -15.66 -17.51 -32.23
CA PHE A 537 -16.14 -18.28 -33.41
C PHE A 537 -16.02 -17.38 -34.63
N ASP A 538 -14.80 -16.96 -34.98
CA ASP A 538 -14.56 -15.98 -36.08
C ASP A 538 -14.05 -16.69 -37.33
N LYS A 539 -14.59 -16.35 -38.50
CA LYS A 539 -14.10 -16.92 -39.79
C LYS A 539 -12.61 -16.63 -39.88
N ASN A 540 -12.18 -15.46 -39.43
CA ASN A 540 -10.74 -15.08 -39.42
C ASN A 540 -10.13 -15.51 -38.09
N ALA A 541 -9.83 -16.80 -37.91
CA ALA A 541 -9.19 -17.34 -36.69
C ALA A 541 -8.18 -18.39 -37.13
N GLY A 542 -6.89 -18.16 -36.90
CA GLY A 542 -5.83 -19.08 -37.37
C GLY A 542 -5.52 -20.15 -36.35
N GLU A 543 -4.78 -19.81 -35.29
CA GLU A 543 -4.35 -20.80 -34.25
C GLU A 543 -5.36 -20.79 -33.10
N ASN A 544 -6.07 -19.68 -32.88
CA ASN A 544 -7.06 -19.54 -31.77
C ASN A 544 -8.36 -20.20 -32.25
N THR A 545 -8.38 -21.52 -32.40
CA THR A 545 -9.55 -22.26 -32.91
C THR A 545 -10.81 -21.79 -32.17
N PHE A 546 -11.85 -21.36 -32.89
CA PHE A 546 -13.15 -20.97 -32.29
C PHE A 546 -12.97 -19.70 -31.45
N LEU A 547 -11.89 -18.94 -31.69
CA LEU A 547 -11.63 -17.66 -30.96
C LEU A 547 -11.30 -16.58 -31.98
N ARG A 548 -11.51 -15.31 -31.63
CA ARG A 548 -11.23 -14.16 -32.53
C ARG A 548 -9.76 -14.21 -32.95
N GLU A 549 -9.37 -13.46 -33.98
CA GLU A 549 -7.97 -13.44 -34.49
C GLU A 549 -7.02 -12.89 -33.43
N GLU A 550 -7.37 -11.79 -32.75
CA GLU A 550 -6.51 -11.14 -31.73
C GLU A 550 -7.21 -11.20 -30.37
N ILE A 551 -6.60 -11.86 -29.37
CA ILE A 551 -7.20 -12.00 -28.01
C ILE A 551 -6.37 -11.17 -27.02
N VAL A 552 -6.99 -10.25 -26.28
CA VAL A 552 -6.28 -9.33 -25.33
C VAL A 552 -5.78 -10.10 -24.12
N TYR A 553 -6.63 -10.89 -23.46
CA TYR A 553 -6.27 -11.62 -22.21
C TYR A 553 -5.12 -12.57 -22.53
N PRO A 554 -4.25 -12.92 -21.55
CA PRO A 554 -3.03 -13.70 -21.83
C PRO A 554 -3.21 -15.17 -22.27
N GLN A 555 -4.02 -15.94 -21.57
CA GLN A 555 -4.19 -17.40 -21.85
C GLN A 555 -5.40 -17.64 -22.74
N LYS A 556 -5.37 -18.67 -23.58
CA LYS A 556 -6.54 -19.05 -24.42
C LYS A 556 -7.41 -19.98 -23.58
N ALA A 557 -6.89 -20.49 -22.47
CA ALA A 557 -7.65 -21.37 -21.56
C ALA A 557 -8.83 -20.60 -20.98
N TYR A 558 -8.66 -19.31 -20.69
CA TYR A 558 -9.72 -18.45 -20.13
C TYR A 558 -10.93 -18.43 -21.05
N TYR A 559 -10.72 -18.21 -22.35
CA TYR A 559 -11.82 -18.12 -23.35
C TYR A 559 -12.56 -19.45 -23.41
N TYR A 560 -11.85 -20.57 -23.56
CA TYR A 560 -12.46 -21.91 -23.70
C TYR A 560 -13.23 -22.25 -22.41
N CYS A 561 -12.63 -22.02 -21.24
CA CYS A 561 -13.25 -22.36 -19.94
C CYS A 561 -14.52 -21.52 -19.72
N ALA A 562 -14.48 -20.23 -20.05
CA ALA A 562 -15.63 -19.32 -19.87
C ALA A 562 -16.78 -19.77 -20.77
N ILE A 563 -16.48 -20.23 -21.99
CA ILE A 563 -17.51 -20.69 -22.95
C ILE A 563 -18.31 -21.81 -22.28
N ILE A 564 -17.63 -22.77 -21.67
CA ILE A 564 -18.30 -23.90 -20.95
C ILE A 564 -19.19 -23.33 -19.84
N GLU A 565 -18.69 -22.38 -19.04
CA GLU A 565 -19.43 -21.84 -17.87
C GLU A 565 -20.68 -21.09 -18.34
N ASP A 566 -20.61 -20.32 -19.42
CA ASP A 566 -21.75 -19.52 -19.92
C ASP A 566 -22.86 -20.48 -20.32
N VAL A 567 -22.50 -21.61 -20.95
CA VAL A 567 -23.48 -22.64 -21.38
C VAL A 567 -24.08 -23.30 -20.14
N ILE A 568 -23.26 -23.89 -19.28
CA ILE A 568 -23.71 -24.62 -18.05
C ILE A 568 -24.66 -23.74 -17.25
N LEU A 569 -24.43 -22.43 -17.16
CA LEU A 569 -25.24 -21.53 -16.29
C LEU A 569 -26.22 -20.69 -17.09
N ARG A 570 -26.28 -20.84 -18.42
CA ARG A 570 -27.29 -20.12 -19.25
C ARG A 570 -28.56 -20.97 -19.25
N PHE A 571 -28.45 -22.26 -18.91
CA PHE A 571 -29.59 -23.19 -18.86
C PHE A 571 -29.96 -23.43 -17.40
N ALA A 572 -29.43 -22.62 -16.48
CA ALA A 572 -29.70 -22.74 -15.02
C ALA A 572 -30.14 -21.39 -14.46
N TRP A 573 -30.33 -20.37 -15.30
CA TRP A 573 -30.81 -19.03 -14.88
C TRP A 573 -32.24 -18.85 -15.38
N THR A 574 -32.62 -19.51 -16.47
CA THR A 574 -34.00 -19.49 -17.02
C THR A 574 -34.89 -20.27 -16.06
N ILE A 575 -34.30 -21.20 -15.29
CA ILE A 575 -35.04 -22.04 -14.31
C ILE A 575 -35.21 -21.24 -13.02
N GLN A 576 -34.27 -20.35 -12.70
CA GLN A 576 -34.29 -19.55 -11.44
C GLN A 576 -35.28 -18.38 -11.60
N ILE A 577 -35.82 -18.17 -12.81
CA ILE A 577 -36.81 -17.10 -13.08
C ILE A 577 -38.18 -17.76 -13.33
N SER A 578 -38.21 -19.07 -13.60
CA SER A 578 -39.46 -19.83 -13.82
C SER A 578 -39.93 -20.40 -12.49
N ILE A 579 -39.12 -20.28 -11.43
CA ILE A 579 -39.49 -20.74 -10.06
C ILE A 579 -39.87 -19.51 -9.24
N THR A 580 -40.16 -18.38 -9.91
CA THR A 580 -40.57 -17.12 -9.23
C THR A 580 -42.10 -17.00 -9.29
N SER A 581 -42.77 -17.79 -10.12
CA SER A 581 -44.25 -17.79 -10.26
C SER A 581 -44.80 -19.20 -10.00
N THR A 583 -44.37 -22.07 -8.55
CA THR A 583 -44.25 -23.37 -9.27
C THR A 583 -43.69 -24.44 -8.32
N LEU A 584 -42.60 -24.15 -7.61
CA LEU A 584 -41.99 -25.09 -6.62
C LEU A 584 -42.71 -24.92 -5.28
N LEU A 585 -43.79 -25.67 -5.05
CA LEU A 585 -44.59 -25.58 -3.81
C LEU A 585 -43.71 -25.90 -2.59
N PRO A 586 -42.87 -26.96 -2.61
CA PRO A 586 -42.08 -27.34 -1.44
C PRO A 586 -40.97 -26.33 -1.14
N HIS A 587 -40.44 -26.31 0.09
CA HIS A 587 -39.30 -25.42 0.46
C HIS A 587 -38.10 -25.83 -0.40
N SER A 588 -38.17 -26.98 -1.06
CA SER A 588 -37.09 -27.44 -1.98
C SER A 588 -36.76 -26.30 -2.95
N GLY A 589 -37.78 -25.70 -3.58
CA GLY A 589 -37.59 -24.60 -4.54
C GLY A 589 -36.92 -23.40 -3.90
N ASP A 590 -37.17 -23.15 -2.61
CA ASP A 590 -36.53 -22.02 -1.86
C ASP A 590 -35.02 -22.26 -1.83
N ILE A 591 -34.60 -23.49 -1.52
CA ILE A 591 -33.15 -23.83 -1.49
C ILE A 591 -32.56 -23.57 -2.88
N ILE A 592 -33.29 -23.96 -3.92
CA ILE A 592 -32.80 -23.78 -5.32
C ILE A 592 -32.54 -22.29 -5.57
N ALA A 593 -33.50 -21.43 -5.24
CA ALA A 593 -33.37 -19.99 -5.51
C ALA A 593 -32.18 -19.43 -4.73
N THR A 594 -32.05 -19.79 -3.45
CA THR A 594 -30.99 -19.23 -2.59
C THR A 594 -29.62 -19.74 -3.04
N VAL A 595 -29.58 -20.81 -3.85
CA VAL A 595 -28.27 -21.41 -4.25
C VAL A 595 -27.91 -20.96 -5.67
N PHE A 596 -28.83 -20.29 -6.37
CA PHE A 596 -28.57 -19.91 -7.79
C PHE A 596 -28.28 -18.42 -7.90
N ALA A 597 -28.94 -17.58 -7.10
CA ALA A 597 -28.75 -16.11 -7.14
C ALA A 597 -27.25 -15.81 -7.10
N PRO A 598 -26.45 -16.48 -6.23
CA PRO A 598 -25.00 -16.28 -6.19
C PRO A 598 -24.27 -16.66 -7.49
N LEU A 599 -24.65 -17.78 -8.11
CA LEU A 599 -23.97 -18.30 -9.34
C LEU A 599 -24.25 -17.38 -10.54
N GLU A 600 -25.45 -16.80 -10.64
CA GLU A 600 -25.81 -15.87 -11.73
C GLU A 600 -24.85 -14.67 -11.71
N VAL A 601 -24.46 -14.20 -10.52
CA VAL A 601 -23.52 -13.05 -10.38
C VAL A 601 -22.18 -13.44 -11.00
N PHE A 602 -21.74 -14.68 -10.79
CA PHE A 602 -20.44 -15.14 -11.33
C PHE A 602 -20.51 -15.27 -12.85
N ARG A 603 -21.71 -15.22 -13.43
CA ARG A 603 -21.84 -15.29 -14.91
C ARG A 603 -21.66 -13.88 -15.49
N ARG A 604 -22.36 -12.89 -14.93
CA ARG A 604 -22.18 -11.49 -15.39
C ARG A 604 -20.73 -11.04 -15.13
N PHE A 605 -20.05 -11.66 -14.16
CA PHE A 605 -18.64 -11.31 -13.84
C PHE A 605 -17.72 -11.81 -14.96
N VAL A 606 -17.89 -13.05 -15.42
CA VAL A 606 -17.01 -13.63 -16.48
C VAL A 606 -17.45 -13.09 -17.84
N TRP A 607 -18.64 -12.48 -17.93
CA TRP A 607 -19.18 -11.91 -19.18
C TRP A 607 -18.80 -10.44 -19.27
N ASN A 608 -18.32 -9.84 -18.16
CA ASN A 608 -17.92 -8.41 -18.13
C ASN A 608 -16.51 -8.29 -18.72
N PHE A 609 -15.74 -9.37 -18.70
CA PHE A 609 -14.38 -9.38 -19.29
C PHE A 609 -14.48 -9.35 -20.82
N PHE A 610 -14.98 -10.42 -21.45
CA PHE A 610 -14.99 -10.56 -22.93
C PHE A 610 -15.90 -9.53 -23.62
N ARG A 611 -16.89 -8.95 -22.95
CA ARG A 611 -17.68 -7.91 -23.59
C ARG A 611 -16.91 -6.62 -23.74
N LEU A 612 -16.29 -6.14 -22.66
CA LEU A 612 -15.48 -4.90 -22.71
C LEU A 612 -14.29 -5.09 -23.65
N GLU A 613 -13.61 -6.23 -23.58
CA GLU A 613 -12.45 -6.53 -24.45
C GLU A 613 -12.84 -6.35 -25.92
N ASN A 614 -13.97 -6.92 -26.33
CA ASN A 614 -14.47 -6.82 -27.73
C ASN A 614 -14.54 -5.36 -28.12
N GLU A 615 -15.20 -4.52 -27.31
CA GLU A 615 -15.36 -3.07 -27.59
C GLU A 615 -13.98 -2.42 -27.76
N HIS A 616 -13.01 -2.83 -26.95
CA HIS A 616 -11.63 -2.27 -27.00
C HIS A 616 -10.99 -2.59 -28.34
N LEU A 617 -11.11 -3.83 -28.82
CA LEU A 617 -10.46 -4.29 -30.08
C LEU A 617 -11.03 -3.50 -31.26
N ASN A 618 -12.13 -2.77 -31.06
CA ASN A 618 -12.72 -1.92 -32.13
C ASN A 618 -12.08 -0.53 -32.08
N ASN A 619 -11.59 -0.09 -30.92
CA ASN A 619 -10.91 1.22 -30.75
C ASN A 619 -9.44 1.07 -31.12
N CYS A 620 -8.89 -0.14 -31.02
CA CYS A 620 -7.47 -0.43 -31.34
C CYS A 620 -7.30 -0.53 -32.86
N GLY A 621 -8.37 -0.31 -33.63
CA GLY A 621 -8.34 -0.36 -35.10
C GLY A 621 -8.40 1.02 -35.70
N ALA A 622 -9.13 1.94 -35.08
CA ALA A 622 -9.21 3.36 -35.52
C ALA A 622 -8.19 4.17 -34.72
N ALA A 623 -7.37 3.51 -33.89
CA ALA A 623 -6.37 4.20 -33.03
C ALA A 623 -7.04 5.37 -32.34
N ARG A 624 -8.02 5.12 -31.46
CA ARG A 624 -8.74 6.18 -30.71
C ARG A 624 -8.32 6.06 -29.24
N ALA A 625 -7.44 6.94 -28.76
CA ALA A 625 -6.92 6.89 -27.38
C ALA A 625 -7.52 8.03 -26.57
N VAL A 626 -8.33 8.89 -27.19
CA VAL A 626 -9.05 9.99 -26.47
C VAL A 626 -10.48 9.96 -26.97
N ARG A 627 -11.41 10.60 -26.28
CA ARG A 627 -12.77 10.64 -26.74
C ARG A 627 -13.00 11.79 -27.70
N ASP A 628 -14.08 11.71 -28.46
CA ASP A 628 -14.40 12.76 -29.42
C ASP A 628 -15.45 13.69 -28.82
N ILE A 629 -15.00 14.76 -28.18
CA ILE A 629 -15.94 15.71 -27.51
C ILE A 629 -16.37 16.76 -28.54
N SER A 630 -17.67 17.01 -28.69
CA SER A 630 -18.22 18.01 -29.63
C SER A 630 -18.72 19.22 -28.84
N VAL A 631 -18.88 20.37 -29.49
CA VAL A 631 -19.37 21.62 -28.84
C VAL A 631 -20.80 21.88 -29.28
N ALA A 632 -21.54 22.73 -28.55
CA ALA A 632 -22.96 23.04 -28.85
C ALA A 632 -23.07 24.36 -29.64
N PRO A 633 -23.79 24.39 -30.79
CA PRO A 633 -24.00 25.64 -31.53
C PRO A 633 -25.15 26.45 -30.92
N MET B 1 7.43 18.80 -9.95
CA MET B 1 6.45 19.89 -9.71
C MET B 1 6.54 20.33 -8.25
N LYS B 2 6.64 19.39 -7.32
CA LYS B 2 6.85 19.78 -5.91
C LYS B 2 8.33 19.57 -5.62
N PHE B 3 9.19 20.51 -6.02
CA PHE B 3 10.63 20.25 -5.83
C PHE B 3 10.93 20.32 -4.33
N ALA B 4 10.32 21.27 -3.64
CA ALA B 4 10.64 21.43 -2.21
C ALA B 4 10.54 20.07 -1.53
N GLU B 5 9.45 19.33 -1.75
CA GLU B 5 9.24 18.02 -1.11
C GLU B 5 10.15 16.95 -1.73
N HIS B 6 10.63 17.17 -2.95
CA HIS B 6 11.55 16.22 -3.63
C HIS B 6 12.95 16.41 -3.03
N LEU B 7 13.28 17.63 -2.68
CA LEU B 7 14.59 17.88 -2.06
C LEU B 7 14.56 17.33 -0.63
N SER B 8 13.53 17.65 0.13
CA SER B 8 13.50 17.26 1.56
C SER B 8 13.28 15.76 1.72
N ALA B 9 13.25 14.98 0.65
CA ALA B 9 13.14 13.52 0.78
C ALA B 9 14.31 12.83 0.09
N HIS B 10 15.10 13.60 -0.67
CA HIS B 10 16.19 13.02 -1.48
C HIS B 10 17.51 13.64 -1.00
N ILE B 11 17.54 14.15 0.22
CA ILE B 11 18.76 14.81 0.78
C ILE B 11 19.41 13.88 1.79
N THR B 12 20.73 13.71 1.75
CA THR B 12 21.46 12.93 2.79
C THR B 12 21.30 13.71 4.08
N PRO B 13 20.61 13.20 5.13
CA PRO B 13 20.33 14.00 6.32
C PRO B 13 21.60 14.57 6.97
N GLU B 14 22.71 13.84 6.94
CA GLU B 14 24.00 14.31 7.51
C GLU B 14 24.47 15.57 6.78
N TRP B 15 24.25 15.69 5.46
CA TRP B 15 24.71 16.83 4.63
C TRP B 15 23.57 17.80 4.39
N ARG B 16 22.53 17.80 5.21
CA ARG B 16 21.36 18.65 4.97
C ARG B 16 21.70 20.12 4.86
N LYS B 17 22.83 20.54 5.39
CA LYS B 17 23.19 21.98 5.43
C LYS B 17 24.11 22.33 4.26
N GLN B 18 24.51 21.36 3.44
CA GLN B 18 25.34 21.60 2.23
C GLN B 18 24.43 21.73 1.02
N TYR B 19 23.11 21.54 1.19
CA TYR B 19 22.13 21.57 0.08
C TYR B 19 21.51 22.97 -0.03
N ILE B 20 21.29 23.47 -1.24
CA ILE B 20 20.71 24.82 -1.50
C ILE B 20 19.49 25.02 -0.60
N GLN B 21 19.27 26.24 -0.11
CA GLN B 21 18.10 26.56 0.74
C GLN B 21 16.97 26.98 -0.19
N TYR B 22 16.15 26.04 -0.65
CA TYR B 22 15.06 26.31 -1.63
C TYR B 22 13.92 27.09 -0.97
N GLU B 23 13.43 26.64 0.19
CA GLU B 23 12.27 27.28 0.86
C GLU B 23 12.57 28.73 1.23
N ALA B 24 13.76 29.02 1.76
CA ALA B 24 14.17 30.39 2.15
C ALA B 24 14.11 31.30 0.93
N PHE B 25 14.65 30.86 -0.20
CA PHE B 25 14.67 31.64 -1.46
C PHE B 25 13.23 31.95 -1.86
N LYS B 26 12.36 30.94 -1.84
CA LYS B 26 10.92 31.11 -2.20
C LYS B 26 10.36 32.21 -1.28
N ASP B 27 10.63 32.11 0.02
CA ASP B 27 10.12 33.10 1.01
C ASP B 27 10.63 34.48 0.58
N MET B 28 11.90 34.59 0.22
CA MET B 28 12.51 35.87 -0.22
C MET B 28 11.76 36.41 -1.42
N LEU B 29 11.59 35.61 -2.48
CA LEU B 29 10.92 36.04 -3.74
C LEU B 29 9.49 36.48 -3.42
N TYR B 30 8.70 35.63 -2.75
CA TYR B 30 7.27 35.91 -2.43
C TYR B 30 7.15 37.00 -1.36
N SER B 31 8.23 37.31 -0.65
CA SER B 31 8.25 38.40 0.36
C SER B 31 8.39 39.73 -0.40
N ALA B 32 9.44 39.87 -1.21
CA ALA B 32 9.67 41.08 -2.03
C ALA B 32 8.52 41.20 -3.01
N GLN B 33 7.89 40.09 -3.39
CA GLN B 33 6.75 40.08 -4.36
C GLN B 33 5.48 40.58 -3.67
N ASP B 34 5.16 40.06 -2.47
CA ASP B 34 3.94 40.44 -1.72
C ASP B 34 4.12 41.88 -1.24
N GLN B 35 5.35 42.31 -0.98
CA GLN B 35 5.65 43.69 -0.48
C GLN B 35 6.25 44.52 -1.62
N ALA B 36 5.42 45.10 -2.49
CA ALA B 36 5.89 45.98 -3.59
C ALA B 36 5.58 47.43 -3.20
N PRO B 37 6.54 48.38 -3.27
CA PRO B 37 6.27 49.79 -2.97
C PRO B 37 5.50 50.50 -4.09
N SER B 38 4.30 50.03 -4.43
CA SER B 38 3.47 50.67 -5.48
C SER B 38 3.01 52.03 -4.99
N ASP B 45 9.31 54.70 -10.35
CA ASP B 45 10.59 55.17 -9.77
C ASP B 45 10.81 54.51 -8.41
N THR B 46 9.84 54.63 -7.49
CA THR B 46 9.93 54.04 -6.13
C THR B 46 10.13 52.52 -6.26
N VAL B 47 9.25 51.84 -7.00
CA VAL B 47 9.35 50.36 -7.20
C VAL B 47 10.53 50.08 -8.14
N LYS B 48 10.80 51.00 -9.07
CA LYS B 48 11.91 50.83 -10.04
C LYS B 48 13.21 50.66 -9.25
N ARG B 49 13.38 51.41 -8.16
CA ARG B 49 14.59 51.33 -7.31
C ARG B 49 14.40 50.24 -6.27
N TYR B 50 13.16 49.94 -5.89
CA TYR B 50 12.85 48.90 -4.88
C TYR B 50 13.41 47.56 -5.31
N PHE B 51 13.09 47.11 -6.52
CA PHE B 51 13.53 45.79 -7.05
C PHE B 51 14.97 45.91 -7.52
N ALA B 52 15.50 47.14 -7.62
CA ALA B 52 16.92 47.36 -7.96
C ALA B 52 17.74 47.03 -6.72
N LYS B 53 17.07 46.89 -5.56
CA LYS B 53 17.73 46.57 -4.28
C LYS B 53 17.42 45.13 -3.87
N PHE B 54 16.22 44.61 -4.19
CA PHE B 54 15.82 43.23 -3.84
C PHE B 54 16.65 42.24 -4.64
N GLU B 55 16.78 42.42 -5.96
CA GLU B 55 17.57 41.56 -6.88
C GLU B 55 19.02 41.54 -6.39
N GLU B 56 19.56 42.68 -5.98
CA GLU B 56 20.95 42.76 -5.45
C GLU B 56 21.09 41.73 -4.34
N LYS B 57 20.20 41.77 -3.35
CA LYS B 57 20.22 40.83 -2.20
C LYS B 57 20.02 39.40 -2.69
N PHE B 58 19.03 39.17 -3.56
CA PHE B 58 18.69 37.82 -4.05
C PHE B 58 19.91 37.20 -4.72
N PHE B 59 20.51 37.90 -5.68
CA PHE B 59 21.66 37.38 -6.46
C PHE B 59 22.86 37.28 -5.52
N GLN B 60 22.93 38.13 -4.50
CA GLN B 60 24.03 38.10 -3.50
C GLN B 60 23.94 36.77 -2.74
N THR B 61 22.76 36.39 -2.25
CA THR B 61 22.55 35.12 -1.52
C THR B 61 22.91 33.94 -2.42
N CYS B 62 22.54 34.01 -3.70
CA CYS B 62 22.82 32.92 -4.68
C CYS B 62 24.32 32.69 -4.76
N GLU B 63 25.12 33.75 -4.78
CA GLU B 63 26.60 33.66 -4.90
C GLU B 63 27.16 32.88 -3.71
N LYS B 64 26.71 33.20 -2.49
CA LYS B 64 27.17 32.52 -1.25
C LYS B 64 26.82 31.03 -1.30
N GLU B 65 25.58 30.68 -1.66
CA GLU B 65 25.11 29.28 -1.68
C GLU B 65 25.96 28.46 -2.66
N LEU B 66 26.25 29.00 -3.84
CA LEU B 66 27.05 28.29 -4.88
C LEU B 66 28.46 28.09 -4.35
N ALA B 67 29.00 29.05 -3.60
CA ALA B 67 30.35 28.95 -2.99
C ALA B 67 30.37 27.77 -2.01
N LYS B 68 29.34 27.63 -1.18
CA LYS B 68 29.24 26.54 -0.18
C LYS B 68 29.23 25.18 -0.87
N ILE B 69 28.44 25.02 -1.95
CA ILE B 69 28.28 23.71 -2.65
C ILE B 69 29.62 23.35 -3.30
N ASN B 70 30.34 24.34 -3.83
CA ASN B 70 31.65 24.10 -4.51
C ASN B 70 32.69 23.70 -3.47
N THR B 71 32.70 24.35 -2.30
CA THR B 71 33.66 24.04 -1.21
C THR B 71 33.38 22.64 -0.67
N PHE B 72 32.12 22.32 -0.34
CA PHE B 72 31.74 21.00 0.21
C PHE B 72 32.09 19.93 -0.82
N TYR B 73 31.80 20.18 -2.09
CA TYR B 73 32.05 19.21 -3.19
C TYR B 73 33.55 18.90 -3.28
N SER B 74 34.40 19.93 -3.23
CA SER B 74 35.88 19.76 -3.35
C SER B 74 36.40 18.88 -2.21
N GLU B 75 35.96 19.13 -0.99
CA GLU B 75 36.40 18.37 0.20
C GLU B 75 36.11 16.89 0.01
N LYS B 76 34.88 16.53 -0.36
CA LYS B 76 34.46 15.10 -0.47
C LYS B 76 35.28 14.39 -1.55
N LEU B 77 35.53 15.03 -2.69
CA LEU B 77 36.26 14.39 -3.82
C LEU B 77 37.68 14.02 -3.34
N ALA B 78 38.34 14.90 -2.62
CA ALA B 78 39.70 14.65 -2.08
C ALA B 78 39.65 13.38 -1.22
N GLU B 79 38.69 13.30 -0.29
CA GLU B 79 38.53 12.13 0.59
C GLU B 79 38.28 10.88 -0.26
N ALA B 80 37.51 11.01 -1.35
CA ALA B 80 37.19 9.88 -2.26
C ALA B 80 38.47 9.35 -2.91
N GLN B 81 39.34 10.25 -3.38
CA GLN B 81 40.63 9.87 -4.00
C GLN B 81 41.50 9.14 -2.95
N ARG B 82 41.56 9.66 -1.73
CA ARG B 82 42.34 9.01 -0.69
C ARG B 82 41.83 7.62 -0.34
N ARG B 83 40.53 7.50 -0.09
CA ARG B 83 39.93 6.18 0.24
C ARG B 83 40.21 5.20 -0.92
N PHE B 84 40.10 5.66 -2.16
CA PHE B 84 40.34 4.82 -3.35
C PHE B 84 41.78 4.28 -3.31
N ALA B 85 42.76 5.16 -3.15
CA ALA B 85 44.18 4.77 -3.07
C ALA B 85 44.36 3.78 -1.92
N THR B 86 43.73 4.04 -0.78
CA THR B 86 43.84 3.19 0.43
C THR B 86 43.41 1.75 0.09
N LEU B 87 42.18 1.54 -0.38
CA LEU B 87 41.66 0.19 -0.67
C LEU B 87 42.50 -0.44 -1.78
N GLN B 88 42.91 0.35 -2.78
CA GLN B 88 43.70 -0.16 -3.93
C GLN B 88 44.94 -0.89 -3.39
N ASN B 89 45.70 -0.24 -2.50
CA ASN B 89 46.93 -0.83 -1.92
C ASN B 89 46.59 -2.09 -1.13
N GLU B 90 45.55 -2.05 -0.28
CA GLU B 90 45.16 -3.21 0.55
C GLU B 90 44.89 -4.42 -0.34
N LEU B 91 44.14 -4.25 -1.43
CA LEU B 91 43.80 -5.36 -2.34
C LEU B 91 45.09 -5.85 -3.01
N GLN B 92 45.87 -4.94 -3.58
CA GLN B 92 47.15 -5.29 -4.25
C GLN B 92 47.96 -6.11 -3.25
N SER B 93 48.11 -5.63 -2.02
CA SER B 93 48.87 -6.32 -0.95
C SER B 93 48.22 -7.67 -0.66
N SER B 94 46.89 -7.73 -0.60
CA SER B 94 46.15 -8.97 -0.32
C SER B 94 46.43 -10.00 -1.42
N LEU B 95 46.31 -9.61 -2.68
CA LEU B 95 46.59 -10.51 -3.83
C LEU B 95 48.06 -10.90 -3.79
N ASP B 96 48.94 -9.93 -3.51
CA ASP B 96 50.40 -10.18 -3.45
C ASP B 96 50.69 -11.18 -2.34
N ALA B 97 50.00 -11.07 -1.21
CA ALA B 97 50.19 -11.98 -0.05
C ALA B 97 49.67 -13.37 -0.39
N GLN B 98 48.45 -13.48 -0.91
CA GLN B 98 47.84 -14.79 -1.26
C GLN B 98 48.68 -15.45 -2.35
N LYS B 99 49.06 -14.69 -3.39
CA LYS B 99 49.88 -15.20 -4.51
C LYS B 99 51.27 -15.54 -3.98
N GLU B 100 51.81 -14.73 -3.08
CA GLU B 100 53.16 -14.94 -2.50
C GLU B 100 53.12 -16.13 -1.54
N SER B 101 51.94 -16.48 -1.02
CA SER B 101 51.76 -17.59 -0.05
C SER B 101 51.36 -18.87 -0.80
N HIS B 119 44.28 -22.20 8.35
CA HIS B 119 44.05 -21.00 9.18
C HIS B 119 44.25 -19.77 8.29
N GLU B 120 45.23 -19.84 7.38
CA GLU B 120 45.51 -18.72 6.44
C GLU B 120 44.32 -18.58 5.50
N GLU B 121 43.73 -19.69 5.06
CA GLU B 121 42.59 -19.68 4.11
C GLU B 121 41.39 -19.01 4.78
N ARG B 122 41.07 -19.33 6.03
CA ARG B 122 39.89 -18.75 6.66
C ARG B 122 40.08 -17.28 7.02
N VAL B 123 41.29 -16.89 7.42
CA VAL B 123 41.59 -15.45 7.70
C VAL B 123 41.61 -14.71 6.37
N GLN B 124 42.22 -15.31 5.34
CA GLN B 124 42.32 -14.68 4.00
C GLN B 124 40.93 -14.64 3.37
N HIS B 125 40.07 -15.61 3.70
CA HIS B 125 38.68 -15.61 3.20
C HIS B 125 37.99 -14.35 3.74
N ARG B 126 38.17 -14.09 5.03
CA ARG B 126 37.60 -12.89 5.62
C ARG B 126 38.26 -11.72 4.95
N ASN B 127 39.56 -11.78 4.75
CA ASN B 127 40.32 -10.68 4.11
C ASN B 127 39.63 -10.33 2.79
N ILE B 128 39.27 -11.34 1.99
CA ILE B 128 38.55 -11.12 0.70
C ILE B 128 37.21 -10.47 1.01
N LYS B 129 36.46 -11.03 1.96
CA LYS B 129 35.12 -10.51 2.35
C LYS B 129 35.26 -9.07 2.82
N ASP B 130 36.34 -8.77 3.55
CA ASP B 130 36.59 -7.41 4.10
C ASP B 130 36.82 -6.44 2.94
N LEU B 131 37.65 -6.84 1.96
CA LEU B 131 37.95 -6.00 0.77
C LEU B 131 36.66 -5.77 -0.01
N LYS B 132 35.80 -6.79 -0.10
CA LYS B 132 34.53 -6.69 -0.90
C LYS B 132 33.59 -5.67 -0.27
N LEU B 133 33.41 -5.69 1.06
CA LEU B 133 32.52 -4.73 1.76
C LEU B 133 33.10 -3.33 1.63
N ALA B 134 34.42 -3.20 1.60
CA ALA B 134 35.11 -1.89 1.50
C ALA B 134 34.77 -1.24 0.16
N PHE B 135 34.89 -1.98 -0.94
CA PHE B 135 34.64 -1.44 -2.31
C PHE B 135 33.15 -1.14 -2.47
N SER B 136 32.27 -1.98 -1.94
CA SER B 136 30.80 -1.75 -1.98
C SER B 136 30.48 -0.44 -1.26
N GLU B 137 31.04 -0.24 -0.06
CA GLU B 137 30.80 0.99 0.75
C GLU B 137 31.36 2.21 0.03
N PHE B 138 32.53 2.10 -0.61
CA PHE B 138 33.15 3.21 -1.37
C PHE B 138 32.23 3.60 -2.52
N TYR B 139 31.72 2.64 -3.28
CA TYR B 139 30.83 2.91 -4.43
C TYR B 139 29.63 3.72 -3.95
N LEU B 140 28.99 3.31 -2.85
CA LEU B 140 27.80 4.01 -2.28
C LEU B 140 28.16 5.48 -2.05
N SER B 141 29.36 5.78 -1.57
CA SER B 141 29.81 7.15 -1.26
C SER B 141 29.92 7.97 -2.55
N LEU B 142 30.44 7.38 -3.63
CA LEU B 142 30.60 8.07 -4.93
C LEU B 142 29.21 8.40 -5.48
N ILE B 143 28.25 7.48 -5.34
CA ILE B 143 26.86 7.68 -5.86
C ILE B 143 26.19 8.80 -5.06
N LEU B 144 26.38 8.82 -3.74
CA LEU B 144 25.81 9.88 -2.86
C LEU B 144 26.34 11.23 -3.31
N LEU B 145 27.63 11.33 -3.67
CA LEU B 145 28.26 12.61 -4.11
C LEU B 145 27.73 13.00 -5.49
N GLN B 146 27.50 12.05 -6.39
CA GLN B 146 26.91 12.34 -7.72
C GLN B 146 25.50 12.91 -7.54
N ASN B 147 24.66 12.30 -6.71
CA ASN B 147 23.27 12.74 -6.47
C ASN B 147 23.28 14.13 -5.81
N TYR B 148 24.34 14.48 -5.10
CA TYR B 148 24.48 15.82 -4.46
C TYR B 148 24.50 16.88 -5.55
N GLN B 149 25.44 16.80 -6.49
CA GLN B 149 25.59 17.77 -7.61
C GLN B 149 24.32 17.83 -8.44
N ASN B 150 23.68 16.68 -8.71
CA ASN B 150 22.48 16.59 -9.56
C ASN B 150 21.30 17.35 -8.95
N LEU B 151 21.07 17.24 -7.63
CA LEU B 151 19.88 17.86 -6.98
C LEU B 151 20.16 19.32 -6.63
N ASN B 152 21.43 19.74 -6.65
CA ASN B 152 21.82 21.13 -6.30
C ASN B 152 21.69 21.98 -7.57
N PHE B 153 21.92 21.40 -8.74
CA PHE B 153 21.78 22.09 -10.06
C PHE B 153 20.30 22.21 -10.42
N THR B 154 19.49 21.18 -10.13
CA THR B 154 18.03 21.21 -10.39
C THR B 154 17.40 22.31 -9.56
N GLY B 155 17.80 22.45 -8.29
CA GLY B 155 17.25 23.49 -7.39
C GLY B 155 17.60 24.87 -7.90
N PHE B 156 18.82 25.08 -8.37
CA PHE B 156 19.28 26.39 -8.92
C PHE B 156 18.40 26.75 -10.11
N ARG B 157 18.22 25.84 -11.06
CA ARG B 157 17.40 26.09 -12.23
C ARG B 157 15.93 26.33 -11.92
N LYS B 158 15.37 25.56 -11.00
CA LYS B 158 13.92 25.66 -10.68
C LYS B 158 13.63 26.96 -9.91
N ILE B 159 14.53 27.39 -9.04
CA ILE B 159 14.36 28.64 -8.24
C ILE B 159 14.61 29.86 -9.13
N LEU B 160 15.63 29.81 -9.98
CA LEU B 160 15.98 30.93 -10.88
C LEU B 160 14.79 31.18 -11.83
N LYS B 161 14.13 30.13 -12.31
CA LYS B 161 12.92 30.24 -13.18
C LYS B 161 11.79 30.89 -12.37
N LYS B 162 11.63 30.56 -11.10
CA LYS B 162 10.62 31.17 -10.19
C LYS B 162 10.96 32.64 -9.98
N HIS B 163 12.25 33.00 -9.98
CA HIS B 163 12.69 34.41 -9.81
C HIS B 163 12.30 35.21 -11.04
N ASP B 164 12.67 34.74 -12.24
CA ASP B 164 12.35 35.44 -13.51
C ASP B 164 10.83 35.47 -13.68
N LYS B 165 10.12 34.43 -13.22
CA LYS B 165 8.65 34.29 -13.36
C LYS B 165 7.95 35.22 -12.36
N ILE B 166 8.60 35.53 -11.23
CA ILE B 166 8.04 36.41 -10.16
C ILE B 166 8.44 37.85 -10.44
N LEU B 167 9.69 38.09 -10.84
CA LEU B 167 10.22 39.46 -11.07
C LEU B 167 9.99 39.85 -12.53
N GLU B 168 9.45 38.94 -13.35
CA GLU B 168 9.16 39.22 -14.79
C GLU B 168 10.40 39.80 -15.46
N THR B 169 11.58 39.21 -15.23
CA THR B 169 12.87 39.67 -15.80
C THR B 169 13.62 38.48 -16.39
N SER B 170 14.79 38.69 -16.97
CA SER B 170 15.62 37.61 -17.59
C SER B 170 16.98 37.54 -16.91
N ARG B 171 17.13 38.13 -15.73
CA ARG B 171 18.40 38.09 -15.01
C ARG B 171 18.74 36.68 -14.55
N GLY B 172 17.74 35.96 -14.06
CA GLY B 172 17.94 34.58 -13.56
C GLY B 172 18.62 33.73 -14.62
N ALA B 173 18.13 33.78 -15.86
CA ALA B 173 18.72 33.02 -16.99
C ALA B 173 20.17 33.45 -17.16
N ASP B 174 20.43 34.76 -17.17
CA ASP B 174 21.81 35.30 -17.33
C ASP B 174 22.68 34.76 -16.20
N TRP B 175 22.23 34.89 -14.96
CA TRP B 175 22.98 34.43 -13.76
C TRP B 175 23.36 32.96 -13.93
N ARG B 176 22.40 32.09 -14.25
CA ARG B 176 22.64 30.63 -14.33
C ARG B 176 23.69 30.31 -15.40
N VAL B 177 23.54 30.84 -16.61
CA VAL B 177 24.42 30.49 -17.76
C VAL B 177 25.85 30.98 -17.52
N ALA B 178 26.04 32.05 -16.74
CA ALA B 178 27.39 32.65 -16.53
C ALA B 178 28.00 32.18 -15.21
N HIS B 179 27.23 31.56 -14.31
CA HIS B 179 27.74 31.18 -12.96
C HIS B 179 27.54 29.69 -12.68
N VAL B 180 26.31 29.23 -12.45
CA VAL B 180 26.05 27.81 -12.02
C VAL B 180 26.42 26.87 -13.17
N GLU B 181 26.10 27.23 -14.42
CA GLU B 181 26.36 26.37 -15.60
C GLU B 181 27.87 26.17 -15.75
N VAL B 182 28.68 27.05 -15.18
CA VAL B 182 30.18 26.97 -15.26
C VAL B 182 30.74 26.53 -13.92
N ALA B 183 29.93 26.51 -12.85
CA ALA B 183 30.38 26.17 -11.48
C ALA B 183 31.05 24.80 -11.47
N PRO B 184 32.18 24.62 -10.74
CA PRO B 184 32.88 23.34 -10.69
C PRO B 184 32.01 22.19 -10.14
N PHE B 185 31.12 22.47 -9.19
CA PHE B 185 30.20 21.44 -8.61
C PHE B 185 29.32 20.88 -9.73
N TYR B 186 29.16 21.61 -10.84
CA TYR B 186 28.31 21.19 -11.98
C TYR B 186 29.16 20.91 -13.22
N THR B 187 30.44 21.26 -13.20
CA THR B 187 31.33 21.12 -14.38
C THR B 187 32.31 19.95 -14.20
N CYS B 188 32.75 19.67 -12.97
CA CYS B 188 33.73 18.59 -12.68
C CYS B 188 33.23 17.26 -13.26
N LYS B 189 34.12 16.40 -13.74
CA LYS B 189 33.74 15.08 -14.32
C LYS B 189 34.75 14.01 -13.87
N LYS B 190 34.98 13.87 -12.56
CA LYS B 190 35.95 12.89 -12.01
C LYS B 190 35.22 11.81 -11.21
N ILE B 191 34.10 12.15 -10.57
CA ILE B 191 33.28 11.18 -9.81
C ILE B 191 32.88 10.06 -10.77
N ASN B 192 32.46 10.39 -12.00
CA ASN B 192 32.00 9.40 -13.02
C ASN B 192 33.15 8.43 -13.30
N GLN B 193 34.36 8.95 -13.49
CA GLN B 193 35.56 8.12 -13.79
C GLN B 193 35.85 7.22 -12.59
N LEU B 194 35.78 7.76 -11.37
CA LEU B 194 36.07 7.00 -10.14
C LEU B 194 35.09 5.83 -10.02
N ILE B 195 33.80 6.09 -10.25
CA ILE B 195 32.72 5.06 -10.16
C ILE B 195 33.01 3.95 -11.16
N SER B 196 33.38 4.28 -12.39
CA SER B 196 33.71 3.29 -13.47
C SER B 196 34.98 2.54 -13.09
N GLU B 197 35.98 3.23 -12.53
CA GLU B 197 37.27 2.60 -12.13
C GLU B 197 37.00 1.53 -11.08
N THR B 198 36.21 1.84 -10.05
CA THR B 198 35.92 0.90 -8.93
C THR B 198 35.20 -0.34 -9.48
N GLU B 199 34.15 -0.16 -10.29
CA GLU B 199 33.34 -1.30 -10.81
C GLU B 199 34.24 -2.19 -11.67
N ALA B 200 35.16 -1.59 -12.44
CA ALA B 200 36.10 -2.34 -13.30
C ALA B 200 37.03 -3.17 -12.42
N VAL B 201 37.55 -2.59 -11.32
CA VAL B 201 38.49 -3.30 -10.39
C VAL B 201 37.74 -4.43 -9.67
N VAL B 202 36.53 -4.16 -9.17
CA VAL B 202 35.75 -5.17 -8.40
C VAL B 202 35.44 -6.35 -9.32
N THR B 203 35.26 -6.12 -10.63
CA THR B 203 34.89 -7.19 -11.61
C THR B 203 36.14 -7.94 -12.09
N ASN B 204 37.29 -7.28 -12.19
CA ASN B 204 38.52 -7.90 -12.74
C ASN B 204 39.40 -8.44 -11.61
N GLU B 205 39.05 -8.21 -10.34
CA GLU B 205 39.89 -8.62 -9.19
C GLU B 205 39.14 -9.56 -8.27
N LEU B 206 37.93 -9.19 -7.83
CA LEU B 206 37.17 -9.97 -6.81
C LEU B 206 36.24 -10.98 -7.49
N GLU B 207 35.31 -10.51 -8.32
CA GLU B 207 34.34 -11.39 -9.02
C GLU B 207 35.09 -12.34 -9.94
N ASP B 208 36.36 -12.06 -10.24
CA ASP B 208 37.16 -12.90 -11.19
C ASP B 208 36.45 -12.85 -12.53
N GLY B 209 35.83 -11.73 -12.91
CA GLY B 209 35.29 -11.56 -14.28
C GLY B 209 33.82 -11.87 -14.44
N ASP B 210 32.94 -11.02 -13.91
CA ASP B 210 31.48 -11.16 -14.12
C ASP B 210 30.87 -9.82 -13.70
N ARG B 211 30.48 -8.97 -14.65
CA ARG B 211 29.93 -7.65 -14.33
C ARG B 211 28.51 -7.80 -13.84
N GLN B 212 27.92 -8.95 -14.11
CA GLN B 212 26.50 -9.21 -13.71
C GLN B 212 26.50 -9.43 -12.20
N LYS B 213 27.52 -10.10 -11.66
CA LYS B 213 27.65 -10.33 -10.19
C LYS B 213 28.18 -9.07 -9.53
N ALA B 214 29.20 -8.43 -10.11
CA ALA B 214 29.84 -7.23 -9.55
C ALA B 214 28.80 -6.12 -9.43
N MET B 215 28.04 -5.85 -10.49
CA MET B 215 27.04 -4.76 -10.51
C MET B 215 25.92 -5.12 -9.53
N LYS B 216 25.56 -6.40 -9.45
CA LYS B 216 24.49 -6.88 -8.53
C LYS B 216 24.94 -6.59 -7.09
N ARG B 217 26.24 -6.56 -6.84
CA ARG B 217 26.80 -6.30 -5.49
C ARG B 217 26.97 -4.80 -5.26
N LEU B 218 27.48 -4.04 -6.24
CA LEU B 218 27.82 -2.60 -6.05
C LEU B 218 26.68 -1.68 -6.52
N ARG B 219 25.47 -2.18 -6.79
CA ARG B 219 24.39 -1.33 -7.29
C ARG B 219 23.57 -0.76 -6.15
N VAL B 220 23.33 0.54 -6.16
CA VAL B 220 22.63 1.23 -5.04
C VAL B 220 21.18 1.49 -5.43
N PRO B 221 20.18 0.91 -4.74
CA PRO B 221 18.77 1.15 -5.03
C PRO B 221 18.26 2.42 -4.33
N PRO B 222 16.96 2.78 -4.42
CA PRO B 222 16.41 3.93 -3.70
C PRO B 222 16.49 3.72 -2.18
N LEU B 223 17.06 4.67 -1.43
CA LEU B 223 17.27 4.53 0.05
C LEU B 223 16.66 5.72 0.78
N GLY B 224 16.37 5.60 2.08
CA GLY B 224 15.88 6.72 2.91
C GLY B 224 14.37 6.76 3.02
N ALA B 225 13.76 7.94 2.82
CA ALA B 225 12.29 8.12 2.86
C ALA B 225 11.78 8.29 1.43
N ALA B 226 12.55 7.87 0.44
CA ALA B 226 12.19 8.03 -1.00
C ALA B 226 11.78 6.69 -1.61
N GLN B 227 11.67 5.63 -0.80
CA GLN B 227 11.30 4.28 -1.28
C GLN B 227 10.07 3.78 -0.51
N PRO B 228 9.02 3.26 -1.18
CA PRO B 228 7.80 2.80 -0.50
C PRO B 228 7.85 1.30 -0.16
N ALA B 229 6.77 0.74 0.41
CA ALA B 229 6.68 -0.68 0.77
C ALA B 229 5.66 -1.38 -0.14
N PRO B 230 5.73 -2.72 -0.30
CA PRO B 230 4.75 -3.45 -1.10
C PRO B 230 3.33 -3.27 -0.55
N ALA B 231 2.31 -3.21 -1.40
CA ALA B 231 0.90 -3.06 -0.96
C ALA B 231 0.44 -4.36 -0.30
N TRP B 232 1.10 -5.48 -0.60
CA TRP B 232 0.79 -6.78 0.06
C TRP B 232 1.14 -6.63 1.55
N THR B 233 2.22 -5.92 1.86
CA THR B 233 2.67 -5.66 3.26
C THR B 233 1.63 -4.78 3.95
N THR B 234 1.19 -3.70 3.30
CA THR B 234 0.16 -2.77 3.87
C THR B 234 -1.13 -3.55 4.10
N PHE B 235 -1.51 -4.44 3.17
CA PHE B 235 -2.75 -5.23 3.25
C PHE B 235 -2.64 -6.22 4.41
N ARG B 236 -1.60 -7.03 4.44
CA ARG B 236 -1.44 -8.00 5.52
C ARG B 236 -1.41 -7.28 6.85
N VAL B 237 -0.63 -6.23 6.96
CA VAL B 237 -0.54 -5.45 8.23
C VAL B 237 -1.96 -5.10 8.67
N GLY B 238 -2.76 -4.52 7.79
CA GLY B 238 -4.15 -4.13 8.11
C GLY B 238 -5.02 -5.33 8.43
N LEU B 239 -4.84 -6.44 7.72
CA LEU B 239 -5.67 -7.66 7.91
C LEU B 239 -5.43 -8.21 9.31
N PHE B 240 -4.18 -8.44 9.70
CA PHE B 240 -3.83 -9.01 11.03
C PHE B 240 -4.42 -8.09 12.11
N CYS B 241 -4.33 -6.78 11.93
CA CYS B 241 -4.85 -5.78 12.91
C CYS B 241 -6.37 -5.96 13.09
N GLY B 242 -7.13 -6.08 12.00
CA GLY B 242 -8.60 -6.21 12.06
C GLY B 242 -9.04 -7.45 12.82
N ILE B 243 -8.44 -8.61 12.56
CA ILE B 243 -8.78 -9.88 13.26
C ILE B 243 -8.47 -9.70 14.75
N PHE B 244 -7.30 -9.19 15.09
CA PHE B 244 -6.86 -8.98 16.49
C PHE B 244 -7.88 -8.11 17.23
N ILE B 245 -8.38 -7.05 16.60
CA ILE B 245 -9.36 -6.12 17.23
C ILE B 245 -10.63 -6.89 17.58
N VAL B 246 -11.15 -7.72 16.68
CA VAL B 246 -12.41 -8.48 16.90
C VAL B 246 -12.15 -9.54 17.97
N LEU B 247 -11.02 -10.24 17.89
CA LEU B 247 -10.65 -11.29 18.88
C LEU B 247 -10.48 -10.65 20.27
N ASN B 248 -10.20 -9.34 20.33
CA ASN B 248 -9.99 -8.61 21.61
C ASN B 248 -11.35 -8.23 22.23
N ILE B 249 -12.33 -7.86 21.41
CA ILE B 249 -13.71 -7.55 21.90
C ILE B 249 -14.35 -8.85 22.37
N THR B 250 -13.97 -9.99 21.79
CA THR B 250 -14.53 -11.33 22.12
C THR B 250 -13.98 -11.81 23.45
N LEU B 251 -12.74 -11.44 23.80
CA LEU B 251 -12.08 -11.83 25.07
C LEU B 251 -12.74 -11.07 26.22
N VAL B 252 -13.14 -9.81 26.00
CA VAL B 252 -13.81 -8.98 27.03
C VAL B 252 -15.16 -9.61 27.38
N LEU B 253 -16.03 -9.85 26.39
CA LEU B 253 -17.38 -10.42 26.61
C LEU B 253 -17.24 -11.81 27.22
N ALA B 254 -16.38 -12.67 26.66
CA ALA B 254 -16.16 -14.04 27.16
C ALA B 254 -15.60 -13.98 28.58
N ALA B 255 -14.75 -13.00 28.89
CA ALA B 255 -14.12 -12.85 30.23
C ALA B 255 -15.16 -12.33 31.22
N VAL B 256 -16.31 -11.85 30.74
CA VAL B 256 -17.37 -11.26 31.60
C VAL B 256 -18.54 -12.24 31.72
N PHE B 257 -18.48 -13.38 31.04
CA PHE B 257 -19.60 -14.37 31.03
C PHE B 257 -19.13 -15.78 31.39
N LYS B 258 -18.42 -16.47 30.51
CA LYS B 258 -18.05 -17.90 30.71
C LYS B 258 -17.17 -18.10 31.96
N LEU B 259 -16.36 -17.10 32.35
CA LEU B 259 -15.41 -17.25 33.49
C LEU B 259 -16.18 -17.47 34.80
N GLU B 260 -15.59 -18.18 35.76
CA GLU B 260 -16.23 -18.47 37.08
C GLU B 260 -15.43 -17.80 38.20
N THR B 261 -16.04 -17.54 39.35
CA THR B 261 -15.40 -16.85 40.50
C THR B 261 -14.83 -17.88 41.48
N ASP B 262 -15.29 -19.13 41.40
CA ASP B 262 -14.83 -20.23 42.30
C ASP B 262 -13.31 -20.34 42.18
N ARG B 263 -12.75 -20.13 40.98
CA ARG B 263 -11.28 -20.27 40.74
C ARG B 263 -10.67 -18.88 40.60
N SER B 264 -9.34 -18.76 40.72
CA SER B 264 -8.61 -17.47 40.61
C SER B 264 -8.27 -17.17 39.15
N ILE B 265 -7.70 -15.99 38.88
CA ILE B 265 -7.29 -15.58 37.50
C ILE B 265 -5.87 -15.01 37.57
N TRP B 266 -5.13 -15.28 38.64
CA TRP B 266 -3.78 -14.69 38.84
C TRP B 266 -2.70 -15.55 38.20
N PRO B 267 -2.63 -16.88 38.41
CA PRO B 267 -1.64 -17.70 37.71
C PRO B 267 -1.75 -17.42 36.21
N LEU B 268 -2.96 -17.18 35.71
CA LEU B 268 -3.21 -16.88 34.27
C LEU B 268 -2.65 -15.50 33.93
N ILE B 269 -3.13 -14.44 34.60
CA ILE B 269 -2.68 -13.05 34.35
C ILE B 269 -1.15 -13.03 34.43
N ARG B 270 -0.55 -13.89 35.24
CA ARG B 270 0.92 -13.94 35.45
C ARG B 270 1.62 -14.44 34.18
N ILE B 271 1.15 -15.53 33.59
CA ILE B 271 1.81 -16.17 32.42
C ILE B 271 1.54 -15.35 31.15
N TYR B 272 0.29 -14.95 30.90
CA TYR B 272 -0.11 -14.24 29.66
C TYR B 272 0.29 -12.76 29.67
N ARG B 273 0.53 -12.14 30.83
CA ARG B 273 0.98 -10.73 30.94
C ARG B 273 2.29 -10.54 30.16
N GLY B 274 3.20 -11.51 30.21
CA GLY B 274 4.51 -11.42 29.53
C GLY B 274 4.36 -11.25 28.04
N GLY B 275 3.50 -12.04 27.39
CA GLY B 275 3.28 -11.96 25.94
C GLY B 275 2.77 -10.61 25.53
N PHE B 276 1.88 -10.01 26.31
CA PHE B 276 1.29 -8.68 25.99
C PHE B 276 2.40 -7.64 25.87
N LEU B 277 3.41 -7.68 26.75
CA LEU B 277 4.53 -6.71 26.75
C LEU B 277 5.36 -6.86 25.48
N LEU B 278 5.72 -8.09 25.10
CA LEU B 278 6.58 -8.35 23.92
C LEU B 278 5.89 -7.84 22.65
N ILE B 279 4.58 -8.02 22.54
CA ILE B 279 3.80 -7.59 21.34
C ILE B 279 3.74 -6.06 21.34
N GLU B 280 3.57 -5.44 22.50
CA GLU B 280 3.50 -3.96 22.62
C GLU B 280 4.87 -3.39 22.25
N PHE B 281 5.96 -4.07 22.61
CA PHE B 281 7.34 -3.62 22.28
C PHE B 281 7.51 -3.58 20.76
N LEU B 282 7.21 -4.66 20.05
CA LEU B 282 7.39 -4.74 18.58
C LEU B 282 6.50 -3.70 17.90
N PHE B 283 5.29 -3.46 18.39
CA PHE B 283 4.35 -2.47 17.82
C PHE B 283 4.89 -1.05 18.02
N LEU B 284 5.29 -0.71 19.25
CA LEU B 284 5.80 0.65 19.58
C LEU B 284 7.16 0.85 18.91
N LEU B 285 7.92 -0.23 18.66
CA LEU B 285 9.26 -0.15 18.02
C LEU B 285 9.09 0.20 16.54
N GLY B 286 8.06 -0.32 15.87
CA GLY B 286 7.77 0.04 14.46
C GLY B 286 7.41 1.49 14.35
N ILE B 287 6.74 2.07 15.36
CA ILE B 287 6.36 3.51 15.36
C ILE B 287 7.63 4.34 15.57
N ASN B 288 8.69 3.76 16.15
CA ASN B 288 9.99 4.45 16.31
C ASN B 288 10.67 4.46 14.94
N THR B 289 10.79 3.31 14.28
CA THR B 289 11.43 3.20 12.95
C THR B 289 10.78 4.24 12.04
N TYR B 290 9.47 4.43 12.14
CA TYR B 290 8.72 5.40 11.31
C TYR B 290 9.19 6.82 11.62
N GLY B 291 9.24 7.22 12.89
CA GLY B 291 9.64 8.58 13.30
C GLY B 291 11.08 8.88 12.94
N TRP B 292 11.99 7.91 13.12
CA TRP B 292 13.41 8.08 12.78
C TRP B 292 13.56 8.31 11.28
N ARG B 293 12.80 7.59 10.46
CA ARG B 293 12.88 7.68 8.98
C ARG B 293 12.31 9.00 8.46
N GLN B 294 11.20 9.48 9.03
CA GLN B 294 10.52 10.71 8.56
C GLN B 294 11.19 11.97 9.12
N ALA B 295 12.01 11.85 10.18
CA ALA B 295 12.72 12.99 10.80
C ALA B 295 14.13 13.09 10.20
N GLY B 296 14.72 11.98 9.75
CA GLY B 296 16.04 12.01 9.09
C GLY B 296 17.13 11.38 9.95
N VAL B 297 16.77 10.82 11.11
CA VAL B 297 17.74 10.13 12.00
C VAL B 297 18.15 8.85 11.28
N ASN B 298 19.38 8.80 10.73
CA ASN B 298 19.86 7.62 9.95
C ASN B 298 20.15 6.49 10.93
N HIS B 299 19.15 5.69 11.27
CA HIS B 299 19.30 4.55 12.22
C HIS B 299 19.99 3.38 11.51
N VAL B 300 20.13 3.45 10.18
CA VAL B 300 20.76 2.36 9.38
C VAL B 300 22.28 2.51 9.48
N LEU B 301 22.78 3.68 9.83
CA LEU B 301 24.24 3.95 10.03
C LEU B 301 24.57 3.78 11.52
N ILE B 302 23.66 4.17 12.41
CA ILE B 302 23.87 4.08 13.88
C ILE B 302 23.86 2.61 14.28
N PHE B 303 23.02 1.77 13.65
CA PHE B 303 22.89 0.33 13.98
C PHE B 303 23.75 -0.51 13.03
N GLU B 304 24.26 0.07 11.94
CA GLU B 304 25.12 -0.63 10.95
C GLU B 304 24.34 -1.77 10.29
N LEU B 305 23.25 -1.42 9.59
CA LEU B 305 22.40 -2.39 8.85
C LEU B 305 22.63 -2.15 7.35
N ASN B 306 22.58 -3.18 6.51
CA ASN B 306 22.82 -3.07 5.05
C ASN B 306 22.12 -1.81 4.52
N PRO B 307 22.87 -0.85 3.93
CA PRO B 307 22.28 0.39 3.42
C PRO B 307 21.31 0.19 2.27
N ARG B 308 21.36 -0.96 1.58
CA ARG B 308 20.53 -1.23 0.38
C ARG B 308 19.47 -2.30 0.64
N SER B 309 19.55 -3.07 1.74
CA SER B 309 18.56 -4.10 2.12
C SER B 309 18.25 -4.06 3.62
N ASN B 310 17.18 -3.37 4.03
CA ASN B 310 16.80 -3.23 5.46
C ASN B 310 15.28 -3.27 5.60
N LEU B 311 14.74 -3.71 6.75
CA LEU B 311 13.27 -3.81 6.98
C LEU B 311 12.67 -2.42 7.13
N SER B 312 11.33 -2.29 7.10
CA SER B 312 10.62 -1.00 7.24
C SER B 312 9.66 -1.07 8.42
N HIS B 313 9.04 0.06 8.79
CA HIS B 313 8.07 0.11 9.91
C HIS B 313 6.93 -0.89 9.63
N GLN B 314 6.58 -1.10 8.36
CA GLN B 314 5.45 -2.00 7.97
C GLN B 314 5.76 -3.44 8.37
N HIS B 315 7.00 -3.89 8.23
CA HIS B 315 7.37 -5.31 8.52
C HIS B 315 7.21 -5.56 10.02
N LEU B 316 7.52 -4.59 10.88
CA LEU B 316 7.39 -4.72 12.35
C LEU B 316 5.90 -4.72 12.72
N PHE B 317 5.11 -3.79 12.17
CA PHE B 317 3.65 -3.71 12.41
C PHE B 317 3.01 -5.05 12.02
N GLU B 318 3.56 -5.73 11.02
CA GLU B 318 3.03 -7.02 10.51
C GLU B 318 3.30 -8.14 11.52
N ILE B 319 4.52 -8.23 12.06
CA ILE B 319 4.89 -9.28 13.05
C ILE B 319 4.14 -9.03 14.37
N ALA B 320 3.89 -7.78 14.73
CA ALA B 320 3.11 -7.43 15.95
C ALA B 320 1.70 -8.00 15.82
N GLY B 321 1.03 -7.79 14.68
CA GLY B 321 -0.33 -8.29 14.46
C GLY B 321 -0.40 -9.80 14.45
N PHE B 322 0.57 -10.47 13.82
CA PHE B 322 0.60 -11.94 13.71
C PHE B 322 0.62 -12.55 15.12
N LEU B 323 1.57 -12.14 15.96
CA LEU B 323 1.71 -12.69 17.32
C LEU B 323 0.54 -12.21 18.18
N GLY B 324 -0.06 -11.08 17.84
CA GLY B 324 -1.24 -10.57 18.56
C GLY B 324 -2.37 -11.57 18.47
N ILE B 325 -2.72 -12.00 17.25
CA ILE B 325 -3.83 -12.98 17.02
C ILE B 325 -3.47 -14.29 17.73
N LEU B 326 -2.22 -14.76 17.59
CA LEU B 326 -1.78 -16.02 18.22
C LEU B 326 -2.04 -15.97 19.72
N TRP B 327 -1.73 -14.86 20.38
CA TRP B 327 -1.96 -14.67 21.83
C TRP B 327 -3.45 -14.76 22.13
N CYS B 328 -4.28 -13.91 21.51
CA CYS B 328 -5.75 -13.84 21.75
C CYS B 328 -6.39 -15.22 21.64
N LEU B 329 -6.13 -15.96 20.57
CA LEU B 329 -6.74 -17.30 20.32
C LEU B 329 -6.39 -18.24 21.47
N SER B 330 -5.14 -18.25 21.93
CA SER B 330 -4.67 -19.14 23.01
C SER B 330 -5.43 -18.86 24.31
N LEU B 331 -5.60 -17.59 24.68
CA LEU B 331 -6.26 -17.21 25.95
C LEU B 331 -7.77 -17.45 25.83
N LEU B 332 -8.34 -17.31 24.63
CA LEU B 332 -9.79 -17.51 24.40
C LEU B 332 -10.07 -19.01 24.45
N ALA B 333 -9.13 -19.85 24.03
CA ALA B 333 -9.25 -21.33 24.09
C ALA B 333 -9.17 -21.77 25.55
N CYS B 334 -8.66 -20.92 26.43
CA CYS B 334 -8.52 -21.22 27.88
C CYS B 334 -9.82 -20.83 28.59
N PHE B 335 -10.44 -19.72 28.20
CA PHE B 335 -11.75 -19.28 28.76
C PHE B 335 -12.80 -20.28 28.30
N PHE B 336 -12.76 -20.72 27.03
CA PHE B 336 -13.68 -21.73 26.48
C PHE B 336 -12.99 -23.10 26.61
N ALA B 337 -13.58 -24.15 26.05
CA ALA B 337 -12.99 -25.51 26.05
C ALA B 337 -13.05 -26.06 24.63
N PRO B 338 -12.38 -25.43 23.64
CA PRO B 338 -12.47 -25.86 22.24
C PRO B 338 -12.28 -27.38 22.15
N ILE B 339 -11.47 -27.95 23.03
CA ILE B 339 -11.20 -29.42 23.07
C ILE B 339 -11.38 -29.87 24.51
N SER B 340 -11.92 -31.09 24.73
CA SER B 340 -12.15 -31.64 26.08
C SER B 340 -11.13 -32.75 26.36
N VAL B 341 -10.30 -33.10 25.39
CA VAL B 341 -9.23 -34.13 25.56
C VAL B 341 -7.90 -33.41 25.78
N ILE B 342 -7.85 -32.11 25.54
CA ILE B 342 -6.59 -31.30 25.68
C ILE B 342 -6.61 -30.61 27.04
N PRO B 343 -5.64 -30.87 27.94
CA PRO B 343 -5.59 -30.18 29.23
C PRO B 343 -5.40 -28.68 28.99
N THR B 344 -6.12 -27.84 29.74
CA THR B 344 -6.07 -26.35 29.58
C THR B 344 -4.63 -25.86 29.71
N TYR B 345 -3.75 -26.59 30.38
CA TYR B 345 -2.34 -26.16 30.63
C TYR B 345 -1.45 -26.55 29.44
N VAL B 346 -1.94 -26.38 28.20
CA VAL B 346 -1.10 -26.64 26.98
C VAL B 346 -1.23 -25.47 26.01
N TYR B 347 -2.33 -24.71 26.03
CA TYR B 347 -2.53 -23.52 25.18
C TYR B 347 -1.39 -22.51 25.42
N PRO B 348 -1.10 -22.13 26.69
CA PRO B 348 -0.03 -21.17 26.97
C PRO B 348 1.33 -21.75 26.59
N LEU B 349 1.55 -23.04 26.79
CA LEU B 349 2.85 -23.70 26.50
C LEU B 349 3.12 -23.69 24.99
N ALA B 350 2.10 -23.91 24.16
CA ALA B 350 2.20 -23.92 22.69
C ALA B 350 2.51 -22.50 22.20
N LEU B 351 1.90 -21.48 22.80
CA LEU B 351 2.09 -20.07 22.36
C LEU B 351 3.57 -19.71 22.46
N TYR B 352 4.19 -19.90 23.62
CA TYR B 352 5.61 -19.52 23.84
C TYR B 352 6.50 -20.45 23.03
N GLY B 353 6.11 -21.72 22.88
CA GLY B 353 6.86 -22.67 22.04
C GLY B 353 6.88 -22.18 20.61
N PHE B 354 5.75 -21.66 20.12
CA PHE B 354 5.64 -21.16 18.72
C PHE B 354 6.50 -19.91 18.56
N MET B 355 6.36 -18.93 19.46
CA MET B 355 7.11 -17.65 19.36
C MET B 355 8.60 -17.98 19.34
N VAL B 356 9.03 -18.96 20.14
CA VAL B 356 10.46 -19.37 20.22
C VAL B 356 10.92 -19.89 18.86
N PHE B 357 10.13 -20.72 18.20
CA PHE B 357 10.49 -21.33 16.88
C PHE B 357 10.55 -20.24 15.80
N PHE B 358 9.59 -19.31 15.77
CA PHE B 358 9.52 -18.23 14.75
C PHE B 358 10.80 -17.40 14.80
N LEU B 359 11.55 -17.46 15.90
CA LEU B 359 12.79 -16.66 16.09
C LEU B 359 14.03 -17.52 15.83
N ILE B 360 13.92 -18.85 15.91
CA ILE B 360 15.09 -19.78 15.75
C ILE B 360 14.90 -20.65 14.51
N ASN B 361 13.98 -20.29 13.61
CA ASN B 361 13.73 -21.05 12.37
C ASN B 361 15.04 -21.17 11.58
N PRO B 362 15.58 -22.38 11.36
CA PRO B 362 16.83 -22.57 10.61
C PRO B 362 16.60 -22.53 9.10
N THR B 363 15.36 -22.29 8.67
CA THR B 363 14.99 -22.23 7.22
C THR B 363 15.19 -20.81 6.69
N LYS B 364 15.36 -20.65 5.38
CA LYS B 364 15.52 -19.33 4.74
C LYS B 364 14.14 -18.75 4.44
N THR B 365 13.34 -18.46 5.47
CA THR B 365 11.97 -17.94 5.31
C THR B 365 11.62 -16.96 6.43
N PHE B 366 10.54 -16.18 6.28
CA PHE B 366 10.04 -15.25 7.33
C PHE B 366 11.15 -14.36 7.88
N TYR B 367 11.82 -13.58 7.04
CA TYR B 367 12.85 -12.59 7.47
C TYR B 367 14.09 -13.29 8.03
N TYR B 368 14.45 -14.46 7.52
CA TYR B 368 15.62 -15.24 8.01
C TYR B 368 16.81 -14.30 8.23
N LYS B 369 17.13 -13.43 7.28
CA LYS B 369 18.29 -12.50 7.37
C LYS B 369 18.13 -11.57 8.57
N SER B 370 16.96 -10.93 8.73
CA SER B 370 16.67 -10.02 9.86
C SER B 370 16.78 -10.79 11.18
N ARG B 371 16.26 -12.00 11.26
CA ARG B 371 16.35 -12.78 12.47
C ARG B 371 17.77 -13.21 12.76
N PHE B 372 18.53 -13.52 11.74
CA PHE B 372 19.95 -13.92 11.90
C PHE B 372 20.72 -12.80 12.59
N TRP B 373 20.48 -11.54 12.22
CA TRP B 373 21.13 -10.37 12.85
C TRP B 373 20.76 -10.32 14.33
N LEU B 374 19.48 -10.43 14.67
CA LEU B 374 19.00 -10.34 16.09
C LEU B 374 19.60 -11.50 16.89
N LEU B 375 19.68 -12.70 16.33
CA LEU B 375 20.22 -13.90 17.03
C LEU B 375 21.71 -13.69 17.29
N LYS B 376 22.45 -13.11 16.34
CA LYS B 376 23.89 -12.83 16.50
C LYS B 376 24.09 -11.77 17.59
N LEU B 377 23.38 -10.63 17.50
CA LEU B 377 23.50 -9.52 18.48
C LEU B 377 23.22 -10.05 19.89
N LEU B 378 22.11 -10.75 20.08
CA LEU B 378 21.70 -11.26 21.42
C LEU B 378 22.86 -12.08 22.02
N PHE B 379 23.48 -12.96 21.23
CA PHE B 379 24.63 -13.79 21.70
C PHE B 379 25.75 -12.88 22.20
N ARG B 380 26.16 -11.89 21.39
CA ARG B 380 27.26 -10.96 21.73
C ARG B 380 26.88 -10.14 22.97
N VAL B 381 25.59 -9.88 23.18
CA VAL B 381 25.10 -9.03 24.32
C VAL B 381 24.91 -9.92 25.56
N PHE B 382 24.96 -11.25 25.40
CA PHE B 382 24.84 -12.20 26.53
C PHE B 382 26.23 -12.79 26.80
N THR B 383 27.26 -12.33 26.10
CA THR B 383 28.67 -12.72 26.33
C THR B 383 29.44 -11.40 26.41
N ALA B 384 28.85 -10.37 27.02
CA ALA B 384 29.39 -9.00 27.09
C ALA B 384 30.90 -8.91 27.31
N PRO B 385 31.49 -9.54 28.36
CA PRO B 385 32.91 -9.32 28.68
C PRO B 385 33.90 -9.78 27.61
N PHE B 386 33.49 -10.63 26.65
CA PHE B 386 34.43 -11.22 25.66
C PHE B 386 34.37 -10.51 24.30
N HIS B 387 33.43 -9.58 24.10
CA HIS B 387 33.26 -8.89 22.79
C HIS B 387 33.24 -7.37 22.99
N LYS B 388 33.59 -6.61 21.95
CA LYS B 388 33.57 -5.12 22.01
C LYS B 388 32.11 -4.66 22.00
N VAL B 389 31.82 -3.41 22.36
CA VAL B 389 30.43 -2.89 22.47
C VAL B 389 30.18 -1.82 21.41
N GLY B 390 29.12 -1.98 20.60
CA GLY B 390 28.72 -0.99 19.58
C GLY B 390 27.33 -0.47 19.91
N PHE B 391 26.89 0.63 19.30
CA PHE B 391 25.58 1.24 19.64
C PHE B 391 24.51 0.16 19.65
N ALA B 392 24.48 -0.71 18.64
CA ALA B 392 23.46 -1.78 18.53
C ALA B 392 23.54 -2.72 19.74
N ASP B 393 24.73 -3.17 20.13
CA ASP B 393 24.90 -4.15 21.23
C ASP B 393 24.43 -3.53 22.56
N PHE B 394 24.92 -2.34 22.91
CA PHE B 394 24.57 -1.72 24.20
C PHE B 394 23.10 -1.28 24.19
N TRP B 395 22.60 -0.87 23.03
CA TRP B 395 21.20 -0.36 22.93
C TRP B 395 20.21 -1.48 23.25
N LEU B 396 20.48 -2.71 22.78
CA LEU B 396 19.57 -3.85 23.03
C LEU B 396 19.56 -4.18 24.52
N ALA B 397 20.73 -4.18 25.17
CA ALA B 397 20.80 -4.52 26.60
C ALA B 397 20.00 -3.48 27.39
N ASP B 398 19.89 -2.26 26.87
CA ASP B 398 19.04 -1.24 27.54
C ASP B 398 17.59 -1.52 27.14
N GLN B 399 17.36 -2.17 26.00
CA GLN B 399 15.98 -2.58 25.62
C GLN B 399 15.57 -3.75 26.50
N LEU B 400 16.50 -4.68 26.79
CA LEU B 400 16.22 -5.89 27.61
C LEU B 400 16.25 -5.52 29.09
N ASN B 401 16.51 -4.25 29.41
CA ASN B 401 16.56 -3.76 30.83
C ASN B 401 15.18 -3.21 31.18
N SER B 402 14.31 -3.02 30.18
CA SER B 402 12.91 -2.55 30.41
C SER B 402 11.95 -3.70 30.07
N LEU B 403 12.48 -4.87 29.75
CA LEU B 403 11.67 -6.09 29.43
C LEU B 403 12.08 -7.19 30.40
N SER B 404 12.03 -6.92 31.71
CA SER B 404 12.39 -7.90 32.77
C SER B 404 11.11 -8.53 33.34
N VAL B 405 9.97 -7.84 33.24
CA VAL B 405 8.67 -8.40 33.69
C VAL B 405 8.46 -9.68 32.90
N ILE B 406 8.87 -9.70 31.62
CA ILE B 406 8.75 -10.89 30.74
C ILE B 406 9.61 -12.02 31.33
N LEU B 407 10.80 -11.72 31.84
CA LEU B 407 11.72 -12.72 32.44
C LEU B 407 11.11 -13.22 33.75
N MET B 408 10.52 -12.33 34.55
CA MET B 408 9.90 -12.70 35.85
C MET B 408 8.64 -13.53 35.61
N ASP B 409 7.83 -13.16 34.61
CA ASP B 409 6.62 -13.94 34.25
C ASP B 409 7.06 -15.33 33.84
N LEU B 410 8.07 -15.43 32.97
CA LEU B 410 8.61 -16.73 32.50
C LEU B 410 9.09 -17.50 33.74
N GLU B 411 9.68 -16.80 34.71
CA GLU B 411 10.19 -17.42 35.94
C GLU B 411 9.02 -18.09 36.68
N TYR B 412 7.98 -17.34 37.03
CA TYR B 412 6.81 -17.87 37.76
C TYR B 412 6.24 -19.08 37.02
N MET B 413 5.97 -18.92 35.72
CA MET B 413 5.37 -20.01 34.90
C MET B 413 6.15 -21.30 35.11
N ILE B 414 7.47 -21.27 34.97
CA ILE B 414 8.33 -22.49 35.08
C ILE B 414 8.07 -23.18 36.41
N CYS B 415 8.26 -22.48 37.53
CA CYS B 415 8.05 -23.04 38.89
C CYS B 415 6.59 -23.46 39.08
N PHE B 416 5.64 -22.70 38.54
CA PHE B 416 4.18 -22.97 38.69
C PHE B 416 3.85 -24.33 38.08
N TYR B 417 4.33 -24.61 36.87
CA TYR B 417 4.06 -25.89 36.15
C TYR B 417 4.92 -27.00 36.76
N SER B 418 5.77 -26.69 37.73
CA SER B 418 6.69 -27.68 38.33
C SER B 418 6.34 -27.97 39.79
N LEU B 419 5.86 -26.98 40.55
CA LEU B 419 5.61 -27.15 42.02
C LEU B 419 4.14 -26.99 42.38
N GLU B 420 3.37 -26.16 41.66
CA GLU B 420 1.96 -25.86 42.02
C GLU B 420 0.99 -26.43 41.00
N LEU B 421 1.46 -27.11 39.96
CA LEU B 421 0.56 -27.60 38.86
C LEU B 421 0.10 -29.03 39.16
N LYS B 422 -1.21 -29.26 39.24
CA LYS B 422 -1.80 -30.59 39.47
C LYS B 422 -2.19 -31.20 38.12
N TRP B 423 -1.29 -31.97 37.50
CA TRP B 423 -1.54 -32.57 36.16
C TRP B 423 -2.67 -33.60 36.27
N ASP B 424 -2.89 -34.20 37.45
CA ASP B 424 -4.01 -35.15 37.67
C ASP B 424 -5.31 -34.42 37.33
N GLU B 425 -5.38 -33.11 37.59
CA GLU B 425 -6.58 -32.29 37.27
C GLU B 425 -6.36 -31.64 35.90
N SER B 426 -7.07 -32.10 34.86
CA SER B 426 -6.96 -31.56 33.49
C SER B 426 -7.15 -30.04 33.54
N LYS B 427 -8.09 -29.56 34.37
CA LYS B 427 -8.36 -28.10 34.53
C LYS B 427 -7.52 -27.57 35.69
N GLY B 428 -6.21 -27.85 35.70
CA GLY B 428 -5.31 -27.42 36.79
C GLY B 428 -4.49 -26.20 36.41
N LEU B 429 -4.71 -25.65 35.21
CA LEU B 429 -3.98 -24.43 34.76
C LEU B 429 -4.45 -23.25 35.61
N LEU B 430 -5.76 -23.06 35.76
CA LEU B 430 -6.31 -21.92 36.53
C LEU B 430 -6.96 -22.45 37.82
N PRO B 431 -6.46 -22.09 39.03
CA PRO B 431 -7.00 -22.60 40.29
C PRO B 431 -8.41 -22.06 40.54
N SER B 437 2.58 -22.18 48.45
CA SER B 437 1.58 -21.53 47.57
C SER B 437 2.03 -20.11 47.25
N GLY B 438 2.26 -19.81 45.96
CA GLY B 438 2.70 -18.47 45.52
C GLY B 438 4.19 -18.31 45.68
N ILE B 439 4.87 -19.38 46.11
CA ILE B 439 6.34 -19.39 46.32
C ILE B 439 7.02 -19.25 44.96
N CYS B 440 6.33 -19.64 43.88
CA CYS B 440 6.85 -19.54 42.50
C CYS B 440 6.84 -18.06 42.08
N HIS B 441 5.87 -17.29 42.58
CA HIS B 441 5.72 -15.84 42.21
C HIS B 441 6.34 -14.96 43.29
N LYS B 442 6.94 -15.55 44.33
CA LYS B 442 7.54 -14.80 45.45
C LYS B 442 9.07 -14.90 45.39
N TYR B 443 9.78 -13.96 46.02
CA TYR B 443 11.28 -13.94 46.06
C TYR B 443 11.73 -14.65 47.32
N THR B 444 10.97 -15.65 47.79
CA THR B 444 11.29 -16.40 49.02
C THR B 444 12.74 -16.91 48.94
N TYR B 445 13.22 -17.24 47.73
CA TYR B 445 14.59 -17.76 47.52
C TYR B 445 15.48 -16.69 46.90
N GLY B 446 14.89 -15.57 46.46
CA GLY B 446 15.65 -14.48 45.83
C GLY B 446 15.64 -14.62 44.32
N VAL B 447 14.97 -15.64 43.77
CA VAL B 447 14.89 -15.90 42.31
C VAL B 447 14.28 -14.66 41.65
N ARG B 448 13.39 -13.96 42.35
CA ARG B 448 12.74 -12.75 41.83
C ARG B 448 13.58 -11.53 42.14
N ALA B 449 14.81 -11.73 42.55
CA ALA B 449 15.78 -10.65 42.82
C ALA B 449 16.97 -10.80 41.89
N ILE B 450 17.60 -11.97 41.87
CA ILE B 450 18.78 -12.25 40.99
C ILE B 450 18.33 -12.14 39.54
N VAL B 451 17.15 -12.67 39.20
CA VAL B 451 16.58 -12.59 37.82
C VAL B 451 16.32 -11.12 37.51
N GLN B 452 15.95 -10.32 38.52
CA GLN B 452 15.63 -8.89 38.34
C GLN B 452 16.94 -8.11 38.16
N CYS B 453 18.08 -8.72 38.45
CA CYS B 453 19.42 -8.07 38.35
C CYS B 453 20.23 -8.68 37.21
N ILE B 454 19.58 -9.33 36.24
CA ILE B 454 20.26 -9.92 35.04
C ILE B 454 20.55 -8.81 34.03
N PRO B 455 19.55 -8.01 33.59
CA PRO B 455 19.80 -7.01 32.55
C PRO B 455 20.73 -5.88 33.02
N ALA B 456 20.63 -5.48 34.29
CA ALA B 456 21.52 -4.44 34.86
C ALA B 456 22.95 -4.95 34.93
N TRP B 457 23.13 -6.22 35.28
CA TRP B 457 24.48 -6.85 35.34
C TRP B 457 25.13 -6.83 33.95
N LEU B 458 24.35 -7.07 32.88
CA LEU B 458 24.86 -7.05 31.49
C LEU B 458 25.36 -5.64 31.15
N ARG B 459 24.56 -4.60 31.41
CA ARG B 459 24.97 -3.23 31.14
C ARG B 459 26.17 -2.80 31.98
N PHE B 460 26.22 -3.20 33.23
CA PHE B 460 27.36 -2.88 34.14
C PHE B 460 28.66 -3.45 33.56
N ILE B 461 28.67 -4.73 33.20
CA ILE B 461 29.91 -5.40 32.69
C ILE B 461 30.28 -4.83 31.31
N GLN B 462 29.30 -4.50 30.47
CA GLN B 462 29.55 -3.92 29.13
C GLN B 462 30.23 -2.56 29.29
N CYS B 463 29.84 -1.77 30.29
CA CYS B 463 30.42 -0.41 30.55
C CYS B 463 31.88 -0.52 30.98
N LEU B 464 32.19 -1.40 31.94
CA LEU B 464 33.58 -1.60 32.42
C LEU B 464 34.45 -1.99 31.23
N ARG B 465 33.97 -2.85 30.34
CA ARG B 465 34.72 -3.25 29.15
C ARG B 465 35.07 -2.01 28.34
N ARG B 466 34.09 -1.15 28.12
CA ARG B 466 34.32 0.09 27.34
C ARG B 466 35.45 0.89 28.01
N TYR B 467 35.43 1.03 29.33
CA TYR B 467 36.47 1.77 30.08
C TYR B 467 37.83 1.11 29.87
N ARG B 468 37.94 -0.20 29.99
CA ARG B 468 39.21 -0.86 29.78
C ARG B 468 39.70 -0.62 28.36
N ASP B 469 38.78 -0.50 27.42
CA ASP B 469 39.12 -0.36 25.98
C ASP B 469 39.38 1.10 25.63
N THR B 470 38.85 2.05 26.41
CA THR B 470 38.97 3.51 26.14
C THR B 470 39.94 4.15 27.14
N LYS B 471 40.18 3.50 28.28
CA LYS B 471 41.08 4.04 29.35
C LYS B 471 40.55 5.40 29.83
N ARG B 472 39.26 5.65 29.67
CA ARG B 472 38.65 6.91 30.11
C ARG B 472 37.59 6.61 31.17
N ALA B 473 37.76 7.13 32.38
CA ALA B 473 36.86 6.83 33.51
C ALA B 473 35.57 7.66 33.43
N PHE B 474 35.50 8.65 32.55
CA PHE B 474 34.25 9.44 32.35
C PHE B 474 33.91 9.46 30.86
N PRO B 475 32.81 8.81 30.40
CA PRO B 475 31.68 8.44 31.26
C PRO B 475 31.56 6.93 31.48
N HIS B 476 32.59 6.16 31.16
CA HIS B 476 32.54 4.68 31.23
C HIS B 476 32.35 4.18 32.67
N LEU B 477 33.03 4.77 33.65
CA LEU B 477 32.99 4.27 35.05
C LEU B 477 31.91 4.99 35.87
N VAL B 478 31.53 6.21 35.51
CA VAL B 478 30.41 6.90 36.19
C VAL B 478 29.12 6.18 35.80
N ASN B 479 29.00 5.73 34.55
CA ASN B 479 27.82 4.98 34.06
C ASN B 479 27.68 3.66 34.81
N ALA B 480 28.78 2.93 35.01
CA ALA B 480 28.77 1.63 35.70
C ALA B 480 28.24 1.82 37.12
N GLY B 481 28.24 3.05 37.62
CA GLY B 481 27.69 3.36 38.95
C GLY B 481 26.17 3.40 38.92
N LYS B 482 25.58 3.96 37.86
CA LYS B 482 24.10 4.04 37.70
C LYS B 482 23.51 2.62 37.69
N TYR B 483 24.25 1.65 37.17
CA TYR B 483 23.72 0.27 37.05
C TYR B 483 23.88 -0.49 38.38
N SER B 484 24.90 -0.14 39.17
CA SER B 484 25.13 -0.81 40.48
C SER B 484 24.02 -0.43 41.48
N THR B 485 23.58 0.83 41.47
CA THR B 485 22.57 1.30 42.45
C THR B 485 21.40 0.31 42.51
N THR B 486 20.97 -0.22 41.37
CA THR B 486 19.84 -1.19 41.33
C THR B 486 20.14 -2.38 42.24
N PHE B 487 21.33 -2.97 42.08
CA PHE B 487 21.72 -4.18 42.88
C PHE B 487 21.37 -3.93 44.35
N PHE B 488 21.75 -2.78 44.91
CA PHE B 488 21.50 -2.45 46.33
C PHE B 488 20.00 -2.33 46.59
N MET B 489 19.27 -1.49 45.85
CA MET B 489 17.83 -1.27 46.13
C MET B 489 17.12 -2.63 46.22
N VAL B 490 17.21 -3.45 45.17
CA VAL B 490 16.55 -4.78 45.13
C VAL B 490 16.99 -5.60 46.35
N THR B 491 18.30 -5.66 46.63
CA THR B 491 18.85 -6.42 47.77
C THR B 491 18.19 -5.99 49.07
N PHE B 492 18.34 -4.72 49.48
CA PHE B 492 17.80 -4.23 50.78
C PHE B 492 16.30 -4.46 50.82
N ALA B 493 15.58 -4.21 49.73
CA ALA B 493 14.12 -4.47 49.65
C ALA B 493 13.89 -5.90 50.15
N ALA B 494 14.64 -6.87 49.66
CA ALA B 494 14.53 -8.28 50.07
C ALA B 494 14.91 -8.42 51.55
N LEU B 495 16.02 -7.83 51.98
CA LEU B 495 16.51 -7.91 53.38
C LEU B 495 15.38 -7.46 54.31
N TYR B 496 14.81 -6.27 54.06
CA TYR B 496 13.73 -5.71 54.91
C TYR B 496 12.50 -6.60 54.84
N SER B 497 12.12 -7.08 53.65
CA SER B 497 10.90 -7.89 53.45
C SER B 497 11.07 -9.30 54.03
N THR B 498 12.29 -9.85 54.02
CA THR B 498 12.54 -11.24 54.50
C THR B 498 12.75 -11.23 56.01
N HIS B 499 13.52 -10.27 56.54
CA HIS B 499 13.69 -10.14 58.01
C HIS B 499 12.32 -9.87 58.60
N LYS B 500 11.60 -8.89 58.05
CA LYS B 500 10.22 -8.55 58.48
C LYS B 500 9.32 -9.78 58.36
N GLU B 501 9.57 -10.62 57.35
CA GLU B 501 8.79 -11.87 57.13
C GLU B 501 9.03 -12.84 58.30
N ARG B 502 10.24 -12.89 58.86
CA ARG B 502 10.48 -13.74 60.03
C ARG B 502 10.33 -12.93 61.32
N GLY B 503 9.82 -11.71 61.18
CA GLY B 503 9.54 -10.85 62.35
C GLY B 503 10.78 -10.60 63.17
N HIS B 504 11.95 -10.53 62.53
CA HIS B 504 13.23 -10.23 63.23
C HIS B 504 13.20 -8.77 63.69
N SER B 505 14.22 -8.33 64.43
CA SER B 505 14.31 -6.94 64.95
C SER B 505 15.12 -6.08 63.99
N ASP B 506 15.41 -6.57 62.78
CA ASP B 506 16.15 -5.79 61.75
C ASP B 506 15.19 -5.44 60.61
N THR B 507 13.90 -5.27 60.91
CA THR B 507 12.86 -4.95 59.90
C THR B 507 12.95 -3.47 59.49
N MET B 508 12.84 -2.54 60.44
CA MET B 508 12.90 -1.08 60.16
C MET B 508 14.27 -0.71 59.62
N VAL B 509 15.35 -1.31 60.15
CA VAL B 509 16.74 -0.96 59.74
C VAL B 509 16.87 -1.18 58.23
N PHE B 510 16.55 -2.38 57.74
CA PHE B 510 16.68 -2.70 56.30
C PHE B 510 15.71 -1.83 55.52
N PHE B 511 14.49 -1.62 56.05
CA PHE B 511 13.46 -0.79 55.38
C PHE B 511 14.03 0.59 55.09
N TYR B 512 14.67 1.23 56.07
CA TYR B 512 15.25 2.60 55.93
C TYR B 512 16.41 2.56 54.93
N LEU B 513 17.33 1.61 55.08
CA LEU B 513 18.48 1.47 54.15
C LEU B 513 17.93 1.27 52.74
N TRP B 514 16.87 0.45 52.60
CA TRP B 514 16.27 0.15 51.28
C TRP B 514 15.71 1.41 50.64
N ILE B 515 14.82 2.12 51.33
CA ILE B 515 14.16 3.35 50.77
C ILE B 515 15.25 4.34 50.35
N VAL B 516 16.37 4.39 51.06
CA VAL B 516 17.50 5.31 50.75
C VAL B 516 18.04 5.00 49.35
N PHE B 517 18.41 3.75 49.08
CA PHE B 517 18.98 3.34 47.77
C PHE B 517 17.94 3.58 46.67
N TYR B 518 16.67 3.38 46.96
CA TYR B 518 15.58 3.56 45.96
C TYR B 518 15.64 4.99 45.40
N ILE B 519 15.61 6.01 46.26
CA ILE B 519 15.61 7.43 45.82
C ILE B 519 16.95 7.73 45.13
N ILE B 520 18.05 7.17 45.64
CA ILE B 520 19.39 7.36 45.05
C ILE B 520 19.37 6.92 43.58
N SER B 521 18.85 5.72 43.29
CA SER B 521 18.80 5.16 41.92
C SER B 521 17.84 5.98 41.05
N SER B 522 16.67 6.34 41.58
CA SER B 522 15.63 7.06 40.80
C SER B 522 16.18 8.37 40.25
N CYS B 523 17.19 8.97 40.89
CA CYS B 523 17.77 10.28 40.46
C CYS B 523 19.07 10.07 39.67
N TYR B 524 19.81 8.98 39.94
CA TYR B 524 21.10 8.68 39.26
C TYR B 524 20.79 8.18 37.85
N THR B 525 19.53 7.97 37.52
CA THR B 525 19.09 7.48 36.18
C THR B 525 18.36 8.60 35.44
N LEU B 526 17.51 9.33 36.15
CA LEU B 526 16.78 10.48 35.56
C LEU B 526 17.79 11.52 35.05
N ILE B 527 18.78 11.88 35.87
CA ILE B 527 19.76 12.94 35.47
C ILE B 527 20.59 12.42 34.29
N TRP B 528 21.18 11.23 34.40
CA TRP B 528 22.02 10.63 33.33
C TRP B 528 21.24 10.60 32.01
N ASP B 529 19.94 10.33 32.02
CA ASP B 529 19.18 10.18 30.75
C ASP B 529 18.56 11.52 30.32
N LEU B 530 18.60 12.56 31.17
CA LEU B 530 18.08 13.91 30.80
C LEU B 530 19.23 14.81 30.35
N LYS B 531 20.48 14.49 30.72
CA LYS B 531 21.66 15.34 30.41
C LYS B 531 22.72 14.55 29.65
N MET B 532 22.94 13.27 29.97
CA MET B 532 24.04 12.48 29.38
C MET B 532 23.54 11.59 28.23
N ASP B 533 22.23 11.35 28.12
CA ASP B 533 21.65 10.53 27.02
C ASP B 533 20.95 11.45 26.02
N TRP B 534 19.75 11.94 26.34
CA TRP B 534 19.01 12.89 25.46
C TRP B 534 19.97 14.01 25.05
N GLY B 535 20.65 14.66 26.00
CA GLY B 535 21.64 15.72 25.72
C GLY B 535 21.07 17.12 25.86
N LEU B 536 19.90 17.27 26.48
CA LEU B 536 19.23 18.58 26.65
C LEU B 536 19.91 19.36 27.77
N PHE B 537 19.35 20.49 28.21
CA PHE B 537 19.96 21.35 29.25
C PHE B 537 21.37 21.72 28.79
N ASP B 538 21.50 22.39 27.64
CA ASP B 538 22.83 22.70 27.03
C ASP B 538 23.19 24.17 27.27
N LYS B 539 24.47 24.47 27.48
CA LYS B 539 24.95 25.87 27.62
C LYS B 539 24.50 26.63 26.37
N ASN B 540 24.60 26.00 25.19
CA ASN B 540 24.15 26.59 23.92
C ASN B 540 22.72 26.11 23.66
N ALA B 541 21.73 26.67 24.37
CA ALA B 541 20.31 26.29 24.22
C ALA B 541 19.58 27.36 23.40
N GLY B 542 20.08 28.60 23.44
CA GLY B 542 19.47 29.72 22.68
C GLY B 542 17.97 29.76 22.83
N GLU B 543 17.23 29.88 21.71
CA GLU B 543 15.75 29.95 21.73
C GLU B 543 15.20 28.67 22.35
N ASN B 544 15.82 27.52 22.08
CA ASN B 544 15.39 26.21 22.63
C ASN B 544 15.81 26.16 24.10
N THR B 545 15.09 26.83 25.00
CA THR B 545 15.43 26.89 26.44
C THR B 545 15.46 25.48 27.04
N PHE B 546 16.52 25.13 27.77
CA PHE B 546 16.67 23.79 28.42
C PHE B 546 16.69 22.71 27.35
N LEU B 547 17.00 23.06 26.09
CA LEU B 547 17.08 22.08 24.98
C LEU B 547 18.38 22.31 24.22
N ARG B 548 18.89 21.29 23.53
CA ARG B 548 20.15 21.39 22.75
C ARG B 548 20.01 22.52 21.72
N GLU B 549 21.11 22.97 21.14
CA GLU B 549 21.11 24.07 20.13
C GLU B 549 20.31 23.66 18.89
N GLU B 550 20.53 22.46 18.36
CA GLU B 550 19.85 21.96 17.14
C GLU B 550 18.99 20.75 17.48
N ILE B 551 17.67 20.82 17.26
CA ILE B 551 16.72 19.71 17.57
C ILE B 551 16.19 19.14 16.27
N VAL B 552 16.33 17.83 16.04
CA VAL B 552 15.92 17.15 14.77
C VAL B 552 14.39 17.10 14.67
N TYR B 553 13.69 16.62 15.70
CA TYR B 553 12.22 16.46 15.68
C TYR B 553 11.57 17.82 15.44
N PRO B 554 10.38 17.90 14.82
CA PRO B 554 9.78 19.19 14.43
C PRO B 554 9.34 20.14 15.54
N GLN B 555 8.59 19.67 16.54
CA GLN B 555 8.02 20.53 17.61
C GLN B 555 8.94 20.51 18.84
N LYS B 556 8.99 21.61 19.59
CA LYS B 556 9.76 21.67 20.86
C LYS B 556 8.85 21.14 21.97
N ALA B 557 7.55 21.03 21.71
CA ALA B 557 6.57 20.50 22.69
C ALA B 557 6.92 19.06 23.02
N TYR B 558 7.38 18.28 22.03
CA TYR B 558 7.76 16.85 22.22
C TYR B 558 8.84 16.74 23.29
N TYR B 559 9.89 17.55 23.21
CA TYR B 559 11.04 17.49 24.15
C TYR B 559 10.55 17.81 25.56
N TYR B 560 9.82 18.92 25.73
CA TYR B 560 9.34 19.37 27.06
C TYR B 560 8.38 18.34 27.64
N CYS B 561 7.44 17.82 26.85
CA CYS B 561 6.44 16.83 27.32
C CYS B 561 7.12 15.53 27.72
N ALA B 562 8.10 15.05 26.95
CA ALA B 562 8.81 13.79 27.24
C ALA B 562 9.59 13.94 28.55
N ILE B 563 10.18 15.11 28.80
CA ILE B 563 10.97 15.37 30.04
C ILE B 563 10.05 15.10 31.24
N ILE B 564 8.83 15.63 31.22
CA ILE B 564 7.83 15.41 32.30
C ILE B 564 7.57 13.90 32.45
N GLU B 565 7.34 13.18 31.35
CA GLU B 565 6.98 11.74 31.39
C GLU B 565 8.14 10.92 31.96
N ASP B 566 9.38 11.22 31.60
CA ASP B 566 10.56 10.44 32.06
C ASP B 566 10.64 10.58 33.57
N VAL B 567 10.38 11.78 34.09
CA VAL B 567 10.41 12.05 35.56
C VAL B 567 9.27 11.29 36.23
N ILE B 568 8.03 11.54 35.82
CA ILE B 568 6.81 10.90 36.42
C ILE B 568 6.97 9.39 36.47
N LEU B 569 7.58 8.77 35.46
CA LEU B 569 7.66 7.28 35.37
C LEU B 569 9.05 6.76 35.73
N ARG B 570 10.01 7.63 36.09
CA ARG B 570 11.34 7.19 36.56
C ARG B 570 11.24 6.92 38.06
N PHE B 571 10.22 7.46 38.72
CA PHE B 571 9.98 7.28 40.18
C PHE B 571 8.84 6.28 40.35
N ALA B 572 8.42 5.60 39.29
CA ALA B 572 7.32 4.60 39.33
C ALA B 572 7.79 3.28 38.73
N TRP B 573 9.08 3.14 38.39
CA TRP B 573 9.66 1.89 37.85
C TRP B 573 10.58 1.27 38.91
N THR B 574 11.14 2.10 39.79
CA THR B 574 11.98 1.63 40.93
C THR B 574 11.06 0.96 41.95
N ILE B 575 9.78 1.31 41.94
CA ILE B 575 8.76 0.73 42.87
C ILE B 575 8.28 -0.60 42.29
N GLN B 576 8.26 -0.74 40.96
CA GLN B 576 7.77 -1.96 40.27
C GLN B 576 8.84 -3.05 40.34
N ILE B 577 10.04 -2.74 40.84
CA ILE B 577 11.14 -3.74 41.01
C ILE B 577 11.34 -3.97 42.50
N SER B 578 10.77 -3.13 43.37
CA SER B 578 10.85 -3.29 44.84
C SER B 578 9.65 -4.09 45.32
N ILE B 579 8.65 -4.27 44.46
CA ILE B 579 7.48 -5.14 44.80
C ILE B 579 7.77 -6.55 44.28
N THR B 580 9.04 -6.85 44.01
CA THR B 580 9.43 -8.23 43.58
C THR B 580 10.19 -8.90 44.72
N SER B 581 10.01 -8.44 45.96
CA SER B 581 10.67 -9.05 47.14
C SER B 581 9.69 -9.13 48.31
N THR B 582 8.64 -9.95 48.19
CA THR B 582 7.69 -10.19 49.32
C THR B 582 7.39 -8.87 50.04
N THR B 583 6.82 -7.88 49.36
CA THR B 583 6.51 -6.54 49.97
C THR B 583 4.99 -6.32 49.99
N LEU B 584 4.36 -6.19 48.81
CA LEU B 584 2.89 -5.94 48.70
C LEU B 584 2.15 -7.27 48.91
N LEU B 585 2.02 -7.73 50.15
CA LEU B 585 1.35 -9.02 50.46
C LEU B 585 0.00 -9.08 49.75
N PRO B 586 -0.85 -8.02 49.78
CA PRO B 586 -2.18 -8.09 49.19
C PRO B 586 -2.16 -8.24 47.67
N HIS B 587 -3.27 -8.65 47.06
CA HIS B 587 -3.38 -8.77 45.59
C HIS B 587 -3.27 -7.37 44.99
N SER B 588 -3.36 -6.31 45.78
CA SER B 588 -3.22 -4.91 45.31
C SER B 588 -1.85 -4.77 44.67
N GLY B 589 -0.82 -5.34 45.31
CA GLY B 589 0.53 -5.34 44.71
C GLY B 589 0.52 -6.03 43.36
N ASP B 590 -0.21 -7.14 43.25
CA ASP B 590 -0.33 -7.84 41.95
C ASP B 590 -0.94 -6.88 40.92
N ILE B 591 -2.00 -6.17 41.32
CA ILE B 591 -2.65 -5.17 40.41
C ILE B 591 -1.60 -4.12 40.03
N ILE B 592 -0.80 -3.67 41.01
CA ILE B 592 0.22 -2.62 40.75
C ILE B 592 1.17 -3.13 39.66
N ALA B 593 1.71 -4.34 39.82
CA ALA B 593 2.69 -4.87 38.85
C ALA B 593 2.05 -4.98 37.47
N THR B 594 0.83 -5.50 37.40
CA THR B 594 0.16 -5.73 36.09
C THR B 594 -0.19 -4.39 35.43
N VAL B 595 -0.17 -3.30 36.19
CA VAL B 595 -0.61 -1.99 35.63
C VAL B 595 0.64 -1.14 35.32
N PHE B 596 1.83 -1.59 35.72
CA PHE B 596 3.05 -0.77 35.52
C PHE B 596 3.90 -1.33 34.38
N ALA B 597 3.96 -2.65 34.23
CA ALA B 597 4.77 -3.31 33.19
C ALA B 597 4.47 -2.64 31.84
N PRO B 598 3.18 -2.37 31.50
CA PRO B 598 2.84 -1.68 30.26
C PRO B 598 3.40 -0.25 30.16
N LEU B 599 3.34 0.54 31.24
CA LEU B 599 3.80 1.96 31.25
C LEU B 599 5.32 2.04 31.08
N GLU B 600 6.09 1.11 31.66
CA GLU B 600 7.55 1.08 31.53
C GLU B 600 7.94 0.97 30.06
N VAL B 601 7.18 0.21 29.27
CA VAL B 601 7.44 0.02 27.81
C VAL B 601 7.31 1.39 27.13
N PHE B 602 6.31 2.18 27.53
CA PHE B 602 6.07 3.51 26.92
C PHE B 602 7.19 4.48 27.28
N ARG B 603 8.00 4.14 28.27
CA ARG B 603 9.15 5.01 28.66
C ARG B 603 10.33 4.71 27.75
N ARG B 604 10.68 3.43 27.57
CA ARG B 604 11.78 3.07 26.64
C ARG B 604 11.41 3.49 25.21
N PHE B 605 10.10 3.62 24.91
CA PHE B 605 9.65 4.03 23.56
C PHE B 605 9.95 5.52 23.35
N VAL B 606 9.64 6.37 24.33
CA VAL B 606 9.86 7.85 24.20
C VAL B 606 11.34 8.14 24.42
N TRP B 607 12.11 7.20 24.97
CA TRP B 607 13.56 7.36 25.23
C TRP B 607 14.35 6.83 24.03
N ASN B 608 13.70 6.11 23.13
CA ASN B 608 14.37 5.55 21.91
C ASN B 608 14.48 6.65 20.87
N PHE B 609 13.61 7.66 20.94
CA PHE B 609 13.65 8.81 20.00
C PHE B 609 14.87 9.68 20.31
N PHE B 610 14.90 10.36 21.45
CA PHE B 610 15.96 11.35 21.80
C PHE B 610 17.34 10.70 21.97
N ARG B 611 17.45 9.42 22.25
CA ARG B 611 18.76 8.79 22.33
C ARG B 611 19.39 8.63 20.96
N LEU B 612 18.65 8.06 20.01
CA LEU B 612 19.16 7.89 18.62
C LEU B 612 19.42 9.25 17.98
N GLU B 613 18.51 10.21 18.16
CA GLU B 613 18.66 11.57 17.61
C GLU B 613 20.01 12.16 18.03
N ASN B 614 20.33 12.08 19.33
CA ASN B 614 21.61 12.62 19.88
C ASN B 614 22.77 12.02 19.08
N GLU B 615 22.81 10.70 18.94
CA GLU B 615 23.91 10.00 18.20
C GLU B 615 23.99 10.54 16.77
N HIS B 616 22.85 10.81 16.14
CA HIS B 616 22.80 11.33 14.74
C HIS B 616 23.46 12.70 14.69
N LEU B 617 23.15 13.60 15.63
CA LEU B 617 23.67 14.99 15.62
C LEU B 617 25.19 14.97 15.75
N ASN B 618 25.78 13.83 16.11
CA ASN B 618 27.25 13.69 16.22
C ASN B 618 27.81 13.30 14.84
N ASN B 619 27.03 12.61 14.01
CA ASN B 619 27.44 12.19 12.65
C ASN B 619 27.20 13.34 11.67
N CYS B 620 26.28 14.24 12.00
CA CYS B 620 25.94 15.41 11.13
C CYS B 620 27.00 16.50 11.32
N GLY B 621 28.03 16.25 12.12
CA GLY B 621 29.12 17.22 12.38
C GLY B 621 30.39 16.80 11.67
N ALA B 622 30.65 15.49 11.55
CA ALA B 622 31.81 14.97 10.81
C ALA B 622 31.37 14.61 9.39
N ALA B 623 30.11 14.92 9.03
CA ALA B 623 29.54 14.60 7.70
C ALA B 623 29.88 13.15 7.37
N ARG B 624 29.35 12.19 8.13
CA ARG B 624 29.58 10.74 7.89
C ARG B 624 28.27 10.13 7.41
N ALA B 625 28.15 9.86 6.10
CA ALA B 625 26.90 9.33 5.50
C ALA B 625 27.10 7.86 5.12
N VAL B 626 28.31 7.32 5.32
CA VAL B 626 28.59 5.89 5.06
C VAL B 626 29.39 5.39 6.25
N ARG B 627 29.47 4.08 6.47
CA ARG B 627 30.25 3.58 7.57
C ARG B 627 31.70 3.42 7.17
N ASP B 628 32.58 3.38 8.16
CA ASP B 628 34.03 3.20 7.89
C ASP B 628 34.38 1.72 8.04
N ILE B 629 34.40 0.97 6.93
CA ILE B 629 34.71 -0.49 6.95
C ILE B 629 36.21 -0.66 6.79
N SER B 630 36.85 -1.44 7.67
CA SER B 630 38.31 -1.71 7.61
C SER B 630 38.54 -3.14 7.11
N VAL B 631 39.75 -3.45 6.63
CA VAL B 631 40.09 -4.80 6.11
C VAL B 631 41.01 -5.49 7.13
N ALA B 632 41.16 -6.82 7.05
CA ALA B 632 41.99 -7.61 7.98
C ALA B 632 43.37 -7.89 7.38
N PRO B 633 44.48 -7.61 8.09
CA PRO B 633 45.82 -7.95 7.60
C PRO B 633 46.15 -9.42 7.88
P PO4 C . -26.10 -6.43 -24.92
O1 PO4 C . -25.27 -6.31 -23.65
O2 PO4 C . -26.89 -7.74 -24.88
O3 PO4 C . -25.17 -6.43 -26.13
O4 PO4 C . -27.07 -5.26 -25.02
C1 IHP D . 21.19 -2.14 -17.20
C2 IHP D . 22.41 -3.06 -17.23
C3 IHP D . 22.04 -4.53 -17.15
C4 IHP D . 20.96 -4.88 -18.15
C5 IHP D . 19.73 -4.05 -17.82
C6 IHP D . 20.08 -2.61 -18.13
O11 IHP D . 21.60 -0.81 -17.64
P1 IHP D . 21.76 0.42 -16.62
O21 IHP D . 22.83 0.01 -15.63
O31 IHP D . 22.16 1.62 -17.44
O41 IHP D . 20.41 0.60 -15.96
O12 IHP D . 23.13 -2.84 -18.49
P2 IHP D . 24.53 -2.02 -18.50
O22 IHP D . 25.46 -2.73 -17.55
O32 IHP D . 25.03 -2.07 -19.94
O42 IHP D . 24.22 -0.60 -18.07
O13 IHP D . 23.23 -5.33 -17.44
P3 IHP D . 24.28 -5.76 -16.30
O23 IHP D . 24.74 -4.50 -15.60
O33 IHP D . 23.54 -6.69 -15.36
O43 IHP D . 25.42 -6.47 -17.00
O14 IHP D . 20.65 -6.30 -18.07
P4 IHP D . 21.05 -7.27 -19.29
O24 IHP D . 22.57 -7.31 -19.33
O34 IHP D . 20.45 -8.63 -18.99
O44 IHP D . 20.47 -6.65 -20.55
O15 IHP D . 18.58 -4.48 -18.63
P5 IHP D . 17.54 -5.61 -18.12
O25 IHP D . 17.33 -5.39 -16.63
O35 IHP D . 16.26 -5.41 -18.90
O45 IHP D . 18.16 -6.96 -18.39
O16 IHP D . 18.91 -1.76 -17.92
P6 IHP D . 18.03 -1.19 -19.14
O26 IHP D . 17.17 -2.34 -19.63
O36 IHP D . 17.20 -0.05 -18.60
O46 IHP D . 19.00 -0.73 -20.20
C1 CLR E . -7.45 -13.99 -14.73
C2 CLR E . -6.67 -12.68 -14.70
C3 CLR E . -6.60 -12.08 -16.09
C4 CLR E . -8.02 -11.70 -16.48
C5 CLR E . -8.87 -12.94 -16.40
C6 CLR E . -9.59 -13.23 -17.49
C7 CLR E . -10.47 -14.43 -17.61
C8 CLR E . -10.83 -14.94 -16.24
C9 CLR E . -9.60 -15.08 -15.38
C10 CLR E . -8.89 -13.77 -15.14
C11 CLR E . -9.95 -15.76 -14.05
C12 CLR E . -10.57 -17.14 -14.27
C13 CLR E . -11.81 -16.97 -15.12
C14 CLR E . -11.43 -16.32 -16.42
C15 CLR E . -12.67 -16.42 -17.28
C16 CLR E . -13.20 -17.81 -16.91
C17 CLR E . -12.49 -18.22 -15.63
C18 CLR E . -12.83 -16.16 -14.35
C19 CLR E . -9.56 -13.04 -14.00
C20 CLR E . -13.48 -18.83 -14.67
C21 CLR E . -12.79 -19.41 -13.45
C22 CLR E . -14.24 -19.91 -15.41
C23 CLR E . -14.49 -21.11 -14.52
C24 CLR E . -15.24 -22.16 -15.32
C25 CLR E . -15.79 -23.26 -14.43
C26 CLR E . -16.46 -24.35 -15.25
C27 CLR E . -14.68 -23.81 -13.56
O1 CLR E . -5.77 -10.93 -16.11
P 3PE F . -15.49 7.69 -11.71
N 3PE F . -16.74 11.64 -13.04
O11 3PE F . -14.74 6.28 -11.71
O12 3PE F . -16.95 7.46 -12.04
O13 3PE F . -14.79 8.47 -12.91
O14 3PE F . -15.14 8.41 -10.44
C11 3PE F . -15.48 9.58 -13.54
C12 3PE F . -16.14 10.42 -12.48
C1 3PE F . -15.40 5.13 -11.11
C2 3PE F . -16.45 4.56 -12.05
C3 3PE F . -16.31 3.07 -12.21
O31 3PE F . -17.29 2.59 -13.16
O32 3PE F . -16.57 0.52 -13.47
C31 3PE F . -17.46 1.28 -13.19
C32 3PE F . -18.85 0.90 -12.80
C33 3PE F . -19.32 1.63 -11.59
C34 3PE F . -20.67 1.17 -11.09
C35 3PE F . -20.62 -0.13 -10.31
C36 3PE F . -21.59 -0.19 -9.16
C37 3PE F . -22.93 0.44 -9.43
C38 3PE F . -23.91 0.26 -8.31
C39 3PE F . -24.44 -1.13 -8.18
C3A 3PE F . -25.65 -1.25 -7.30
C3B 3PE F . -26.86 -0.54 -7.83
C3C 3PE F . -27.97 -0.42 -6.83
C3D 3PE F . -28.44 -1.73 -6.26
C3E 3PE F . -29.08 -2.67 -7.25
C3F 3PE F . -30.57 -2.48 -7.41
C3G 3PE F . -30.98 -1.11 -7.90
C3H 3PE F . -31.24 -0.10 -6.81
C3I 3PE F . -31.28 1.32 -7.31
O21 3PE F . -17.77 4.91 -11.55
O22 3PE F . -17.50 3.74 -9.66
C21 3PE F . -18.20 4.37 -10.39
C22 3PE F . -19.66 4.63 -10.13
C23 3PE F . -20.16 3.95 -8.90
C24 3PE F . -19.76 4.67 -7.63
C25 3PE F . -19.02 3.81 -6.64
C26 3PE F . -19.75 2.56 -6.23
C27 3PE F . -21.10 2.78 -5.62
C28 3PE F . -21.47 1.77 -4.57
C29 3PE F . -22.87 1.92 -4.01
C2A 3PE F . -23.95 1.47 -4.95
C2B 3PE F . -25.32 1.45 -4.34
C2C 3PE F . -25.56 0.33 -3.36
C2D 3PE F . -26.83 0.44 -2.57
C2E 3PE F . -28.07 0.41 -3.41
C2F 3PE F . -29.34 0.69 -2.65
C2G 3PE F . -29.62 -0.28 -1.52
C2H 3PE F . -29.76 -1.70 -1.97
C2I 3PE F . -29.93 -2.68 -0.83
P 3PE G . -27.41 -13.12 26.86
N 3PE G . -30.91 -9.71 25.69
O11 3PE G . -26.18 -13.63 25.95
O12 3PE G . -28.53 -14.12 26.71
O13 3PE G . -27.86 -11.77 26.11
O14 3PE G . -26.90 -12.76 28.22
C11 3PE G . -29.06 -11.09 26.54
C12 3PE G . -29.53 -10.14 25.47
C1 3PE G . -24.90 -12.97 26.07
C2 3PE G . -24.14 -13.13 24.78
C3 3PE G . -23.99 -14.57 24.35
O31 3PE G . -23.12 -15.24 25.29
O32 3PE G . -21.50 -16.47 24.40
C31 3PE G . -21.87 -15.44 24.90
C32 3PE G . -21.01 -14.24 25.17
C33 3PE G . -19.63 -14.35 24.61
C34 3PE G . -19.62 -14.55 23.10
C35 3PE G . -20.53 -13.62 22.34
C36 3PE G . -20.56 -13.87 20.86
C37 3PE G . -21.15 -12.74 20.05
C38 3PE G . -20.44 -11.42 20.25
C39 3PE G . -20.35 -10.58 19.01
C3A 3PE G . -19.95 -9.15 19.28
C3B 3PE G . -19.68 -8.33 18.05
C3C 3PE G . -19.48 -6.88 18.32
C3D 3PE G . -19.12 -6.06 17.11
C3E 3PE G . -17.81 -6.46 16.48
C3F 3PE G . -17.25 -5.41 15.54
C3G 3PE G . -15.91 -5.77 14.95
C3H 3PE G . -15.16 -4.60 14.38
C3I 3PE G . -16.02 -3.73 13.50
O21 3PE G . -24.86 -12.42 23.72
O22 3PE G . -25.40 -10.36 24.41
C21 3PE G . -24.76 -11.08 23.70
C22 3PE G . -23.75 -10.62 22.68
C23 3PE G . -24.34 -9.74 21.63
C24 3PE G . -23.35 -9.37 20.55
C25 3PE G . -23.95 -8.57 19.43
C26 3PE G . -22.98 -8.24 18.32
C27 3PE G . -23.63 -7.83 17.02
C28 3PE G . -24.00 -6.37 16.95
C29 3PE G . -24.77 -5.86 18.13
C2A 3PE G . -25.30 -4.45 17.98
C2B 3PE G . -26.12 -4.23 16.75
C2C 3PE G . -25.33 -3.83 15.53
C2D 3PE G . -26.00 -4.17 14.23
C2E 3PE G . -27.16 -3.27 13.89
C2F 3PE G . -27.80 -3.58 12.56
C2G 3PE G . -28.52 -2.44 11.92
C2H 3PE G . -28.44 -2.45 10.41
C2I 3PE G . -27.04 -2.25 9.88
CAA Y01 H . -36.42 -20.85 -31.09
CBA Y01 H . -35.39 -20.44 -32.11
CAB Y01 H . -34.41 -21.58 -32.35
CAN Y01 H . -34.66 -19.18 -31.67
CAJ Y01 H . -33.70 -18.60 -32.67
CAO Y01 H . -32.89 -17.46 -32.13
CBB Y01 H . -31.48 -17.83 -31.63
CAC Y01 H . -31.52 -19.15 -30.85
CBE Y01 H . -30.45 -17.84 -32.76
CAP Y01 H . -30.98 -18.46 -34.08
CAQ Y01 H . -30.00 -18.01 -35.18
CBG Y01 H . -29.04 -17.03 -34.49
CBI Y01 H . -29.81 -16.51 -33.27
CAE Y01 H . -30.91 -15.50 -33.66
CAU Y01 H . -28.76 -15.85 -32.36
CAS Y01 H . -28.01 -14.74 -33.09
CBF Y01 H . -27.40 -15.16 -34.44
CBD Y01 H . -28.40 -15.94 -35.32
CAK Y01 H . -27.68 -16.54 -36.53
CAI Y01 H . -26.73 -15.56 -37.15
CAZ Y01 H . -26.44 -14.37 -36.64
CAV Y01 H . -25.69 -13.34 -37.46
CBH Y01 H . -26.77 -13.96 -35.21
CAD Y01 H . -27.71 -12.75 -35.27
CAT Y01 H . -25.43 -13.56 -34.57
CAR Y01 H . -24.66 -12.50 -35.36
CBC Y01 H . -24.41 -12.94 -36.79
OAW Y01 H . -23.88 -11.82 -37.56
CAY Y01 H . -22.74 -11.27 -37.17
OAG Y01 H . -21.73 -11.87 -36.96
CAM Y01 H . -22.87 -9.78 -37.02
CAL Y01 H . -21.60 -9.10 -36.54
CAX Y01 H . -21.72 -7.59 -36.36
OAH Y01 H . -20.71 -6.97 -35.98
OAF Y01 H . -22.80 -7.05 -36.61
C1 PLM I . -5.27 -12.34 -10.57
O1 PLM I . -4.40 -11.78 -9.87
O2 PLM I . -5.07 -12.71 -11.75
C2 PLM I . -6.64 -12.58 -9.96
C3 PLM I . -7.59 -13.33 -10.83
C4 PLM I . -8.80 -13.84 -10.08
C5 PLM I . -9.40 -15.08 -10.69
C6 PLM I . -10.42 -15.75 -9.82
C7 PLM I . -11.64 -14.92 -9.55
C8 PLM I . -12.68 -15.63 -8.72
C9 PLM I . -13.97 -14.87 -8.58
CA PLM I . -15.03 -15.64 -7.86
CB PLM I . -14.69 -15.99 -6.43
CC PLM I . -15.86 -16.51 -5.62
CD PLM I . -17.03 -15.58 -5.58
CE PLM I . -18.11 -15.88 -6.57
CF PLM I . -19.04 -16.99 -6.16
CG PLM I . -20.07 -17.33 -7.21
CAI 1T9 J . -13.68 -7.14 1.28
CAJ 1T9 J . -12.23 -7.14 0.86
CAK 1T9 J . -12.04 -7.28 -0.63
CAL 1T9 J . -10.61 -7.51 -1.04
CAM 1T9 J . -10.09 -8.89 -0.73
CAN 1T9 J . -8.65 -9.11 -1.10
CAO 1T9 J . -8.31 -8.72 -2.52
CAP 1T9 J . -7.90 -7.28 -2.71
CAQ 1T9 J . -6.66 -6.90 -1.96
CAE 1T9 J . -5.46 -7.70 -2.35
CAD 1T9 J . -4.33 -7.22 -2.78
CAC 1T9 J . -4.13 -5.87 -3.38
OAR 1T9 J . -3.28 -5.10 -2.55
CAB 1T9 J . -3.53 -5.98 -4.80
CAA 1T9 J . -2.97 -4.66 -5.30
OBB 1T9 J . -2.31 -4.82 -6.58
PAX 1T9 J . -0.81 -5.39 -6.61
OAY 1T9 J . -0.38 -5.34 -8.06
OAZ 1T9 J . -0.01 -4.46 -5.72
OBA 1T9 J . -0.89 -6.80 -6.08
NAW 1T9 J . -4.52 -6.46 -5.75
CAU 1T9 J . -4.37 -7.53 -6.52
OAV 1T9 J . -3.33 -8.19 -6.53
CAT 1T9 J . -5.53 -7.87 -7.43
CBC 1T9 J . -6.81 -8.12 -6.69
CBD 1T9 J . -6.80 -9.39 -5.86
CBE 1T9 J . -8.11 -10.13 -5.92
CBF 1T9 J . -8.17 -11.35 -5.06
CBG 1T9 J . -9.35 -12.20 -5.41
CBH 1T9 J . -9.89 -13.01 -4.25
C1 1T9 J . -14.35 -8.48 1.15
C2 1T9 J . -15.83 -8.42 0.89
C3 1T9 J . -16.41 -9.75 0.53
C4 1T9 J . -17.84 -9.66 0.06
P PO4 K . 22.83 4.00 28.55
O1 PO4 K . 22.13 3.64 27.25
O2 PO4 K . 21.84 3.89 29.71
O3 PO4 K . 23.36 5.43 28.46
O4 PO4 K . 23.99 3.04 28.78
C1 IHP L . 5.61 23.93 -12.07
C2 IHP L . 4.75 25.14 -12.43
C3 IHP L . 3.96 25.66 -11.24
C4 IHP L . 4.86 25.85 -10.03
C5 IHP L . 5.44 24.51 -9.66
C6 IHP L . 6.39 24.12 -10.78
O11 IHP L . 6.59 23.72 -13.14
P1 IHP L . 6.45 22.52 -14.19
O21 IHP L . 5.15 22.73 -14.92
O31 IHP L . 7.66 22.61 -15.11
O41 IHP L . 6.45 21.23 -13.37
O12 IHP L . 5.63 26.21 -12.92
P2 IHP L . 5.69 26.58 -14.48
O22 IHP L . 4.29 26.90 -14.91
O32 IHP L . 6.62 27.78 -14.58
O42 IHP L . 6.26 25.37 -15.21
O13 IHP L . 3.37 26.96 -11.61
P3 IHP L . 1.94 27.09 -12.34
O23 IHP L . 2.00 26.22 -13.59
O33 IHP L . 0.91 26.57 -11.34
O43 IHP L . 1.74 28.55 -12.65
O14 IHP L . 4.07 26.40 -8.92
P4 IHP L . 4.33 27.90 -8.43
O24 IHP L . 3.90 28.82 -9.55
O34 IHP L . 3.51 28.11 -7.17
O44 IHP L . 5.83 28.02 -8.16
O15 IHP L . 6.15 24.58 -8.38
P5 IHP L . 5.42 24.28 -6.97
O25 IHP L . 4.47 23.12 -7.18
O35 IHP L . 6.53 23.93 -5.98
O45 IHP L . 4.69 25.54 -6.55
O16 IHP L . 7.06 22.87 -10.45
P6 IHP L . 8.58 22.82 -9.92
O26 IHP L . 8.55 23.25 -8.46
O36 IHP L . 9.06 21.39 -10.08
O46 IHP L . 9.37 23.78 -10.77
C1 CLR M . 5.47 12.42 16.81
C2 CLR M . 5.97 12.13 15.40
C3 CLR M . 7.35 12.72 15.21
C4 CLR M . 8.29 11.94 16.11
C5 CLR M . 7.78 12.07 17.52
C6 CLR M . 8.66 12.49 18.44
C7 CLR M . 8.33 12.72 19.87
C8 CLR M . 7.10 11.94 20.24
C9 CLR M . 5.99 12.17 19.25
C10 CLR M . 6.35 11.73 17.84
C11 CLR M . 4.70 11.53 19.72
C12 CLR M . 4.26 12.05 21.09
C13 CLR M . 5.38 11.77 22.07
C14 CLR M . 6.63 12.44 21.58
C15 CLR M . 7.60 12.33 22.75
C16 CLR M . 6.69 12.54 23.95
C17 CLR M . 5.26 12.37 23.46
C18 CLR M . 5.55 10.28 22.22
C19 CLR M . 6.09 10.24 17.72
C20 CLR M . 4.47 11.54 24.42
C21 CLR M . 3.00 11.48 24.06
C22 CLR M . 4.65 12.15 25.80
C23 CLR M . 3.36 12.10 26.59
C24 CLR M . 3.60 12.73 27.96
C25 CLR M . 2.45 12.45 28.91
C26 CLR M . 2.65 13.17 30.24
C27 CLR M . 1.14 12.84 28.26
O1 CLR M . 7.79 12.58 13.85
P 3PE N . 17.88 -5.72 8.99
N 3PE N . 21.51 -7.72 7.70
O11 3PE N . 16.86 -4.52 9.29
O12 3PE N . 18.44 -6.21 10.30
O13 3PE N . 19.03 -5.00 8.15
O14 3PE N . 17.21 -6.68 8.05
C11 3PE N . 20.36 -5.59 8.10
C12 3PE N . 20.23 -7.08 7.91
C1 3PE N . 15.94 -4.65 10.41
C2 3PE N . 16.64 -4.37 11.72
C3 3PE N . 15.88 -3.39 12.57
O31 3PE N . 16.63 -3.10 13.78
O32 3PE N . 15.47 -1.38 14.56
C31 3PE N . 15.95 -2.47 14.73
C32 3PE N . 15.86 -3.31 15.96
C33 3PE N . 15.48 -4.71 15.67
C34 3PE N . 15.22 -5.55 16.91
C35 3PE N . 13.89 -5.30 17.53
C36 3PE N . 13.24 -6.54 18.13
C37 3PE N . 14.20 -7.47 18.80
C38 3PE N . 13.55 -8.63 19.48
C39 3PE N . 12.80 -8.26 20.74
C3A 3PE N . 12.43 -9.45 21.59
C3B 3PE N . 13.60 -10.19 22.16
C3C 3PE N . 13.24 -11.50 22.77
C3D 3PE N . 12.19 -11.42 23.85
C3E 3PE N . 12.60 -10.67 25.09
C3F 3PE N . 13.28 -11.52 26.14
C3G 3PE N . 14.55 -12.18 25.68
C3H 3PE N . 14.36 -13.56 25.08
C3I 3PE N . 15.57 -14.03 24.32
O21 3PE N . 16.86 -5.63 12.43
O22 3PE N . 14.66 -6.01 12.64
C21 3PE N . 15.80 -6.30 12.91
C22 3PE N . 16.16 -7.42 13.82
C23 3PE N . 14.99 -8.10 14.41
C24 3PE N . 14.30 -9.05 13.46
C25 3PE N . 12.83 -8.78 13.26
C26 3PE N . 12.02 -8.78 14.53
C27 3PE N . 12.08 -10.06 15.33
C28 3PE N . 10.81 -10.38 16.06
C29 3PE N . 10.89 -11.59 16.94
C2A 3PE N . 11.67 -11.39 18.21
C2B 3PE N . 11.60 -12.54 19.18
C2C 3PE N . 10.27 -12.68 19.88
C2D 3PE N . 10.11 -13.96 20.66
C2E 3PE N . 11.11 -14.13 21.77
C2F 3PE N . 11.06 -15.47 22.44
C2G 3PE N . 9.73 -15.81 23.07
C2H 3PE N . 9.30 -14.85 24.14
C2I 3PE N . 7.92 -15.13 24.68
P 3PE O . -19.87 -25.33 24.68
N 3PE O . -16.30 -28.72 25.48
O11 3PE O . -19.74 -23.78 24.29
O12 3PE O . -20.00 -25.43 26.18
O13 3PE O . -18.44 -25.93 24.29
O14 3PE O . -20.91 -25.96 23.80
C11 3PE O . -18.13 -27.31 24.67
C12 3PE O . -16.65 -27.50 24.74
C1 3PE O . -20.09 -23.36 22.94
C2 3PE O . -19.40 -22.05 22.65
C3 3PE O . -19.87 -20.90 23.52
O31 3PE O . -21.22 -20.55 23.13
O32 3PE O . -21.57 -18.39 22.71
C31 3PE O . -21.35 -19.51 22.32
C32 3PE O . -21.22 -19.91 20.88
C33 3PE O . -21.24 -18.77 19.92
C34 3PE O . -20.14 -17.76 20.18
C35 3PE O . -18.77 -18.35 20.42
C36 3PE O . -17.76 -17.35 20.91
C37 3PE O . -16.34 -17.75 20.70
C38 3PE O . -16.02 -18.10 19.28
C39 3PE O . -14.64 -17.70 18.84
C3A 3PE O . -14.17 -18.42 17.61
C3B 3PE O . -12.83 -17.97 17.13
C3C 3PE O . -12.23 -18.88 16.09
C3D 3PE O . -10.97 -18.36 15.48
C3E 3PE O . -11.11 -17.04 14.79
C3F 3PE O . -9.95 -16.70 13.91
C3G 3PE O . -10.08 -15.38 13.19
C3H 3PE O . -9.19 -15.28 11.99
C3I 3PE O . -7.77 -15.72 12.27
O21 3PE O . -17.97 -22.24 22.85
O22 3PE O . -17.32 -24.12 21.84
C21 3PE O . -17.30 -22.91 21.91
C22 3PE O . -16.54 -22.01 20.98
C23 3PE O . -15.06 -22.22 21.03
C24 3PE O . -14.31 -21.15 20.25
C25 3PE O . -12.80 -21.26 20.37
C26 3PE O . -12.06 -20.23 19.58
C27 3PE O . -10.65 -20.00 20.05
C28 3PE O . -9.62 -20.93 19.45
C29 3PE O . -9.96 -22.38 19.57
C2A 3PE O . -8.87 -23.32 19.09
C2B 3PE O . -7.53 -23.10 19.74
C2C 3PE O . -6.67 -22.08 19.05
C2D 3PE O . -5.66 -21.43 19.94
C2E 3PE O . -4.53 -22.35 20.34
C2F 3PE O . -3.54 -21.70 21.28
C2G 3PE O . -2.17 -22.34 21.26
C2H 3PE O . -1.05 -21.36 21.46
C2I 3PE O . -0.95 -20.35 20.34
CAA Y01 P . 21.81 10.07 45.60
CBA Y01 P . 22.58 11.04 44.72
CAB Y01 P . 21.65 12.09 44.16
CAN Y01 P . 23.31 10.30 43.61
CAJ Y01 P . 24.25 11.13 42.77
CAO Y01 P . 24.38 10.65 41.35
CBB Y01 P . 23.41 11.26 40.34
CAC Y01 P . 22.01 11.40 40.96
CBE Y01 P . 23.94 12.58 39.76
CAP Y01 P . 24.70 13.46 40.80
CAQ Y01 P . 25.56 14.45 39.98
CBG Y01 P . 25.31 14.05 38.52
CBI Y01 P . 24.93 12.56 38.56
CAE Y01 P . 26.14 11.66 38.87
CAU Y01 P . 24.35 12.23 37.19
CAS Y01 P . 25.34 12.56 36.05
CBF Y01 P . 25.88 14.00 36.09
CBD Y01 P . 26.38 14.40 37.49
CAK Y01 P . 26.70 15.88 37.54
CAI Y01 P . 27.39 16.35 36.31
CAZ Y01 P . 27.63 15.61 35.24
CAV Y01 P . 28.56 16.08 34.14
CBH Y01 P . 26.95 14.27 35.00
CAD Y01 P . 28.03 13.18 34.96
CAT Y01 P . 26.26 14.36 33.61
CAR Y01 P . 27.20 14.80 32.49
CBC Y01 P . 27.86 16.12 32.80
OAW Y01 P . 28.89 16.41 31.81
CAY Y01 P . 28.64 16.15 30.54
OAG Y01 P . 27.86 16.77 29.87
CAM Y01 P . 29.46 15.01 30.02
CAL Y01 P . 29.24 14.68 28.57
CAX Y01 P . 30.18 13.60 28.02
OAH Y01 P . 30.06 13.28 26.82
OAF Y01 P . 31.02 13.10 28.79
C1 PLM Q . 2.58 10.20 13.43
O1 PLM Q . 2.10 9.95 12.30
O2 PLM Q . 3.21 11.23 13.70
C2 PLM Q . 2.38 9.16 14.52
C3 PLM Q . 2.91 9.57 15.86
C4 PLM Q . 2.40 8.69 16.98
C5 PLM Q . 2.34 9.37 18.32
C6 PLM Q . 1.59 8.61 19.37
C7 PLM Q . 2.22 7.31 19.75
C8 PLM Q . 1.49 6.59 20.84
C9 PLM Q . 2.19 5.36 21.34
CA PLM Q . 1.52 4.71 22.51
CB PLM Q . 0.13 4.22 22.23
CC PLM Q . -0.45 3.33 23.30
CD PLM Q . 0.40 2.12 23.62
CE PLM Q . 1.31 2.29 24.81
CF PLM Q . 0.64 2.10 26.14
CG PLM Q . 1.55 2.34 27.31
CAI 1T9 R . -1.05 -4.76 14.68
CAJ 1T9 R . -1.16 -3.67 13.65
CAK 1T9 R . -0.15 -2.56 13.82
CAL 1T9 R . -0.39 -1.36 12.94
CAM 1T9 R . -1.57 -0.52 13.35
CAN 1T9 R . -1.84 0.66 12.45
CAO 1T9 R . -0.64 1.52 12.18
CAP 1T9 R . 0.21 1.10 10.99
CAQ 1T9 R . -0.51 1.13 9.68
CAE 1T9 R . -1.02 2.49 9.33
CAD 1T9 R . -0.76 3.15 8.25
CAC 1T9 R . 0.41 2.91 7.35
OAR 1T9 R . -0.04 2.47 6.08
CAB 1T9 R . 1.26 4.18 7.19
CAA 1T9 R . 2.23 4.10 6.02
OBB 1T9 R . 2.92 5.36 5.84
PAX 1T9 R . 2.17 6.54 5.04
OAY 1T9 R . 3.18 7.67 4.92
OAZ 1T9 R . 1.79 5.96 3.70
OBA 1T9 R . 0.98 6.92 5.89
NAW 1T9 R . 2.01 4.47 8.40
CAU 1T9 R . 1.94 5.62 9.08
OAV 1T9 R . 1.28 6.57 8.70
CAT 1T9 R . 2.79 5.70 10.34
CBC 1T9 R . 2.47 4.64 11.34
CBD 1T9 R . 1.10 4.81 11.99
CBE 1T9 R . 1.12 4.51 13.46
CBF 1T9 R . -0.22 4.60 14.13
CBG 1T9 R . -0.09 4.59 15.62
CBH 1T9 R . -1.28 3.99 16.33
C1 1T9 R . -1.52 -4.33 16.05
C2 1T9 R . -0.85 -5.05 17.18
C3 1T9 R . -1.15 -4.45 18.52
C4 1T9 R . -0.32 -5.02 19.62
#